data_8BID
#
_entry.id   8BID
#
_cell.length_a   63.400
_cell.length_b   77.670
_cell.length_c   167.330
_cell.angle_alpha   90.000
_cell.angle_beta   95.490
_cell.angle_gamma   90.000
#
_symmetry.space_group_name_H-M   'P 1 21 1'
#
loop_
_entity.id
_entity.type
_entity.pdbx_description
1 polymer 'methyltransferase Plu4890 H229N mutant'
2 non-polymer S-ADENOSYL-L-HOMOCYSTEINE
3 non-polymer 1-methoxy-3,8-bis(oxidanyl)anthracene-9,10-dione
4 non-polymer 'SODIUM ION'
5 non-polymer 'CHLORIDE ION'
6 non-polymer GLYCEROL
7 water water
#
_entity_poly.entity_id   1
_entity_poly.type   'polypeptide(L)'
_entity_poly.pdbx_seq_one_letter_code
;SMLTELIASNRRSAAIHAFVDTGLSTHFKDGIYVDISELSRKSGVNYARFSRLCDFLVEMGVLVSNDNKFRLSDECHVFA
NPESFESFMIKLEICSHYSNAWLMYGKSLFEDDGKSAFEMAHGRPFFEYLDGNKFLKSNFDALMTRVSNLIVEKLLGIYD
FNQHNRILDVGGGEGELLVRISEKVKGKHYAVLDRYSELPVSDNIDFINGNFLNSIPSGYDLYILKNVLNNWSDSDSILI
LENFRKAMDKNSSLLLINMVKEPEFSRSFDILMDVLFLGKERSFTEFEYLANQAGLVVQETKVIDQSYSPYSFIKLQIK
;
_entity_poly.pdbx_strand_id   A,B,C,D
#
# COMPACT_ATOMS: atom_id res chain seq x y z
N MET A 2 8.74 53.55 27.35
CA MET A 2 8.54 52.80 26.07
C MET A 2 7.04 52.59 25.82
N LEU A 3 6.23 52.34 26.87
CA LEU A 3 4.79 51.99 26.71
C LEU A 3 4.02 53.12 26.03
N THR A 4 4.29 54.38 26.35
CA THR A 4 3.58 55.54 25.74
C THR A 4 3.88 55.58 24.24
N GLU A 5 5.11 55.28 23.81
CA GLU A 5 5.46 55.31 22.36
C GLU A 5 4.85 54.08 21.65
N LEU A 6 4.60 52.98 22.37
CA LEU A 6 3.86 51.81 21.81
C LEU A 6 2.39 52.21 21.60
N ILE A 7 1.78 52.88 22.58
CA ILE A 7 0.38 53.42 22.48
C ILE A 7 0.33 54.32 21.23
N ALA A 8 1.40 55.09 21.01
CA ALA A 8 1.54 56.07 19.92
C ALA A 8 2.14 55.44 18.66
N SER A 9 2.08 54.11 18.49
CA SER A 9 2.54 53.38 17.27
C SER A 9 1.90 53.98 16.00
N ASN A 10 0.60 54.28 16.03
CA ASN A 10 -0.15 54.92 14.91
C ASN A 10 0.65 56.08 14.29
N ARG A 11 1.41 56.84 15.09
CA ARG A 11 2.08 58.10 14.64
C ARG A 11 3.13 57.76 13.58
N ARG A 12 3.74 56.58 13.65
CA ARG A 12 4.75 56.10 12.67
C ARG A 12 4.07 55.90 11.32
N SER A 13 2.93 55.19 11.31
CA SER A 13 2.12 54.92 10.10
C SER A 13 1.68 56.25 9.47
N ALA A 14 1.23 57.20 10.29
CA ALA A 14 0.67 58.51 9.86
C ALA A 14 1.77 59.36 9.21
N ALA A 15 2.97 59.35 9.79
CA ALA A 15 4.16 60.11 9.29
C ALA A 15 4.56 59.61 7.91
N ILE A 16 4.65 58.29 7.75
CA ILE A 16 4.98 57.63 6.45
C ILE A 16 3.91 58.02 5.42
N HIS A 17 2.63 57.99 5.81
CA HIS A 17 1.48 58.34 4.95
C HIS A 17 1.66 59.78 4.43
N ALA A 18 1.95 60.73 5.30
CA ALA A 18 2.12 62.16 4.92
C ALA A 18 3.25 62.29 3.89
N PHE A 19 4.32 61.52 4.07
CA PHE A 19 5.56 61.57 3.25
C PHE A 19 5.28 60.97 1.86
N VAL A 20 4.55 59.85 1.82
CA VAL A 20 4.34 59.02 0.60
C VAL A 20 3.10 59.50 -0.16
N ASP A 21 1.96 59.67 0.51
CA ASP A 21 0.63 59.92 -0.12
C ASP A 21 0.63 61.28 -0.82
N THR A 22 1.42 62.24 -0.33
CA THR A 22 1.60 63.58 -0.95
C THR A 22 2.49 63.47 -2.20
N GLY A 23 3.29 62.41 -2.31
CA GLY A 23 4.28 62.21 -3.38
C GLY A 23 5.62 62.88 -3.10
N LEU A 24 5.81 63.44 -1.88
CA LEU A 24 7.10 64.07 -1.47
C LEU A 24 8.24 63.05 -1.59
N SER A 25 7.96 61.79 -1.24
CA SER A 25 8.93 60.68 -1.28
C SER A 25 9.42 60.40 -2.72
N THR A 26 8.67 60.81 -3.75
CA THR A 26 9.02 60.55 -5.17
C THR A 26 10.19 61.45 -5.60
N HIS A 27 10.61 62.40 -4.76
CA HIS A 27 11.77 63.30 -5.03
C HIS A 27 13.09 62.64 -4.58
N PHE A 28 13.03 61.42 -4.02
CA PHE A 28 14.17 60.72 -3.35
C PHE A 28 14.56 59.47 -4.15
N LYS A 29 14.37 59.49 -5.47
CA LYS A 29 14.68 58.34 -6.38
C LYS A 29 16.19 58.04 -6.36
N ASP A 30 16.55 56.77 -6.52
CA ASP A 30 17.93 56.27 -6.81
C ASP A 30 18.92 56.72 -5.73
N GLY A 31 18.49 56.72 -4.47
CA GLY A 31 19.35 56.95 -3.29
C GLY A 31 19.95 58.35 -3.24
N ILE A 32 19.41 59.31 -3.99
CA ILE A 32 19.94 60.71 -4.02
C ILE A 32 19.72 61.36 -2.64
N TYR A 33 20.65 62.23 -2.23
CA TYR A 33 20.55 63.12 -1.04
C TYR A 33 19.81 64.40 -1.48
N VAL A 34 18.78 64.78 -0.71
CA VAL A 34 17.83 65.89 -1.05
C VAL A 34 18.04 67.06 -0.09
N ASP A 35 18.25 68.25 -0.64
CA ASP A 35 18.28 69.53 0.13
C ASP A 35 16.82 69.95 0.37
N ILE A 36 16.34 69.84 1.61
CA ILE A 36 14.93 70.10 2.02
C ILE A 36 14.60 71.57 1.75
N SER A 37 15.57 72.46 1.91
CA SER A 37 15.44 73.90 1.58
C SER A 37 15.02 74.06 0.11
N GLU A 38 15.70 73.36 -0.80
CA GLU A 38 15.42 73.41 -2.26
C GLU A 38 14.11 72.67 -2.56
N LEU A 39 13.84 71.54 -1.88
CA LEU A 39 12.58 70.79 -2.09
C LEU A 39 11.38 71.68 -1.74
N SER A 40 11.49 72.45 -0.66
N SER A 40 11.49 72.45 -0.65
CA SER A 40 10.44 73.38 -0.16
CA SER A 40 10.43 73.38 -0.16
C SER A 40 10.14 74.48 -1.20
C SER A 40 10.14 74.45 -1.23
N ARG A 41 11.18 75.12 -1.74
CA ARG A 41 11.06 76.18 -2.78
C ARG A 41 10.38 75.60 -4.04
N LYS A 42 10.74 74.37 -4.42
CA LYS A 42 10.28 73.69 -5.66
C LYS A 42 8.81 73.26 -5.53
N SER A 43 8.47 72.58 -4.43
CA SER A 43 7.15 71.90 -4.23
C SER A 43 6.18 72.78 -3.44
N GLY A 44 6.67 73.77 -2.71
CA GLY A 44 5.84 74.68 -1.88
C GLY A 44 5.44 74.05 -0.56
N VAL A 45 6.17 73.01 -0.12
CA VAL A 45 6.04 72.42 1.25
C VAL A 45 6.73 73.37 2.22
N ASN A 46 6.17 73.51 3.43
CA ASN A 46 6.73 74.34 4.52
C ASN A 46 8.07 73.71 4.97
N TYR A 47 9.16 74.48 4.89
CA TYR A 47 10.55 74.03 5.16
C TYR A 47 10.67 73.54 6.61
N ALA A 48 10.33 74.40 7.57
CA ALA A 48 10.53 74.16 9.03
C ALA A 48 9.68 72.97 9.48
N ARG A 49 8.43 72.86 9.03
CA ARG A 49 7.50 71.78 9.48
C ARG A 49 7.86 70.47 8.78
N PHE A 50 8.23 70.50 7.50
CA PHE A 50 8.68 69.29 6.79
C PHE A 50 10.06 68.84 7.31
N SER A 51 10.92 69.78 7.74
CA SER A 51 12.23 69.44 8.37
C SER A 51 11.97 68.60 9.64
N ARG A 52 10.93 68.95 10.39
CA ARG A 52 10.57 68.23 11.64
C ARG A 52 10.08 66.82 11.32
N LEU A 53 9.28 66.65 10.27
CA LEU A 53 8.81 65.31 9.82
C LEU A 53 10.02 64.48 9.39
N CYS A 54 10.96 65.06 8.63
CA CYS A 54 12.19 64.37 8.17
C CYS A 54 12.96 63.82 9.39
N ASP A 55 13.10 64.60 10.47
CA ASP A 55 13.79 64.18 11.73
C ASP A 55 13.12 62.92 12.29
N PHE A 56 11.79 62.86 12.32
CA PHE A 56 11.01 61.69 12.82
C PHE A 56 11.22 60.50 11.86
N LEU A 57 11.34 60.77 10.56
CA LEU A 57 11.59 59.70 9.55
C LEU A 57 13.00 59.15 9.72
N VAL A 58 13.97 59.98 10.10
CA VAL A 58 15.36 59.51 10.42
C VAL A 58 15.27 58.60 11.65
N GLU A 59 14.62 59.03 12.72
CA GLU A 59 14.39 58.21 13.94
C GLU A 59 13.81 56.84 13.55
N MET A 60 12.83 56.81 12.65
CA MET A 60 12.16 55.56 12.17
C MET A 60 13.08 54.73 11.27
N GLY A 61 14.16 55.32 10.74
CA GLY A 61 15.10 54.66 9.80
C GLY A 61 14.59 54.69 8.36
N VAL A 62 13.62 55.55 8.04
CA VAL A 62 13.08 55.71 6.67
C VAL A 62 14.05 56.63 5.89
N LEU A 63 14.55 57.69 6.55
CA LEU A 63 15.54 58.62 5.94
C LEU A 63 16.89 58.48 6.66
N VAL A 64 17.97 58.84 5.96
CA VAL A 64 19.36 58.89 6.49
C VAL A 64 19.83 60.33 6.32
N SER A 65 20.44 60.91 7.36
CA SER A 65 20.88 62.33 7.42
C SER A 65 22.41 62.44 7.22
N ASN A 66 22.85 63.26 6.28
CA ASN A 66 24.29 63.53 5.99
C ASN A 66 24.43 64.78 5.12
N ASP A 67 25.49 65.56 5.33
CA ASP A 67 25.83 66.79 4.56
C ASP A 67 24.62 67.75 4.52
N ASN A 68 23.88 67.85 5.63
CA ASN A 68 22.68 68.72 5.76
C ASN A 68 21.65 68.38 4.67
N LYS A 69 21.56 67.10 4.29
CA LYS A 69 20.57 66.58 3.32
C LYS A 69 19.98 65.27 3.87
N PHE A 70 19.02 64.69 3.14
CA PHE A 70 18.35 63.40 3.50
C PHE A 70 18.21 62.54 2.26
N ARG A 71 18.50 61.25 2.39
CA ARG A 71 18.20 60.20 1.38
C ARG A 71 17.28 59.16 2.03
N LEU A 72 16.48 58.47 1.22
CA LEU A 72 15.75 57.23 1.62
C LEU A 72 16.79 56.17 1.96
N SER A 73 16.57 55.40 3.03
CA SER A 73 17.42 54.23 3.38
C SER A 73 17.35 53.21 2.22
N ASP A 74 18.29 52.29 2.16
CA ASP A 74 18.34 51.19 1.15
C ASP A 74 16.98 50.48 1.10
N GLU A 75 16.47 50.05 2.26
CA GLU A 75 15.22 49.24 2.35
C GLU A 75 14.02 50.06 1.87
N CYS A 76 14.05 51.39 2.06
CA CYS A 76 12.89 52.30 1.82
C CYS A 76 12.95 52.95 0.43
N HIS A 77 13.80 52.45 -0.47
CA HIS A 77 13.87 52.90 -1.90
C HIS A 77 12.49 52.81 -2.54
N VAL A 78 11.67 51.85 -2.12
CA VAL A 78 10.31 51.55 -2.66
C VAL A 78 9.39 52.78 -2.55
N PHE A 79 9.56 53.62 -1.53
CA PHE A 79 8.72 54.82 -1.29
C PHE A 79 8.93 55.89 -2.38
N ALA A 80 10.05 55.86 -3.12
CA ALA A 80 10.32 56.77 -4.25
C ALA A 80 9.49 56.36 -5.48
N ASN A 81 8.89 55.16 -5.46
CA ASN A 81 8.15 54.57 -6.61
C ASN A 81 6.67 54.46 -6.24
N PRO A 82 5.80 55.29 -6.85
CA PRO A 82 4.36 55.28 -6.51
C PRO A 82 3.66 54.01 -7.00
N GLU A 83 4.33 53.21 -7.84
CA GLU A 83 3.82 51.92 -8.37
C GLU A 83 4.19 50.75 -7.43
N SER A 84 4.97 51.01 -6.37
CA SER A 84 5.47 49.96 -5.45
C SER A 84 4.29 49.47 -4.61
N PHE A 85 4.25 48.18 -4.27
CA PHE A 85 3.17 47.62 -3.41
C PHE A 85 3.15 48.40 -2.09
N GLU A 86 4.31 48.80 -1.57
CA GLU A 86 4.46 49.53 -0.29
C GLU A 86 3.74 50.88 -0.37
N SER A 87 3.76 51.56 -1.52
CA SER A 87 3.03 52.83 -1.73
C SER A 87 1.51 52.59 -1.60
N PHE A 88 0.98 51.53 -2.22
CA PHE A 88 -0.46 51.19 -2.18
C PHE A 88 -0.84 50.75 -0.75
N MET A 89 0.02 50.00 -0.07
CA MET A 89 -0.22 49.47 1.31
C MET A 89 -0.45 50.62 2.29
N ILE A 90 0.40 51.65 2.32
CA ILE A 90 0.27 52.76 3.31
C ILE A 90 -0.94 53.61 2.95
N LYS A 91 -1.34 53.67 1.67
CA LYS A 91 -2.54 54.42 1.23
C LYS A 91 -3.81 53.78 1.80
N LEU A 92 -3.82 52.45 1.95
CA LEU A 92 -4.99 51.69 2.48
C LEU A 92 -4.92 51.59 4.01
N GLU A 93 -3.72 51.38 4.56
CA GLU A 93 -3.48 50.97 5.97
C GLU A 93 -4.19 51.92 6.94
N ILE A 94 -4.09 53.23 6.73
CA ILE A 94 -4.65 54.24 7.68
C ILE A 94 -5.69 55.11 6.97
N CYS A 95 -6.28 54.64 5.88
CA CYS A 95 -7.45 55.31 5.22
C CYS A 95 -8.64 55.28 6.19
N SER A 96 -9.56 56.23 6.03
CA SER A 96 -10.71 56.45 6.95
C SER A 96 -11.51 55.16 7.13
N HIS A 97 -11.69 54.37 6.06
CA HIS A 97 -12.50 53.11 6.07
C HIS A 97 -11.83 52.06 6.96
N TYR A 98 -10.51 51.88 6.86
CA TYR A 98 -9.72 50.94 7.71
C TYR A 98 -9.79 51.41 9.17
N SER A 99 -9.55 52.71 9.40
CA SER A 99 -9.58 53.34 10.76
C SER A 99 -10.92 53.04 11.44
N ASN A 100 -12.03 53.28 10.73
CA ASN A 100 -13.41 53.16 11.29
C ASN A 100 -13.72 51.69 11.58
N ALA A 101 -13.19 50.77 10.77
CA ALA A 101 -13.26 49.30 10.99
C ALA A 101 -12.49 48.95 12.27
N TRP A 102 -11.25 49.42 12.41
CA TRP A 102 -10.44 49.20 13.64
C TRP A 102 -11.20 49.69 14.88
N LEU A 103 -11.96 50.79 14.78
CA LEU A 103 -12.69 51.35 15.96
C LEU A 103 -13.88 50.46 16.32
N MET A 104 -14.33 49.56 15.43
CA MET A 104 -15.41 48.58 15.72
C MET A 104 -14.83 47.23 16.15
N TYR A 105 -13.51 47.06 16.12
CA TYR A 105 -12.84 45.76 16.40
C TYR A 105 -13.24 45.26 17.79
N GLY A 106 -13.07 46.09 18.81
CA GLY A 106 -13.42 45.75 20.21
C GLY A 106 -14.83 45.22 20.33
N LYS A 107 -15.81 45.97 19.80
CA LYS A 107 -17.26 45.64 19.85
C LYS A 107 -17.49 44.34 19.07
N SER A 108 -16.85 44.18 17.90
CA SER A 108 -16.98 42.98 17.02
C SER A 108 -16.66 41.71 17.81
N LEU A 109 -15.82 41.78 18.85
CA LEU A 109 -15.40 40.58 19.62
C LEU A 109 -16.54 40.09 20.51
N PHE A 110 -17.59 40.89 20.72
CA PHE A 110 -18.74 40.55 21.61
C PHE A 110 -19.96 40.14 20.78
N GLU A 111 -19.91 40.24 19.45
CA GLU A 111 -21.03 39.90 18.54
C GLU A 111 -20.83 38.49 17.97
N ASP A 112 -21.92 37.84 17.60
CA ASP A 112 -21.96 36.43 17.13
C ASP A 112 -22.83 36.33 15.87
N ASP A 113 -23.03 37.45 15.16
CA ASP A 113 -23.91 37.57 13.96
C ASP A 113 -23.07 37.43 12.69
N GLY A 114 -21.78 37.10 12.81
CA GLY A 114 -20.87 36.90 11.66
C GLY A 114 -20.67 38.18 10.87
N LYS A 115 -20.69 39.33 11.54
CA LYS A 115 -20.37 40.64 10.89
C LYS A 115 -18.95 41.06 11.28
N SER A 116 -18.09 41.28 10.30
CA SER A 116 -16.73 41.84 10.50
C SER A 116 -16.86 43.24 11.10
N ALA A 117 -15.82 43.68 11.80
CA ALA A 117 -15.66 45.07 12.27
C ALA A 117 -15.88 46.03 11.09
N PHE A 118 -15.40 45.67 9.90
CA PHE A 118 -15.55 46.50 8.67
C PHE A 118 -17.04 46.63 8.33
N GLU A 119 -17.79 45.53 8.40
CA GLU A 119 -19.23 45.52 8.06
C GLU A 119 -19.99 46.36 9.08
N MET A 120 -19.65 46.24 10.37
CA MET A 120 -20.27 47.03 11.46
C MET A 120 -20.08 48.54 11.22
N ALA A 121 -18.94 48.96 10.67
CA ALA A 121 -18.64 50.39 10.42
C ALA A 121 -19.33 50.89 9.14
N HIS A 122 -19.41 50.05 8.09
CA HIS A 122 -19.74 50.49 6.70
C HIS A 122 -21.04 49.90 6.15
N GLY A 123 -21.65 48.91 6.82
CA GLY A 123 -22.98 48.36 6.48
C GLY A 123 -22.97 47.24 5.44
N ARG A 124 -21.81 46.92 4.87
CA ARG A 124 -21.65 45.79 3.90
C ARG A 124 -20.30 45.10 4.15
N PRO A 125 -20.16 43.79 3.83
CA PRO A 125 -18.86 43.12 3.91
C PRO A 125 -17.88 43.74 2.91
N PHE A 126 -16.59 43.52 3.12
CA PHE A 126 -15.46 44.24 2.48
C PHE A 126 -15.65 44.30 0.95
N PHE A 127 -15.72 43.16 0.26
CA PHE A 127 -15.69 43.11 -1.23
C PHE A 127 -16.98 43.72 -1.81
N GLU A 128 -18.13 43.50 -1.15
CA GLU A 128 -19.43 44.11 -1.56
C GLU A 128 -19.33 45.64 -1.47
N TYR A 129 -18.72 46.17 -0.41
CA TYR A 129 -18.52 47.63 -0.23
C TYR A 129 -17.59 48.17 -1.33
N LEU A 130 -16.53 47.43 -1.67
CA LEU A 130 -15.53 47.86 -2.69
C LEU A 130 -16.24 48.08 -4.04
N ASP A 131 -17.35 47.36 -4.30
CA ASP A 131 -18.12 47.46 -5.56
C ASP A 131 -18.59 48.90 -5.80
N GLY A 132 -18.82 49.68 -4.74
CA GLY A 132 -19.32 51.07 -4.83
C GLY A 132 -18.28 52.11 -4.41
N ASN A 133 -17.03 51.71 -4.13
CA ASN A 133 -15.96 52.64 -3.69
C ASN A 133 -14.70 52.48 -4.56
N LYS A 134 -14.50 53.43 -5.46
CA LYS A 134 -13.42 53.45 -6.49
C LYS A 134 -12.04 53.58 -5.83
N PHE A 135 -11.91 54.45 -4.80
CA PHE A 135 -10.66 54.62 -4.02
C PHE A 135 -10.20 53.27 -3.44
N LEU A 136 -11.08 52.58 -2.72
CA LEU A 136 -10.74 51.29 -2.06
C LEU A 136 -10.46 50.22 -3.11
N LYS A 137 -11.32 50.07 -4.11
CA LYS A 137 -11.24 48.94 -5.08
C LYS A 137 -9.97 49.10 -5.92
N SER A 138 -9.73 50.28 -6.50
CA SER A 138 -8.55 50.53 -7.37
C SER A 138 -7.25 50.30 -6.59
N ASN A 139 -7.16 50.83 -5.36
CA ASN A 139 -5.93 50.72 -4.53
C ASN A 139 -5.75 49.28 -4.03
N PHE A 140 -6.82 48.60 -3.61
CA PHE A 140 -6.73 47.22 -3.11
C PHE A 140 -6.35 46.27 -4.27
N ASP A 141 -7.05 46.37 -5.39
CA ASP A 141 -6.78 45.53 -6.59
C ASP A 141 -5.33 45.80 -7.06
N ALA A 142 -4.83 47.03 -6.95
CA ALA A 142 -3.47 47.43 -7.40
C ALA A 142 -2.42 46.77 -6.48
N LEU A 143 -2.67 46.81 -5.16
CA LEU A 143 -1.80 46.14 -4.15
C LEU A 143 -1.67 44.65 -4.51
N MET A 144 -2.79 43.97 -4.77
CA MET A 144 -2.83 42.51 -5.07
C MET A 144 -2.09 42.23 -6.39
N THR A 145 -2.26 43.09 -7.39
CA THR A 145 -1.53 43.00 -8.68
C THR A 145 -0.01 43.05 -8.43
N ARG A 146 0.44 43.96 -7.57
CA ARG A 146 1.89 44.20 -7.31
C ARG A 146 2.50 42.98 -6.59
N VAL A 147 1.85 42.46 -5.55
CA VAL A 147 2.40 41.30 -4.78
C VAL A 147 2.34 40.04 -5.66
N SER A 148 1.33 39.93 -6.54
CA SER A 148 1.24 38.83 -7.52
C SER A 148 2.48 38.87 -8.42
N ASN A 149 2.76 40.04 -8.99
CA ASN A 149 3.91 40.26 -9.90
C ASN A 149 5.20 39.79 -9.22
N LEU A 150 5.36 40.05 -7.92
CA LEU A 150 6.60 39.76 -7.15
C LEU A 150 6.79 38.24 -6.92
N ILE A 151 5.75 37.42 -7.01
CA ILE A 151 5.86 35.96 -6.67
C ILE A 151 5.93 35.09 -7.94
N VAL A 152 5.63 35.64 -9.13
CA VAL A 152 5.47 34.85 -10.39
C VAL A 152 6.74 34.05 -10.70
N GLU A 153 7.91 34.71 -10.64
CA GLU A 153 9.21 34.10 -11.01
C GLU A 153 9.46 32.89 -10.11
N LYS A 154 9.40 33.08 -8.79
CA LYS A 154 9.65 32.02 -7.77
C LYS A 154 8.66 30.87 -7.97
N LEU A 155 7.39 31.17 -8.28
CA LEU A 155 6.31 30.18 -8.44
C LEU A 155 6.60 29.28 -9.65
N LEU A 156 6.94 29.88 -10.79
CA LEU A 156 7.33 29.17 -12.05
C LEU A 156 8.54 28.28 -11.78
N GLY A 157 9.44 28.74 -10.89
CA GLY A 157 10.69 28.04 -10.53
C GLY A 157 10.46 26.77 -9.73
N ILE A 158 9.43 26.71 -8.88
CA ILE A 158 9.24 25.61 -7.89
C ILE A 158 8.14 24.64 -8.35
N TYR A 159 7.54 24.88 -9.52
CA TYR A 159 6.44 24.03 -10.06
C TYR A 159 6.42 24.09 -11.59
N ASP A 160 6.26 22.91 -12.21
CA ASP A 160 6.22 22.69 -13.68
C ASP A 160 4.80 22.95 -14.18
N PHE A 161 4.54 24.17 -14.67
CA PHE A 161 3.23 24.61 -15.24
C PHE A 161 3.05 24.02 -16.64
N ASN A 162 4.15 23.59 -17.28
CA ASN A 162 4.19 23.14 -18.70
C ASN A 162 3.40 21.84 -18.87
N GLN A 163 3.27 21.01 -17.83
CA GLN A 163 2.57 19.70 -17.90
C GLN A 163 1.06 19.93 -18.14
N HIS A 164 0.54 21.10 -17.76
CA HIS A 164 -0.91 21.41 -17.71
C HIS A 164 -1.42 21.97 -19.05
N ASN A 165 -2.74 21.95 -19.24
CA ASN A 165 -3.42 22.26 -20.53
C ASN A 165 -4.39 23.42 -20.34
N ARG A 166 -5.27 23.32 -19.34
CA ARG A 166 -6.35 24.29 -19.05
C ARG A 166 -6.21 24.77 -17.60
N ILE A 167 -5.93 26.07 -17.42
CA ILE A 167 -5.56 26.68 -16.11
C ILE A 167 -6.60 27.74 -15.73
N LEU A 168 -7.21 27.59 -14.55
CA LEU A 168 -8.16 28.56 -13.94
C LEU A 168 -7.55 29.14 -12.64
N ASP A 169 -7.37 30.46 -12.60
CA ASP A 169 -7.02 31.21 -11.35
C ASP A 169 -8.32 31.73 -10.72
N VAL A 170 -8.73 31.17 -9.59
CA VAL A 170 -10.01 31.50 -8.89
C VAL A 170 -9.73 32.66 -7.90
N GLY A 171 -10.54 33.73 -7.98
CA GLY A 171 -10.36 34.98 -7.22
C GLY A 171 -9.09 35.69 -7.65
N GLY A 172 -8.79 35.65 -8.95
CA GLY A 172 -7.50 36.11 -9.53
C GLY A 172 -7.43 37.61 -9.72
N GLY A 173 -8.52 38.33 -9.44
CA GLY A 173 -8.55 39.80 -9.45
C GLY A 173 -8.35 40.35 -10.86
N GLU A 174 -7.35 41.22 -11.03
CA GLU A 174 -7.03 41.86 -12.34
C GLU A 174 -6.36 40.82 -13.26
N GLY A 175 -5.99 39.65 -12.73
CA GLY A 175 -5.46 38.51 -13.50
C GLY A 175 -3.97 38.62 -13.75
N GLU A 176 -3.26 39.43 -12.96
CA GLU A 176 -1.79 39.64 -13.09
C GLU A 176 -1.04 38.30 -13.02
N LEU A 177 -1.43 37.39 -12.11
CA LEU A 177 -0.66 36.13 -11.92
C LEU A 177 -0.64 35.35 -13.23
N LEU A 178 -1.81 35.11 -13.83
CA LEU A 178 -1.94 34.23 -15.02
C LEU A 178 -1.48 34.96 -16.29
N VAL A 179 -1.59 36.30 -16.34
CA VAL A 179 -1.05 37.10 -17.48
C VAL A 179 0.46 36.91 -17.54
N ARG A 180 1.16 37.07 -16.42
CA ARG A 180 2.64 36.93 -16.34
C ARG A 180 3.04 35.48 -16.61
N ILE A 181 2.31 34.50 -16.06
CA ILE A 181 2.59 33.04 -16.26
C ILE A 181 2.45 32.70 -17.76
N SER A 182 1.45 33.27 -18.45
CA SER A 182 1.11 32.95 -19.86
C SER A 182 2.18 33.48 -20.83
N GLU A 183 2.95 34.51 -20.42
CA GLU A 183 4.06 35.08 -21.24
C GLU A 183 5.26 34.12 -21.22
N LYS A 184 5.39 33.29 -20.18
CA LYS A 184 6.52 32.34 -19.99
C LYS A 184 6.10 30.94 -20.44
N VAL A 185 4.89 30.51 -20.08
CA VAL A 185 4.31 29.18 -20.42
C VAL A 185 3.22 29.39 -21.48
N LYS A 186 3.57 29.21 -22.76
CA LYS A 186 2.70 29.55 -23.91
C LYS A 186 1.94 28.30 -24.38
N GLY A 187 0.91 28.52 -25.20
CA GLY A 187 0.15 27.46 -25.89
C GLY A 187 -0.81 26.72 -24.96
N LYS A 188 -1.14 27.29 -23.80
CA LYS A 188 -2.15 26.73 -22.85
C LYS A 188 -3.47 27.52 -22.98
N HIS A 189 -4.54 27.04 -22.34
CA HIS A 189 -5.79 27.80 -22.13
C HIS A 189 -5.75 28.43 -20.74
N TYR A 190 -5.95 29.75 -20.66
CA TYR A 190 -5.87 30.55 -19.42
C TYR A 190 -7.21 31.22 -19.12
N ALA A 191 -7.76 30.99 -17.93
CA ALA A 191 -9.00 31.62 -17.43
C ALA A 191 -8.76 32.22 -16.03
N VAL A 192 -9.44 33.32 -15.73
CA VAL A 192 -9.41 34.02 -14.40
C VAL A 192 -10.85 34.26 -13.96
N LEU A 193 -11.22 33.76 -12.78
CA LEU A 193 -12.58 33.95 -12.19
C LEU A 193 -12.48 34.93 -11.02
N ASP A 194 -13.38 35.91 -10.99
CA ASP A 194 -13.55 36.88 -9.87
C ASP A 194 -14.94 37.52 -10.02
N ARG A 195 -15.21 38.57 -9.24
CA ARG A 195 -16.49 39.33 -9.26
C ARG A 195 -16.29 40.56 -10.15
N TYR A 196 -16.82 40.51 -11.38
CA TYR A 196 -16.62 41.56 -12.41
C TYR A 196 -17.98 42.15 -12.81
N SER A 197 -18.20 43.43 -12.53
CA SER A 197 -19.36 44.20 -13.07
C SER A 197 -19.16 44.39 -14.58
N GLU A 198 -17.91 44.60 -15.00
CA GLU A 198 -17.46 44.68 -16.42
C GLU A 198 -16.23 43.79 -16.59
N LEU A 199 -16.27 42.84 -17.54
CA LEU A 199 -15.18 41.83 -17.72
C LEU A 199 -13.89 42.55 -18.11
N PRO A 200 -12.75 42.26 -17.45
CA PRO A 200 -11.45 42.71 -17.95
C PRO A 200 -11.22 42.11 -19.34
N VAL A 201 -10.25 42.67 -20.08
CA VAL A 201 -9.85 42.19 -21.44
C VAL A 201 -8.33 42.12 -21.48
N SER A 202 -7.80 40.95 -21.86
CA SER A 202 -6.35 40.69 -22.03
C SER A 202 -6.18 39.54 -23.04
N ASP A 203 -5.24 39.71 -23.98
CA ASP A 203 -4.88 38.72 -25.03
C ASP A 203 -4.78 37.33 -24.38
N ASN A 204 -5.52 36.36 -24.92
CA ASN A 204 -5.52 34.92 -24.52
C ASN A 204 -5.72 34.76 -23.01
N ILE A 205 -6.67 35.51 -22.43
CA ILE A 205 -7.22 35.27 -21.05
C ILE A 205 -8.75 35.27 -21.14
N ASP A 206 -9.40 34.19 -20.66
CA ASP A 206 -10.87 34.08 -20.53
C ASP A 206 -11.25 34.60 -19.14
N PHE A 207 -11.79 35.82 -19.03
CA PHE A 207 -12.27 36.39 -17.74
C PHE A 207 -13.71 35.92 -17.51
N ILE A 208 -13.95 35.33 -16.34
CA ILE A 208 -15.25 34.75 -15.89
C ILE A 208 -15.73 35.56 -14.68
N ASN A 209 -16.95 36.10 -14.76
CA ASN A 209 -17.70 36.64 -13.59
C ASN A 209 -18.35 35.47 -12.87
N GLY A 210 -17.88 35.14 -11.67
CA GLY A 210 -18.35 33.96 -10.93
C GLY A 210 -18.48 34.22 -9.44
N ASN A 211 -18.77 33.15 -8.70
CA ASN A 211 -18.92 33.18 -7.22
C ASN A 211 -18.43 31.83 -6.66
N PHE A 212 -17.22 31.81 -6.09
CA PHE A 212 -16.55 30.58 -5.62
C PHE A 212 -17.26 30.01 -4.37
N LEU A 213 -18.17 30.77 -3.74
CA LEU A 213 -19.04 30.24 -2.64
C LEU A 213 -20.14 29.35 -3.22
N ASN A 214 -20.54 29.57 -4.48
CA ASN A 214 -21.66 28.84 -5.14
C ASN A 214 -21.11 27.68 -5.99
N SER A 215 -20.13 27.95 -6.84
CA SER A 215 -19.62 26.96 -7.82
C SER A 215 -18.24 27.34 -8.33
N ILE A 216 -17.41 26.32 -8.58
CA ILE A 216 -16.15 26.41 -9.38
C ILE A 216 -16.43 25.66 -10.69
N PRO A 217 -16.13 26.24 -11.87
CA PRO A 217 -16.35 25.54 -13.13
C PRO A 217 -15.40 24.34 -13.30
N SER A 218 -15.91 23.24 -13.84
CA SER A 218 -15.15 21.98 -14.02
C SER A 218 -14.40 22.02 -15.35
N GLY A 219 -13.56 21.02 -15.62
CA GLY A 219 -12.91 20.80 -16.92
C GLY A 219 -11.60 21.54 -17.06
N TYR A 220 -11.01 22.01 -15.95
CA TYR A 220 -9.61 22.47 -15.87
C TYR A 220 -8.79 21.41 -15.12
N ASP A 221 -7.52 21.24 -15.50
CA ASP A 221 -6.59 20.25 -14.90
C ASP A 221 -5.66 20.96 -13.90
N LEU A 222 -5.63 22.29 -13.89
CA LEU A 222 -4.91 23.09 -12.87
C LEU A 222 -5.81 24.24 -12.38
N TYR A 223 -6.05 24.29 -11.08
CA TYR A 223 -6.73 25.40 -10.37
C TYR A 223 -5.71 26.10 -9.47
N ILE A 224 -5.82 27.42 -9.37
CA ILE A 224 -4.99 28.27 -8.46
C ILE A 224 -5.96 29.03 -7.54
N LEU A 225 -5.67 29.03 -6.24
CA LEU A 225 -6.36 29.85 -5.22
C LEU A 225 -5.30 30.57 -4.39
N LYS A 226 -5.01 31.83 -4.73
CA LYS A 226 -3.93 32.63 -4.08
C LYS A 226 -4.55 33.71 -3.20
N ASN A 227 -4.20 33.73 -1.90
CA ASN A 227 -4.54 34.80 -0.93
C ASN A 227 -6.06 35.05 -0.93
N VAL A 228 -6.86 33.98 -0.91
CA VAL A 228 -8.34 34.04 -0.87
C VAL A 228 -8.81 33.57 0.52
N LEU A 229 -8.32 32.42 0.98
CA LEU A 229 -8.83 31.75 2.22
C LEU A 229 -8.60 32.63 3.44
N ASN A 230 -7.59 33.51 3.42
CA ASN A 230 -7.30 34.42 4.57
C ASN A 230 -8.44 35.43 4.74
N ASN A 231 -9.33 35.55 3.75
CA ASN A 231 -10.51 36.46 3.78
C ASN A 231 -11.78 35.73 4.24
N TRP A 232 -11.71 34.49 4.73
CA TRP A 232 -12.92 33.66 4.97
C TRP A 232 -12.79 32.89 6.28
N SER A 233 -13.93 32.62 6.92
CA SER A 233 -14.03 31.77 8.13
C SER A 233 -13.60 30.34 7.78
N ASP A 234 -13.38 29.51 8.80
CA ASP A 234 -13.09 28.06 8.62
C ASP A 234 -14.23 27.44 7.81
N SER A 235 -15.47 27.78 8.15
CA SER A 235 -16.72 27.23 7.56
C SER A 235 -16.79 27.58 6.06
N ASP A 236 -16.61 28.86 5.74
CA ASP A 236 -16.63 29.38 4.34
C ASP A 236 -15.44 28.81 3.56
N SER A 237 -14.27 28.70 4.18
CA SER A 237 -13.05 28.10 3.58
C SER A 237 -13.32 26.66 3.13
N ILE A 238 -13.92 25.85 4.01
CA ILE A 238 -14.26 24.43 3.68
C ILE A 238 -15.20 24.42 2.47
N LEU A 239 -16.21 25.29 2.45
CA LEU A 239 -17.22 25.41 1.36
C LEU A 239 -16.51 25.68 0.04
N ILE A 240 -15.56 26.62 0.03
CA ILE A 240 -14.76 26.95 -1.18
C ILE A 240 -14.01 25.69 -1.62
N LEU A 241 -13.36 24.99 -0.69
CA LEU A 241 -12.50 23.81 -0.99
C LEU A 241 -13.39 22.64 -1.45
N GLU A 242 -14.59 22.50 -0.88
CA GLU A 242 -15.62 21.51 -1.32
C GLU A 242 -16.02 21.79 -2.78
N ASN A 243 -16.19 23.06 -3.14
CA ASN A 243 -16.59 23.45 -4.52
C ASN A 243 -15.48 23.07 -5.50
N PHE A 244 -14.21 23.22 -5.10
CA PHE A 244 -13.05 22.72 -5.88
C PHE A 244 -13.15 21.20 -6.06
N ARG A 245 -13.40 20.44 -4.98
CA ARG A 245 -13.42 18.95 -5.05
C ARG A 245 -14.49 18.51 -6.07
N LYS A 246 -15.64 19.19 -6.08
CA LYS A 246 -16.78 18.88 -6.99
C LYS A 246 -16.39 19.21 -8.45
N ALA A 247 -15.59 20.26 -8.66
CA ALA A 247 -15.15 20.71 -10.00
C ALA A 247 -14.00 19.84 -10.53
N MET A 248 -13.22 19.22 -9.63
CA MET A 248 -11.95 18.51 -9.96
C MET A 248 -12.24 17.02 -10.24
N ASP A 249 -11.54 16.44 -11.22
CA ASP A 249 -11.49 14.97 -11.46
C ASP A 249 -10.18 14.44 -10.88
N LYS A 250 -9.91 13.14 -11.03
CA LYS A 250 -8.75 12.44 -10.38
C LYS A 250 -7.42 13.05 -10.83
N ASN A 251 -7.35 13.62 -12.04
CA ASN A 251 -6.09 14.10 -12.66
C ASN A 251 -5.86 15.59 -12.38
N SER A 252 -6.86 16.30 -11.82
CA SER A 252 -6.80 17.76 -11.54
C SER A 252 -5.83 18.05 -10.39
N SER A 253 -5.21 19.22 -10.41
CA SER A 253 -4.40 19.76 -9.28
C SER A 253 -4.92 21.14 -8.89
N LEU A 254 -4.92 21.43 -7.59
CA LEU A 254 -5.21 22.75 -6.99
C LEU A 254 -3.94 23.25 -6.29
N LEU A 255 -3.42 24.41 -6.71
CA LEU A 255 -2.30 25.11 -6.03
C LEU A 255 -2.89 26.13 -5.05
N LEU A 256 -2.90 25.77 -3.77
CA LEU A 256 -3.28 26.68 -2.67
C LEU A 256 -2.04 27.46 -2.25
N ILE A 257 -2.07 28.79 -2.40
CA ILE A 257 -0.89 29.69 -2.23
C ILE A 257 -1.31 30.84 -1.32
N ASN A 258 -0.64 31.02 -0.19
CA ASN A 258 -1.08 31.93 0.89
C ASN A 258 0.13 32.46 1.66
N MET A 259 0.08 33.72 2.08
CA MET A 259 0.85 34.18 3.27
C MET A 259 0.55 33.15 4.36
N VAL A 260 1.59 32.60 5.02
CA VAL A 260 1.43 31.52 6.03
C VAL A 260 1.92 32.02 7.39
N LYS A 261 1.22 31.60 8.46
CA LYS A 261 1.53 31.93 9.88
C LYS A 261 2.70 31.04 10.33
N GLU A 262 3.81 31.66 10.75
CA GLU A 262 5.01 30.99 11.33
C GLU A 262 5.38 31.71 12.63
N PRO A 263 5.71 30.98 13.72
CA PRO A 263 5.90 31.58 15.04
C PRO A 263 6.84 32.80 15.12
N GLU A 264 7.88 32.84 14.26
CA GLU A 264 8.94 33.89 14.31
C GLU A 264 8.42 35.25 13.81
N PHE A 265 7.34 35.26 13.01
CA PHE A 265 6.84 36.47 12.30
C PHE A 265 5.63 37.07 13.02
N SER A 266 5.29 38.33 12.70
CA SER A 266 4.29 39.15 13.41
C SER A 266 2.87 38.59 13.22
N ARG A 267 2.04 38.67 14.26
CA ARG A 267 0.61 38.26 14.24
C ARG A 267 -0.28 39.42 13.75
N SER A 268 0.31 40.56 13.37
CA SER A 268 -0.46 41.80 13.06
C SER A 268 -1.39 41.56 11.87
N PHE A 269 -0.94 40.80 10.86
CA PHE A 269 -1.75 40.45 9.65
C PHE A 269 -2.94 39.58 10.04
N ASP A 270 -2.75 38.59 10.92
CA ASP A 270 -3.84 37.73 11.46
C ASP A 270 -4.99 38.62 11.95
N ILE A 271 -4.67 39.67 12.71
CA ILE A 271 -5.67 40.55 13.38
C ILE A 271 -6.36 41.41 12.30
N LEU A 272 -5.61 41.93 11.32
CA LEU A 272 -6.20 42.71 10.20
C LEU A 272 -7.23 41.84 9.45
N MET A 273 -6.92 40.57 9.18
CA MET A 273 -7.87 39.64 8.50
C MET A 273 -9.14 39.49 9.35
N ASP A 274 -9.01 39.48 10.69
CA ASP A 274 -10.18 39.39 11.60
C ASP A 274 -11.02 40.67 11.43
N VAL A 275 -10.37 41.84 11.50
CA VAL A 275 -11.05 43.17 11.41
C VAL A 275 -11.77 43.32 10.07
N LEU A 276 -11.12 42.99 8.94
CA LEU A 276 -11.65 43.31 7.60
C LEU A 276 -12.67 42.25 7.16
N PHE A 277 -12.52 40.98 7.57
CA PHE A 277 -13.21 39.82 6.92
C PHE A 277 -13.78 38.80 7.91
N LEU A 278 -13.48 38.86 9.21
CA LEU A 278 -13.59 37.69 10.14
C LEU A 278 -12.82 36.51 9.53
N GLY A 279 -11.68 36.80 8.91
CA GLY A 279 -10.75 35.79 8.37
C GLY A 279 -9.61 35.55 9.34
N LYS A 280 -8.54 34.90 8.87
CA LYS A 280 -7.34 34.61 9.70
C LYS A 280 -6.18 34.19 8.80
N GLU A 281 -4.95 34.44 9.26
CA GLU A 281 -3.72 33.88 8.65
C GLU A 281 -3.49 32.50 9.26
N ARG A 282 -3.47 31.45 8.44
CA ARG A 282 -3.40 30.05 8.91
C ARG A 282 -1.97 29.51 8.75
N SER A 283 -1.63 28.52 9.57
CA SER A 283 -0.40 27.67 9.46
C SER A 283 -0.63 26.60 8.39
N PHE A 284 0.42 25.85 8.04
N PHE A 284 0.41 25.84 8.02
CA PHE A 284 0.37 24.65 7.16
CA PHE A 284 0.27 24.67 7.11
C PHE A 284 -0.63 23.64 7.72
C PHE A 284 -0.73 23.68 7.73
N THR A 285 -0.60 23.41 9.04
CA THR A 285 -1.44 22.42 9.76
C THR A 285 -2.93 22.77 9.58
N GLU A 286 -3.28 24.05 9.77
CA GLU A 286 -4.69 24.55 9.69
C GLU A 286 -5.22 24.42 8.26
N PHE A 287 -4.42 24.80 7.26
CA PHE A 287 -4.77 24.66 5.82
C PHE A 287 -5.02 23.19 5.50
N GLU A 288 -4.16 22.28 5.98
CA GLU A 288 -4.28 20.82 5.74
C GLU A 288 -5.60 20.32 6.36
N TYR A 289 -5.96 20.80 7.55
CA TYR A 289 -7.21 20.39 8.25
C TYR A 289 -8.42 20.72 7.37
N LEU A 290 -8.53 21.98 6.93
CA LEU A 290 -9.66 22.48 6.09
C LEU A 290 -9.76 21.65 4.80
N ALA A 291 -8.62 21.39 4.15
CA ALA A 291 -8.53 20.64 2.88
C ALA A 291 -9.08 19.23 3.09
N ASN A 292 -8.70 18.58 4.20
CA ASN A 292 -9.13 17.20 4.56
C ASN A 292 -10.65 17.18 4.78
N GLN A 293 -11.18 18.19 5.48
CA GLN A 293 -12.64 18.36 5.75
C GLN A 293 -13.41 18.45 4.42
N ALA A 294 -12.81 19.04 3.38
CA ALA A 294 -13.40 19.22 2.03
C ALA A 294 -13.18 17.97 1.15
N GLY A 295 -12.48 16.95 1.66
CA GLY A 295 -12.15 15.71 0.93
C GLY A 295 -11.03 15.90 -0.07
N LEU A 296 -10.06 16.76 0.23
CA LEU A 296 -8.84 16.97 -0.59
C LEU A 296 -7.63 16.45 0.18
N VAL A 297 -6.55 16.11 -0.54
CA VAL A 297 -5.32 15.51 0.05
C VAL A 297 -4.12 16.38 -0.33
N VAL A 298 -3.24 16.66 0.63
CA VAL A 298 -1.96 17.40 0.44
C VAL A 298 -0.98 16.44 -0.23
N GLN A 299 -0.53 16.77 -1.45
CA GLN A 299 0.40 15.93 -2.24
C GLN A 299 1.78 16.59 -2.36
N GLU A 300 1.89 17.86 -1.99
CA GLU A 300 3.17 18.63 -2.02
C GLU A 300 3.02 19.87 -1.13
N THR A 301 4.06 20.22 -0.37
CA THR A 301 4.12 21.47 0.44
C THR A 301 5.53 22.07 0.29
N LYS A 302 5.61 23.36 0.01
CA LYS A 302 6.89 24.10 -0.06
C LYS A 302 6.69 25.46 0.60
N VAL A 303 7.79 26.11 0.98
CA VAL A 303 7.80 27.51 1.50
C VAL A 303 8.50 28.38 0.46
N ILE A 304 7.85 29.48 0.06
CA ILE A 304 8.41 30.52 -0.85
C ILE A 304 8.75 31.76 0.02
N ASP A 305 10.03 32.10 0.09
CA ASP A 305 10.52 33.25 0.89
C ASP A 305 10.31 34.53 0.07
N GLN A 306 9.25 35.27 0.38
CA GLN A 306 9.04 36.67 -0.09
C GLN A 306 9.68 37.62 0.93
N SER A 307 10.07 38.82 0.50
CA SER A 307 10.80 39.80 1.36
C SER A 307 9.97 40.08 2.62
N TYR A 308 8.68 40.38 2.44
CA TYR A 308 7.77 40.85 3.50
C TYR A 308 7.27 39.68 4.37
N SER A 309 7.13 38.48 3.80
CA SER A 309 6.51 37.34 4.51
C SER A 309 6.88 36.00 3.87
N PRO A 310 6.85 34.91 4.66
CA PRO A 310 6.88 33.56 4.07
C PRO A 310 5.52 33.26 3.44
N TYR A 311 5.53 32.43 2.40
CA TYR A 311 4.33 31.98 1.64
C TYR A 311 4.28 30.45 1.70
N SER A 312 3.07 29.91 1.88
CA SER A 312 2.75 28.46 1.81
C SER A 312 2.36 28.12 0.37
N PHE A 313 3.04 27.14 -0.23
CA PHE A 313 2.68 26.51 -1.53
C PHE A 313 2.18 25.09 -1.24
N ILE A 314 0.87 24.85 -1.41
CA ILE A 314 0.23 23.54 -1.13
C ILE A 314 -0.43 23.04 -2.41
N LYS A 315 0.06 21.91 -2.96
CA LYS A 315 -0.60 21.21 -4.10
C LYS A 315 -1.58 20.17 -3.54
N LEU A 316 -2.86 20.32 -3.90
CA LEU A 316 -3.99 19.47 -3.43
C LEU A 316 -4.55 18.68 -4.62
N GLN A 317 -5.00 17.45 -4.36
CA GLN A 317 -5.74 16.57 -5.32
C GLN A 317 -6.90 15.94 -4.55
N ILE A 318 -7.91 15.41 -5.25
CA ILE A 318 -9.14 14.85 -4.61
C ILE A 318 -8.78 13.51 -3.96
N LYS A 319 -9.46 13.15 -2.86
CA LYS A 319 -9.28 11.83 -2.20
C LYS A 319 -9.72 10.73 -3.17
N SER B 1 -16.65 -12.51 -12.79
CA SER B 1 -16.54 -12.00 -14.19
C SER B 1 -16.34 -13.19 -15.12
N MET B 2 -16.76 -13.03 -16.38
CA MET B 2 -16.58 -14.10 -17.37
C MET B 2 -15.09 -14.29 -17.64
N LEU B 3 -14.29 -13.21 -17.69
CA LEU B 3 -12.85 -13.35 -18.09
C LEU B 3 -12.04 -14.12 -17.04
N THR B 4 -12.16 -13.80 -15.75
CA THR B 4 -11.45 -14.56 -14.69
C THR B 4 -11.87 -16.03 -14.78
N GLU B 5 -13.14 -16.32 -15.03
CA GLU B 5 -13.61 -17.74 -15.08
C GLU B 5 -13.14 -18.37 -16.40
N LEU B 6 -12.97 -17.61 -17.49
CA LEU B 6 -12.38 -18.18 -18.71
C LEU B 6 -10.92 -18.56 -18.43
N ILE B 7 -10.15 -17.68 -17.76
CA ILE B 7 -8.74 -17.94 -17.39
C ILE B 7 -8.69 -19.23 -16.57
N ALA B 8 -9.70 -19.40 -15.70
CA ALA B 8 -9.85 -20.55 -14.77
C ALA B 8 -10.60 -21.72 -15.43
N SER B 9 -10.67 -21.80 -16.75
CA SER B 9 -11.31 -22.93 -17.48
C SER B 9 -10.73 -24.29 -17.04
N ASN B 10 -9.42 -24.36 -16.76
CA ASN B 10 -8.71 -25.60 -16.37
C ASN B 10 -9.42 -26.24 -15.13
N ARG B 11 -9.96 -25.41 -14.24
CA ARG B 11 -10.58 -25.89 -12.96
C ARG B 11 -11.76 -26.84 -13.24
N ARG B 12 -12.51 -26.61 -14.31
CA ARG B 12 -13.63 -27.47 -14.78
C ARG B 12 -13.06 -28.85 -15.14
N SER B 13 -12.02 -28.91 -15.99
CA SER B 13 -11.35 -30.19 -16.37
C SER B 13 -10.82 -30.90 -15.10
N ALA B 14 -10.18 -30.17 -14.19
CA ALA B 14 -9.51 -30.74 -13.00
C ALA B 14 -10.58 -31.28 -12.03
N ALA B 15 -11.75 -30.63 -11.96
CA ALA B 15 -12.89 -31.08 -11.09
C ALA B 15 -13.43 -32.41 -11.61
N ILE B 16 -13.61 -32.49 -12.93
CA ILE B 16 -14.10 -33.73 -13.58
C ILE B 16 -13.07 -34.84 -13.36
N HIS B 17 -11.77 -34.54 -13.49
CA HIS B 17 -10.69 -35.54 -13.26
C HIS B 17 -10.80 -36.15 -11.84
N ALA B 18 -10.82 -35.31 -10.81
CA ALA B 18 -10.91 -35.76 -9.41
C ALA B 18 -12.09 -36.71 -9.22
N PHE B 19 -13.25 -36.37 -9.81
CA PHE B 19 -14.53 -37.12 -9.71
C PHE B 19 -14.41 -38.48 -10.42
N VAL B 20 -13.81 -38.49 -11.61
CA VAL B 20 -13.81 -39.71 -12.47
C VAL B 20 -12.59 -40.59 -12.16
N ASP B 21 -11.37 -40.03 -12.14
CA ASP B 21 -10.09 -40.79 -11.99
C ASP B 21 -10.06 -41.54 -10.65
N THR B 22 -10.71 -41.02 -9.61
CA THR B 22 -10.79 -41.67 -8.27
C THR B 22 -11.79 -42.83 -8.29
N GLY B 23 -12.63 -42.91 -9.31
CA GLY B 23 -13.74 -43.88 -9.37
C GLY B 23 -14.97 -43.42 -8.59
N LEU B 24 -15.00 -42.24 -7.97
CA LEU B 24 -16.21 -41.76 -7.22
C LEU B 24 -17.44 -41.75 -8.14
N SER B 25 -17.28 -41.35 -9.41
CA SER B 25 -18.40 -41.29 -10.38
C SER B 25 -19.04 -42.66 -10.62
N THR B 26 -18.34 -43.78 -10.38
CA THR B 26 -18.86 -45.15 -10.63
C THR B 26 -19.92 -45.53 -9.56
N HIS B 27 -20.09 -44.70 -8.53
CA HIS B 27 -21.15 -44.86 -7.48
C HIS B 27 -22.46 -44.26 -8.01
N PHE B 28 -22.43 -43.65 -9.21
CA PHE B 28 -23.58 -42.89 -9.75
C PHE B 28 -24.21 -43.61 -10.95
N LYS B 29 -24.08 -44.94 -11.08
CA LYS B 29 -24.62 -45.70 -12.24
C LYS B 29 -26.16 -45.59 -12.30
N ASP B 30 -26.70 -45.70 -13.53
CA ASP B 30 -28.14 -45.86 -13.87
C ASP B 30 -28.97 -44.67 -13.38
N GLY B 31 -28.37 -43.48 -13.32
CA GLY B 31 -29.07 -42.24 -12.95
C GLY B 31 -29.59 -42.22 -11.51
N ILE B 32 -29.04 -43.05 -10.62
CA ILE B 32 -29.44 -43.07 -9.18
C ILE B 32 -28.99 -41.77 -8.50
N TYR B 33 -29.78 -41.28 -7.55
CA TYR B 33 -29.41 -40.14 -6.66
C TYR B 33 -28.56 -40.68 -5.52
N VAL B 34 -27.43 -40.00 -5.27
CA VAL B 34 -26.43 -40.40 -4.24
C VAL B 34 -26.50 -39.43 -3.07
N ASP B 35 -26.68 -39.99 -1.87
CA ASP B 35 -26.52 -39.27 -0.59
C ASP B 35 -25.03 -39.18 -0.26
N ILE B 36 -24.47 -37.95 -0.19
CA ILE B 36 -23.00 -37.78 0.04
C ILE B 36 -22.63 -38.21 1.46
N SER B 37 -23.51 -38.07 2.45
CA SER B 37 -23.18 -38.63 3.79
C SER B 37 -22.90 -40.14 3.63
N GLU B 38 -23.76 -40.86 2.89
CA GLU B 38 -23.65 -42.34 2.77
C GLU B 38 -22.40 -42.66 1.95
N LEU B 39 -22.21 -41.94 0.85
CA LEU B 39 -21.02 -42.16 0.02
C LEU B 39 -19.73 -42.03 0.86
N SER B 40 -19.68 -41.01 1.73
CA SER B 40 -18.50 -40.74 2.60
C SER B 40 -18.28 -41.94 3.53
N ARG B 41 -19.35 -42.42 4.17
CA ARG B 41 -19.23 -43.59 5.08
C ARG B 41 -18.68 -44.78 4.31
N LYS B 42 -19.27 -45.10 3.16
CA LYS B 42 -18.93 -46.28 2.32
C LYS B 42 -17.52 -46.20 1.69
N SER B 43 -17.18 -45.06 1.08
CA SER B 43 -15.94 -44.90 0.25
C SER B 43 -14.77 -44.30 1.03
N GLY B 44 -15.03 -43.54 2.10
CA GLY B 44 -14.00 -42.84 2.87
C GLY B 44 -13.67 -41.46 2.28
N VAL B 45 -14.43 -40.99 1.28
CA VAL B 45 -14.25 -39.61 0.74
C VAL B 45 -14.71 -38.63 1.82
N ASN B 46 -13.99 -37.51 1.96
CA ASN B 46 -14.31 -36.46 2.96
C ASN B 46 -15.65 -35.80 2.58
N TYR B 47 -16.64 -35.90 3.48
CA TYR B 47 -18.02 -35.42 3.21
C TYR B 47 -18.06 -33.93 2.79
N ALA B 48 -17.45 -33.04 3.57
CA ALA B 48 -17.69 -31.58 3.46
C ALA B 48 -16.99 -31.09 2.18
N ARG B 49 -15.80 -31.60 1.97
CA ARG B 49 -14.92 -31.23 0.82
C ARG B 49 -15.49 -31.86 -0.46
N PHE B 50 -15.97 -33.10 -0.43
CA PHE B 50 -16.59 -33.72 -1.64
C PHE B 50 -17.92 -33.03 -1.97
N SER B 51 -18.71 -32.63 -0.95
CA SER B 51 -19.99 -31.89 -1.18
C SER B 51 -19.73 -30.59 -1.98
N ARG B 52 -18.68 -29.86 -1.60
CA ARG B 52 -18.25 -28.60 -2.25
C ARG B 52 -17.92 -28.90 -3.72
N LEU B 53 -17.24 -30.01 -4.01
CA LEU B 53 -16.91 -30.41 -5.40
C LEU B 53 -18.21 -30.72 -6.14
N CYS B 54 -19.14 -31.42 -5.48
CA CYS B 54 -20.46 -31.73 -6.07
C CYS B 54 -21.19 -30.42 -6.43
N ASP B 55 -21.07 -29.37 -5.62
CA ASP B 55 -21.81 -28.11 -5.90
C ASP B 55 -21.21 -27.49 -7.19
N PHE B 56 -19.90 -27.64 -7.37
CA PHE B 56 -19.19 -27.14 -8.60
C PHE B 56 -19.64 -28.01 -9.81
N LEU B 57 -19.72 -29.32 -9.65
CA LEU B 57 -20.16 -30.24 -10.73
C LEU B 57 -21.62 -29.96 -11.11
N VAL B 58 -22.48 -29.51 -10.18
CA VAL B 58 -23.87 -29.06 -10.52
C VAL B 58 -23.79 -27.80 -11.40
N GLU B 59 -22.99 -26.82 -10.97
CA GLU B 59 -22.78 -25.55 -11.71
C GLU B 59 -22.42 -25.87 -13.17
N MET B 60 -21.58 -26.89 -13.37
N MET B 60 -21.61 -26.91 -13.38
CA MET B 60 -21.04 -27.34 -14.68
CA MET B 60 -21.04 -27.32 -14.68
C MET B 60 -22.12 -28.07 -15.49
C MET B 60 -22.02 -28.23 -15.45
N GLY B 61 -23.13 -28.63 -14.81
CA GLY B 61 -24.17 -29.47 -15.44
C GLY B 61 -23.81 -30.97 -15.46
N VAL B 62 -22.72 -31.39 -14.81
CA VAL B 62 -22.30 -32.82 -14.75
C VAL B 62 -23.23 -33.56 -13.74
N LEU B 63 -23.55 -32.87 -12.65
CA LEU B 63 -24.48 -33.44 -11.61
C LEU B 63 -25.80 -32.66 -11.64
N VAL B 64 -26.87 -33.28 -11.09
CA VAL B 64 -28.20 -32.65 -10.87
C VAL B 64 -28.51 -32.84 -9.38
N SER B 65 -28.79 -31.74 -8.67
CA SER B 65 -29.12 -31.70 -7.21
C SER B 65 -30.63 -31.81 -6.99
N ASN B 66 -31.07 -32.71 -6.11
CA ASN B 66 -32.49 -32.83 -5.74
C ASN B 66 -32.56 -33.51 -4.37
N ASP B 67 -33.36 -32.97 -3.46
CA ASP B 67 -33.64 -33.64 -2.15
C ASP B 67 -32.31 -33.88 -1.41
N ASN B 68 -31.38 -32.93 -1.48
CA ASN B 68 -30.07 -32.97 -0.78
C ASN B 68 -29.24 -34.17 -1.26
N LYS B 69 -29.44 -34.61 -2.50
CA LYS B 69 -28.70 -35.72 -3.14
C LYS B 69 -28.28 -35.24 -4.55
N PHE B 70 -27.49 -36.06 -5.23
CA PHE B 70 -26.86 -35.73 -6.54
C PHE B 70 -26.96 -36.95 -7.45
N ARG B 71 -27.37 -36.73 -8.71
CA ARG B 71 -27.25 -37.76 -9.75
C ARG B 71 -26.37 -37.18 -10.89
N LEU B 72 -25.82 -38.05 -11.71
CA LEU B 72 -25.23 -37.64 -13.03
C LEU B 72 -26.35 -37.11 -13.92
N SER B 73 -26.08 -36.06 -14.72
CA SER B 73 -27.02 -35.62 -15.77
C SER B 73 -27.11 -36.77 -16.78
N ASP B 74 -28.19 -36.84 -17.56
CA ASP B 74 -28.40 -37.87 -18.61
C ASP B 74 -27.17 -37.92 -19.53
N GLU B 75 -26.69 -36.77 -19.97
CA GLU B 75 -25.52 -36.66 -20.89
C GLU B 75 -24.27 -37.27 -20.23
N CYS B 76 -24.12 -37.08 -18.92
CA CYS B 76 -22.91 -37.47 -18.15
C CYS B 76 -23.01 -38.89 -17.58
N HIS B 77 -23.99 -39.69 -17.99
CA HIS B 77 -24.15 -41.11 -17.55
C HIS B 77 -22.83 -41.85 -17.83
N VAL B 78 -22.12 -41.46 -18.88
CA VAL B 78 -20.87 -42.13 -19.33
C VAL B 78 -19.79 -42.13 -18.23
N PHE B 79 -19.75 -41.12 -17.36
CA PHE B 79 -18.75 -41.04 -16.26
C PHE B 79 -18.97 -42.17 -15.22
N ALA B 80 -20.12 -42.84 -15.23
CA ALA B 80 -20.37 -43.96 -14.28
C ALA B 80 -19.73 -45.26 -14.82
N ASN B 81 -19.25 -45.23 -16.06
CA ASN B 81 -18.69 -46.43 -16.74
C ASN B 81 -17.20 -46.18 -16.96
N PRO B 82 -16.30 -46.88 -16.23
CA PRO B 82 -14.87 -46.65 -16.40
C PRO B 82 -14.33 -47.13 -17.76
N GLU B 83 -15.14 -47.86 -18.54
CA GLU B 83 -14.78 -48.31 -19.92
C GLU B 83 -15.20 -47.29 -20.98
N SER B 84 -15.87 -46.18 -20.63
CA SER B 84 -16.40 -45.21 -21.62
C SER B 84 -15.22 -44.43 -22.22
N PHE B 85 -15.31 -44.02 -23.49
CA PHE B 85 -14.25 -43.18 -24.11
C PHE B 85 -14.06 -41.91 -23.27
N GLU B 86 -15.15 -41.33 -22.72
CA GLU B 86 -15.09 -40.09 -21.90
C GLU B 86 -14.20 -40.29 -20.67
N SER B 87 -14.25 -41.47 -20.02
CA SER B 87 -13.39 -41.79 -18.86
C SER B 87 -11.91 -41.76 -19.25
N PHE B 88 -11.51 -42.43 -20.33
CA PHE B 88 -10.11 -42.43 -20.84
C PHE B 88 -9.71 -41.03 -21.33
N MET B 89 -10.63 -40.28 -21.94
CA MET B 89 -10.38 -38.89 -22.40
C MET B 89 -9.97 -38.00 -21.21
N ILE B 90 -10.70 -37.98 -20.09
CA ILE B 90 -10.36 -37.04 -18.99
C ILE B 90 -9.09 -37.52 -18.28
N LYS B 91 -8.78 -38.83 -18.27
CA LYS B 91 -7.52 -39.37 -17.68
C LYS B 91 -6.29 -38.85 -18.43
N LEU B 92 -6.41 -38.72 -19.75
CA LEU B 92 -5.28 -38.23 -20.60
C LEU B 92 -5.25 -36.70 -20.62
N GLU B 93 -6.43 -36.06 -20.71
CA GLU B 93 -6.59 -34.61 -21.04
C GLU B 93 -5.71 -33.75 -20.11
N ILE B 94 -5.72 -34.00 -18.79
CA ILE B 94 -4.92 -33.18 -17.85
C ILE B 94 -3.83 -33.99 -17.14
N CYS B 95 -3.46 -35.17 -17.66
CA CYS B 95 -2.29 -35.95 -17.15
C CYS B 95 -1.04 -35.05 -17.22
N SER B 96 -0.04 -35.33 -16.39
CA SER B 96 1.19 -34.48 -16.30
C SER B 96 1.81 -34.31 -17.70
N HIS B 97 1.85 -35.36 -18.52
CA HIS B 97 2.51 -35.31 -19.85
C HIS B 97 1.81 -34.29 -20.75
N TYR B 98 0.47 -34.28 -20.78
CA TYR B 98 -0.29 -33.32 -21.64
C TYR B 98 -0.09 -31.91 -21.10
N SER B 99 -0.14 -31.74 -19.78
N SER B 99 -0.17 -31.74 -19.78
CA SER B 99 -0.02 -30.40 -19.16
CA SER B 99 0.01 -30.41 -19.13
C SER B 99 1.37 -29.80 -19.45
C SER B 99 1.37 -29.82 -19.55
N ASN B 100 2.44 -30.63 -19.41
CA ASN B 100 3.82 -30.17 -19.65
C ASN B 100 4.00 -29.85 -21.14
N ALA B 101 3.30 -30.57 -22.03
CA ALA B 101 3.28 -30.28 -23.49
C ALA B 101 2.64 -28.92 -23.71
N TRP B 102 1.48 -28.66 -23.09
CA TRP B 102 0.78 -27.35 -23.18
C TRP B 102 1.67 -26.21 -22.66
N LEU B 103 2.53 -26.44 -21.66
CA LEU B 103 3.40 -25.36 -21.09
C LEU B 103 4.53 -25.00 -22.08
N MET B 104 4.80 -25.88 -23.04
CA MET B 104 5.80 -25.65 -24.13
C MET B 104 5.12 -25.09 -25.39
N TYR B 105 3.79 -24.98 -25.43
CA TYR B 105 3.04 -24.62 -26.66
C TYR B 105 3.48 -23.23 -27.14
N GLY B 106 3.47 -22.23 -26.26
CA GLY B 106 3.86 -20.85 -26.63
C GLY B 106 5.27 -20.83 -27.17
N LYS B 107 6.20 -21.50 -26.48
CA LYS B 107 7.61 -21.54 -26.97
C LYS B 107 7.67 -22.31 -28.30
N SER B 108 6.89 -23.38 -28.46
CA SER B 108 6.87 -24.17 -29.72
C SER B 108 6.57 -23.27 -30.94
N LEU B 109 5.87 -22.14 -30.77
CA LEU B 109 5.36 -21.32 -31.90
C LEU B 109 6.49 -20.49 -32.52
N PHE B 110 7.62 -20.35 -31.84
CA PHE B 110 8.79 -19.54 -32.28
C PHE B 110 9.91 -20.44 -32.83
N GLU B 111 9.76 -21.76 -32.78
CA GLU B 111 10.75 -22.74 -33.32
C GLU B 111 10.30 -23.16 -34.73
N ASP B 112 11.24 -23.56 -35.58
N ASP B 112 11.25 -23.57 -35.57
CA ASP B 112 10.97 -24.06 -36.95
CA ASP B 112 10.99 -24.05 -36.95
C ASP B 112 11.83 -25.31 -37.21
C ASP B 112 11.81 -25.32 -37.21
N ASP B 113 11.99 -26.14 -36.18
CA ASP B 113 12.89 -27.33 -36.17
C ASP B 113 12.05 -28.61 -36.38
N GLY B 114 10.74 -28.45 -36.55
CA GLY B 114 9.82 -29.58 -36.74
C GLY B 114 9.56 -30.31 -35.42
N LYS B 115 9.80 -29.68 -34.26
CA LYS B 115 9.53 -30.35 -32.94
C LYS B 115 8.21 -29.86 -32.32
N SER B 116 7.31 -30.80 -32.00
CA SER B 116 6.05 -30.50 -31.27
C SER B 116 6.37 -30.04 -29.85
N ALA B 117 5.45 -29.28 -29.27
CA ALA B 117 5.42 -28.89 -27.84
C ALA B 117 5.64 -30.15 -26.97
N PHE B 118 5.03 -31.26 -27.36
CA PHE B 118 5.14 -32.56 -26.62
C PHE B 118 6.61 -33.00 -26.66
N GLU B 119 7.26 -32.94 -27.82
CA GLU B 119 8.67 -33.40 -27.95
C GLU B 119 9.60 -32.44 -27.19
N MET B 120 9.29 -31.13 -27.22
CA MET B 120 10.03 -30.10 -26.46
C MET B 120 9.95 -30.39 -24.96
N ALA B 121 8.78 -30.78 -24.49
CA ALA B 121 8.57 -31.16 -23.07
C ALA B 121 9.29 -32.48 -22.73
N HIS B 122 9.18 -33.51 -23.58
CA HIS B 122 9.42 -34.93 -23.19
C HIS B 122 10.59 -35.59 -23.92
N GLY B 123 11.14 -34.98 -24.99
CA GLY B 123 12.42 -35.38 -25.59
C GLY B 123 12.28 -36.31 -26.79
N ARG B 124 11.06 -36.73 -27.11
CA ARG B 124 10.72 -37.60 -28.27
C ARG B 124 9.36 -37.22 -28.82
N PRO B 125 9.06 -37.46 -30.11
CA PRO B 125 7.71 -37.28 -30.64
C PRO B 125 6.74 -38.23 -29.93
N PHE B 126 5.45 -37.92 -29.98
CA PHE B 126 4.36 -38.58 -29.21
C PHE B 126 4.49 -40.11 -29.28
N PHE B 127 4.41 -40.72 -30.47
CA PHE B 127 4.24 -42.20 -30.54
C PHE B 127 5.54 -42.89 -30.12
N GLU B 128 6.70 -42.28 -30.39
CA GLU B 128 8.00 -42.81 -29.92
C GLU B 128 8.04 -42.79 -28.38
N TYR B 129 7.60 -41.70 -27.75
CA TYR B 129 7.54 -41.56 -26.28
C TYR B 129 6.62 -42.65 -25.69
N LEU B 130 5.48 -42.92 -26.32
CA LEU B 130 4.50 -43.93 -25.81
C LEU B 130 5.14 -45.33 -25.77
N ASP B 131 6.17 -45.59 -26.58
CA ASP B 131 6.89 -46.90 -26.61
C ASP B 131 7.52 -47.16 -25.22
N GLY B 132 7.85 -46.11 -24.45
CA GLY B 132 8.54 -46.17 -23.16
C GLY B 132 7.63 -45.89 -21.97
N ASN B 133 6.33 -45.65 -22.18
CA ASN B 133 5.40 -45.17 -21.12
C ASN B 133 4.07 -45.95 -21.15
N LYS B 134 3.93 -46.93 -20.26
CA LYS B 134 2.75 -47.83 -20.19
C LYS B 134 1.47 -47.03 -19.90
N PHE B 135 1.49 -46.03 -19.01
CA PHE B 135 0.29 -45.22 -18.67
C PHE B 135 -0.23 -44.52 -19.94
N LEU B 136 0.62 -43.80 -20.66
CA LEU B 136 0.19 -43.10 -21.89
C LEU B 136 -0.23 -44.12 -22.94
N LYS B 137 0.56 -45.15 -23.17
CA LYS B 137 0.28 -46.13 -24.26
C LYS B 137 -1.07 -46.81 -24.02
N SER B 138 -1.27 -47.42 -22.85
CA SER B 138 -2.51 -48.19 -22.55
C SER B 138 -3.74 -47.27 -22.66
N ASN B 139 -3.71 -46.08 -22.05
CA ASN B 139 -4.88 -45.16 -22.01
C ASN B 139 -5.15 -44.57 -23.40
N PHE B 140 -4.12 -44.19 -24.15
CA PHE B 140 -4.32 -43.65 -25.51
C PHE B 140 -4.89 -44.74 -26.43
N ASP B 141 -4.31 -45.93 -26.43
CA ASP B 141 -4.78 -47.04 -27.29
C ASP B 141 -6.23 -47.38 -26.89
N ALA B 142 -6.56 -47.31 -25.60
CA ALA B 142 -7.93 -47.60 -25.09
C ALA B 142 -8.92 -46.55 -25.62
N LEU B 143 -8.57 -45.26 -25.56
CA LEU B 143 -9.41 -44.16 -26.10
C LEU B 143 -9.70 -44.44 -27.58
N MET B 144 -8.67 -44.74 -28.37
CA MET B 144 -8.82 -45.00 -29.83
C MET B 144 -9.72 -46.22 -30.03
N THR B 145 -9.52 -47.29 -29.27
CA THR B 145 -10.38 -48.51 -29.31
C THR B 145 -11.86 -48.14 -29.09
N ARG B 146 -12.16 -47.31 -28.08
CA ARG B 146 -13.56 -46.94 -27.70
C ARG B 146 -14.20 -46.11 -28.81
N VAL B 147 -13.50 -45.10 -29.36
CA VAL B 147 -14.10 -44.24 -30.43
C VAL B 147 -14.20 -45.06 -31.72
N SER B 148 -13.30 -46.02 -31.93
CA SER B 148 -13.40 -46.99 -33.07
C SER B 148 -14.69 -47.81 -32.90
N ASN B 149 -14.91 -48.41 -31.73
CA ASN B 149 -16.12 -49.22 -31.48
C ASN B 149 -17.40 -48.42 -31.84
N LEU B 150 -17.47 -47.14 -31.47
CA LEU B 150 -18.67 -46.28 -31.65
C LEU B 150 -18.96 -45.97 -33.13
N ILE B 151 -17.98 -46.03 -34.03
CA ILE B 151 -18.20 -45.62 -35.46
C ILE B 151 -18.47 -46.85 -36.35
N VAL B 152 -18.21 -48.08 -35.88
CA VAL B 152 -18.30 -49.33 -36.69
C VAL B 152 -19.67 -49.40 -37.37
N GLU B 153 -20.73 -49.23 -36.57
CA GLU B 153 -22.15 -49.35 -37.01
C GLU B 153 -22.42 -48.38 -38.16
N LYS B 154 -22.01 -47.12 -38.02
CA LYS B 154 -22.31 -46.06 -39.01
C LYS B 154 -21.49 -46.30 -40.29
N LEU B 155 -20.32 -46.92 -40.17
CA LEU B 155 -19.41 -47.27 -41.30
C LEU B 155 -20.04 -48.41 -42.11
N LEU B 156 -20.45 -49.50 -41.43
CA LEU B 156 -21.10 -50.66 -42.10
C LEU B 156 -22.38 -50.18 -42.80
N GLY B 157 -22.99 -49.11 -42.31
CA GLY B 157 -24.27 -48.54 -42.80
C GLY B 157 -24.13 -47.78 -44.12
N ILE B 158 -22.98 -47.16 -44.40
CA ILE B 158 -22.83 -46.22 -45.55
C ILE B 158 -21.89 -46.79 -46.62
N TYR B 159 -21.26 -47.95 -46.38
CA TYR B 159 -20.31 -48.56 -47.35
C TYR B 159 -20.46 -50.09 -47.34
N ASP B 160 -20.51 -50.67 -48.55
CA ASP B 160 -20.61 -52.14 -48.75
C ASP B 160 -19.21 -52.76 -48.61
N PHE B 161 -18.94 -53.42 -47.47
CA PHE B 161 -17.65 -54.11 -47.20
C PHE B 161 -17.67 -55.52 -47.80
N ASN B 162 -18.86 -56.01 -48.16
CA ASN B 162 -19.08 -57.37 -48.72
C ASN B 162 -18.46 -57.48 -50.11
N GLN B 163 -18.30 -56.37 -50.83
CA GLN B 163 -17.76 -56.38 -52.23
C GLN B 163 -16.25 -56.68 -52.22
N HIS B 164 -15.57 -56.53 -51.07
CA HIS B 164 -14.09 -56.62 -50.94
C HIS B 164 -13.68 -58.03 -50.47
N ASN B 165 -12.39 -58.35 -50.60
CA ASN B 165 -11.82 -59.69 -50.30
C ASN B 165 -10.68 -59.59 -49.28
N ARG B 166 -9.76 -58.64 -49.47
CA ARG B 166 -8.55 -58.47 -48.63
C ARG B 166 -8.52 -57.03 -48.09
N ILE B 167 -8.54 -56.89 -46.77
CA ILE B 167 -8.75 -55.58 -46.07
C ILE B 167 -7.58 -55.32 -45.12
N LEU B 168 -6.88 -54.19 -45.33
CA LEU B 168 -5.76 -53.73 -44.46
C LEU B 168 -6.14 -52.40 -43.80
N ASP B 169 -6.20 -52.40 -42.47
CA ASP B 169 -6.36 -51.18 -41.65
C ASP B 169 -4.97 -50.68 -41.26
N VAL B 170 -4.56 -49.55 -41.82
CA VAL B 170 -3.20 -48.98 -41.65
C VAL B 170 -3.19 -47.98 -40.48
N GLY B 171 -2.30 -48.19 -39.53
CA GLY B 171 -2.28 -47.45 -38.24
C GLY B 171 -3.51 -47.80 -37.42
N GLY B 172 -3.87 -49.09 -37.40
CA GLY B 172 -5.14 -49.59 -36.85
C GLY B 172 -5.11 -49.80 -35.35
N GLY B 173 -3.96 -49.57 -34.68
CA GLY B 173 -3.86 -49.65 -33.21
C GLY B 173 -4.12 -51.06 -32.68
N GLU B 174 -5.00 -51.21 -31.69
CA GLU B 174 -5.29 -52.53 -31.09
C GLU B 174 -6.13 -53.37 -32.06
N GLY B 175 -6.58 -52.78 -33.16
CA GLY B 175 -7.28 -53.49 -34.25
C GLY B 175 -8.78 -53.58 -34.04
N GLU B 176 -9.36 -52.74 -33.17
CA GLU B 176 -10.79 -52.76 -32.81
C GLU B 176 -11.68 -52.60 -34.04
N LEU B 177 -11.35 -51.68 -34.96
CA LEU B 177 -12.25 -51.42 -36.13
C LEU B 177 -12.46 -52.70 -36.94
N LEU B 178 -11.40 -53.41 -37.33
CA LEU B 178 -11.51 -54.62 -38.21
C LEU B 178 -11.95 -55.84 -37.39
N VAL B 179 -11.62 -55.91 -36.10
CA VAL B 179 -12.14 -57.02 -35.24
C VAL B 179 -13.67 -56.97 -35.27
N ARG B 180 -14.25 -55.77 -35.13
CA ARG B 180 -15.73 -55.60 -35.07
C ARG B 180 -16.31 -55.79 -36.48
N ILE B 181 -15.70 -55.21 -37.52
CA ILE B 181 -16.19 -55.38 -38.91
C ILE B 181 -16.20 -56.87 -39.25
N SER B 182 -15.17 -57.63 -38.84
CA SER B 182 -15.00 -59.06 -39.20
C SER B 182 -16.10 -59.92 -38.55
N GLU B 183 -16.76 -59.41 -37.50
CA GLU B 183 -17.87 -60.12 -36.82
C GLU B 183 -19.18 -59.95 -37.61
N LYS B 184 -19.26 -58.94 -38.48
CA LYS B 184 -20.46 -58.62 -39.31
C LYS B 184 -20.24 -59.06 -40.77
N VAL B 185 -19.01 -58.93 -41.27
CA VAL B 185 -18.59 -59.21 -42.68
C VAL B 185 -17.59 -60.35 -42.66
N LYS B 186 -18.08 -61.60 -42.72
CA LYS B 186 -17.27 -62.84 -42.50
C LYS B 186 -16.67 -63.30 -43.84
N GLY B 187 -15.71 -64.23 -43.78
CA GLY B 187 -15.15 -64.93 -44.94
C GLY B 187 -14.14 -64.09 -45.72
N LYS B 188 -13.72 -62.94 -45.19
CA LYS B 188 -12.74 -62.03 -45.84
C LYS B 188 -11.36 -62.23 -45.20
N HIS B 189 -10.31 -61.65 -45.77
CA HIS B 189 -8.97 -61.59 -45.13
C HIS B 189 -8.79 -60.22 -44.46
N TYR B 190 -8.47 -60.24 -43.16
CA TYR B 190 -8.35 -59.04 -42.29
C TYR B 190 -6.91 -58.93 -41.78
N ALA B 191 -6.27 -57.78 -42.04
CA ALA B 191 -4.92 -57.44 -41.55
C ALA B 191 -4.94 -56.03 -40.94
N VAL B 192 -4.09 -55.82 -39.94
CA VAL B 192 -3.93 -54.53 -39.21
C VAL B 192 -2.43 -54.23 -39.13
N LEU B 193 -2.02 -53.07 -39.64
CA LEU B 193 -0.61 -52.59 -39.60
C LEU B 193 -0.48 -51.45 -38.58
N ASP B 194 0.48 -51.56 -37.67
CA ASP B 194 0.85 -50.50 -36.71
C ASP B 194 2.29 -50.75 -36.27
N ARG B 195 2.77 -50.02 -35.26
CA ARG B 195 4.11 -50.21 -34.66
C ARG B 195 3.98 -51.11 -33.44
N TYR B 196 4.43 -52.35 -33.54
CA TYR B 196 4.27 -53.38 -32.49
C TYR B 196 5.64 -53.91 -32.07
N SER B 197 5.95 -53.83 -30.76
CA SER B 197 7.13 -54.49 -30.14
C SER B 197 6.84 -55.98 -29.98
N GLU B 198 5.63 -56.31 -29.53
CA GLU B 198 5.06 -57.68 -29.58
C GLU B 198 3.75 -57.61 -30.36
N LEU B 199 3.49 -58.59 -31.23
CA LEU B 199 2.28 -58.60 -32.10
C LEU B 199 1.05 -58.91 -31.26
N PRO B 200 -0.04 -58.13 -31.39
CA PRO B 200 -1.32 -58.50 -30.79
C PRO B 200 -1.84 -59.81 -31.39
N VAL B 201 -2.69 -60.54 -30.66
CA VAL B 201 -3.30 -61.84 -31.10
C VAL B 201 -4.81 -61.67 -31.12
N SER B 202 -5.44 -62.01 -32.25
CA SER B 202 -6.93 -62.03 -32.40
C SER B 202 -7.30 -62.96 -33.57
N ASP B 203 -8.28 -63.85 -33.36
CA ASP B 203 -8.73 -64.85 -34.37
C ASP B 203 -8.99 -64.15 -35.71
N ASN B 204 -8.46 -64.72 -36.80
CA ASN B 204 -8.60 -64.28 -38.22
C ASN B 204 -8.27 -62.79 -38.40
N ILE B 205 -7.31 -62.27 -37.63
CA ILE B 205 -6.66 -60.95 -37.88
C ILE B 205 -5.15 -61.17 -38.04
N ASP B 206 -4.56 -60.65 -39.12
CA ASP B 206 -3.09 -60.65 -39.34
C ASP B 206 -2.54 -59.31 -38.87
N PHE B 207 -1.84 -59.30 -37.73
CA PHE B 207 -1.20 -58.08 -37.16
C PHE B 207 0.19 -57.97 -37.77
N ILE B 208 0.46 -56.84 -38.43
CA ILE B 208 1.73 -56.54 -39.16
C ILE B 208 2.44 -55.41 -38.43
N ASN B 209 3.67 -55.63 -38.00
CA ASN B 209 4.59 -54.56 -37.56
C ASN B 209 5.14 -53.85 -38.80
N GLY B 210 4.87 -52.55 -38.95
CA GLY B 210 5.20 -51.79 -40.17
C GLY B 210 5.44 -50.33 -39.87
N ASN B 211 5.70 -49.54 -40.93
CA ASN B 211 5.92 -48.08 -40.83
C ASN B 211 5.33 -47.44 -42.09
N PHE B 212 4.18 -46.79 -41.98
CA PHE B 212 3.43 -46.25 -43.15
C PHE B 212 4.21 -45.09 -43.80
N LEU B 213 5.25 -44.54 -43.15
CA LEU B 213 6.13 -43.49 -43.74
C LEU B 213 7.08 -44.12 -44.76
N ASN B 214 7.42 -45.41 -44.56
CA ASN B 214 8.39 -46.15 -45.40
C ASN B 214 7.66 -46.83 -46.56
N SER B 215 6.61 -47.60 -46.25
N SER B 215 6.63 -47.62 -46.26
CA SER B 215 5.89 -48.43 -47.26
CA SER B 215 5.86 -48.35 -47.31
C SER B 215 4.52 -48.87 -46.74
C SER B 215 4.53 -48.88 -46.75
N ILE B 216 3.57 -49.06 -47.67
CA ILE B 216 2.28 -49.77 -47.44
C ILE B 216 2.35 -51.05 -48.26
N PRO B 217 2.07 -52.24 -47.69
CA PRO B 217 2.14 -53.47 -48.48
C PRO B 217 1.06 -53.49 -49.56
N SER B 218 1.39 -54.05 -50.72
CA SER B 218 0.46 -54.24 -51.85
C SER B 218 -0.33 -55.54 -51.62
N GLY B 219 -1.40 -55.73 -52.41
CA GLY B 219 -2.14 -57.00 -52.52
C GLY B 219 -3.42 -56.99 -51.70
N TYR B 220 -3.92 -55.81 -51.32
CA TYR B 220 -5.25 -55.61 -50.68
C TYR B 220 -6.14 -54.82 -51.63
N ASP B 221 -7.44 -55.13 -51.68
CA ASP B 221 -8.41 -54.40 -52.54
C ASP B 221 -9.07 -53.30 -51.71
N LEU B 222 -9.06 -53.43 -50.37
CA LEU B 222 -9.54 -52.34 -49.46
C LEU B 222 -8.45 -51.98 -48.46
N TYR B 223 -8.17 -50.68 -48.38
CA TYR B 223 -7.23 -50.05 -47.42
C TYR B 223 -8.07 -49.09 -46.56
N ILE B 224 -7.78 -49.03 -45.26
CA ILE B 224 -8.44 -48.08 -44.32
C ILE B 224 -7.35 -47.24 -43.64
N LEU B 225 -7.56 -45.93 -43.56
CA LEU B 225 -6.70 -44.99 -42.81
C LEU B 225 -7.59 -44.08 -41.96
N LYS B 226 -7.85 -44.49 -40.72
CA LYS B 226 -8.74 -43.76 -39.79
C LYS B 226 -7.90 -42.96 -38.79
N ASN B 227 -8.17 -41.64 -38.67
CA ASN B 227 -7.63 -40.74 -37.62
C ASN B 227 -6.10 -40.86 -37.54
N VAL B 228 -5.45 -40.86 -38.70
CA VAL B 228 -3.96 -40.89 -38.78
C VAL B 228 -3.48 -39.52 -39.27
N LEU B 229 -4.06 -38.95 -40.32
CA LEU B 229 -3.46 -37.75 -40.98
C LEU B 229 -3.49 -36.56 -40.02
N ASN B 230 -4.38 -36.56 -39.04
CA ASN B 230 -4.47 -35.45 -38.05
C ASN B 230 -3.18 -35.39 -37.21
N ASN B 231 -2.39 -36.47 -37.19
CA ASN B 231 -1.13 -36.55 -36.40
C ASN B 231 0.10 -36.13 -37.24
N TRP B 232 -0.08 -35.63 -38.47
CA TRP B 232 1.03 -35.45 -39.43
C TRP B 232 0.93 -34.09 -40.15
N SER B 233 2.08 -33.54 -40.54
CA SER B 233 2.19 -32.34 -41.42
C SER B 233 1.60 -32.66 -42.79
N ASP B 234 1.36 -31.63 -43.60
CA ASP B 234 0.90 -31.74 -45.01
C ASP B 234 1.89 -32.59 -45.81
N SER B 235 3.19 -32.34 -45.64
CA SER B 235 4.29 -33.07 -46.31
C SER B 235 4.26 -34.57 -45.96
N ASP B 236 4.18 -34.90 -44.67
CA ASP B 236 4.16 -36.31 -44.19
C ASP B 236 2.84 -36.97 -44.62
N SER B 237 1.73 -36.22 -44.62
CA SER B 237 0.41 -36.68 -45.11
C SER B 237 0.49 -37.07 -46.59
N ILE B 238 1.08 -36.22 -47.44
CA ILE B 238 1.25 -36.52 -48.89
C ILE B 238 2.11 -37.80 -49.01
N LEU B 239 3.21 -37.91 -48.26
CA LEU B 239 4.12 -39.09 -48.26
C LEU B 239 3.32 -40.37 -47.99
N ILE B 240 2.53 -40.39 -46.91
CA ILE B 240 1.66 -41.54 -46.53
C ILE B 240 0.73 -41.89 -47.72
N LEU B 241 0.05 -40.89 -48.27
CA LEU B 241 -0.93 -41.12 -49.37
C LEU B 241 -0.20 -41.60 -50.64
N GLU B 242 0.99 -41.06 -50.92
CA GLU B 242 1.84 -41.54 -52.04
C GLU B 242 2.17 -43.02 -51.84
N ASN B 243 2.49 -43.44 -50.61
CA ASN B 243 2.82 -44.85 -50.29
C ASN B 243 1.59 -45.73 -50.56
N PHE B 244 0.37 -45.21 -50.33
CA PHE B 244 -0.91 -45.89 -50.68
C PHE B 244 -1.02 -46.05 -52.21
N ARG B 245 -0.77 -44.97 -52.97
CA ARG B 245 -0.88 -44.98 -54.45
C ARG B 245 0.05 -46.08 -55.01
N LYS B 246 1.26 -46.19 -54.48
CA LYS B 246 2.28 -47.17 -54.93
C LYS B 246 1.83 -48.60 -54.61
N ALA B 247 1.10 -48.80 -53.50
CA ALA B 247 0.61 -50.12 -53.03
C ALA B 247 -0.63 -50.57 -53.81
N MET B 248 -1.43 -49.61 -54.31
CA MET B 248 -2.76 -49.86 -54.91
C MET B 248 -2.66 -50.13 -56.42
N ASP B 249 -3.62 -50.87 -56.96
CA ASP B 249 -3.82 -51.03 -58.43
C ASP B 249 -5.14 -50.34 -58.79
N LYS B 250 -5.56 -50.43 -60.05
CA LYS B 250 -6.71 -49.67 -60.63
C LYS B 250 -8.01 -50.10 -59.93
N ASN B 251 -8.04 -51.30 -59.34
CA ASN B 251 -9.26 -51.91 -58.73
C ASN B 251 -9.30 -51.66 -57.22
N SER B 252 -8.22 -51.13 -56.63
CA SER B 252 -8.05 -50.92 -55.16
C SER B 252 -8.89 -49.72 -54.70
N SER B 253 -9.37 -49.75 -53.45
CA SER B 253 -10.03 -48.59 -52.78
C SER B 253 -9.34 -48.29 -51.45
N LEU B 254 -9.18 -47.00 -51.13
CA LEU B 254 -8.68 -46.49 -49.83
C LEU B 254 -9.81 -45.69 -49.16
N LEU B 255 -10.23 -46.10 -47.95
CA LEU B 255 -11.18 -45.32 -47.11
C LEU B 255 -10.37 -44.41 -46.17
N LEU B 256 -10.39 -43.11 -46.45
CA LEU B 256 -9.79 -42.04 -45.62
C LEU B 256 -10.88 -41.50 -44.68
N ILE B 257 -10.76 -41.83 -43.40
CA ILE B 257 -11.80 -41.61 -42.34
C ILE B 257 -11.19 -40.77 -41.22
N ASN B 258 -11.74 -39.58 -40.97
CA ASN B 258 -11.14 -38.59 -40.03
C ASN B 258 -12.22 -37.73 -39.41
N MET B 259 -12.01 -37.37 -38.14
CA MET B 259 -12.57 -36.15 -37.52
C MET B 259 -12.36 -35.02 -38.53
N VAL B 260 -13.40 -34.24 -38.84
CA VAL B 260 -13.33 -33.19 -39.90
C VAL B 260 -13.66 -31.82 -39.29
N LYS B 261 -12.94 -30.79 -39.77
CA LYS B 261 -13.07 -29.37 -39.31
C LYS B 261 -14.23 -28.72 -40.05
N GLU B 262 -15.32 -28.41 -39.34
CA GLU B 262 -16.50 -27.64 -39.83
C GLU B 262 -16.64 -26.36 -39.00
N PRO B 263 -17.02 -25.21 -39.62
CA PRO B 263 -17.01 -23.92 -38.94
C PRO B 263 -17.89 -23.84 -37.67
N GLU B 264 -18.93 -24.67 -37.59
CA GLU B 264 -19.94 -24.67 -36.49
C GLU B 264 -19.33 -25.23 -35.19
N PHE B 265 -18.22 -25.96 -35.29
CA PHE B 265 -17.65 -26.76 -34.17
C PHE B 265 -16.34 -26.13 -33.70
N SER B 266 -15.95 -26.48 -32.48
CA SER B 266 -14.80 -25.88 -31.77
C SER B 266 -13.47 -26.16 -32.51
N ARG B 267 -12.55 -25.22 -32.40
CA ARG B 267 -11.15 -25.34 -32.89
C ARG B 267 -10.24 -25.97 -31.82
N SER B 268 -10.76 -26.33 -30.62
CA SER B 268 -9.87 -26.79 -29.53
C SER B 268 -9.09 -28.04 -29.99
N PHE B 269 -9.70 -28.95 -30.74
CA PHE B 269 -9.06 -30.22 -31.17
C PHE B 269 -7.91 -29.91 -32.17
N ASP B 270 -8.13 -28.91 -33.00
CA ASP B 270 -7.10 -28.46 -34.00
C ASP B 270 -5.83 -28.03 -33.23
N ILE B 271 -6.01 -27.32 -32.10
CA ILE B 271 -4.89 -26.83 -31.28
C ILE B 271 -4.21 -28.01 -30.59
N LEU B 272 -4.98 -28.96 -30.03
CA LEU B 272 -4.39 -30.16 -29.42
C LEU B 272 -3.50 -30.90 -30.43
N MET B 273 -3.97 -31.07 -31.67
CA MET B 273 -3.20 -31.75 -32.75
C MET B 273 -1.89 -30.97 -32.99
N ASP B 274 -1.90 -29.64 -32.91
CA ASP B 274 -0.64 -28.84 -33.02
C ASP B 274 0.29 -29.19 -31.85
N VAL B 275 -0.25 -29.14 -30.63
CA VAL B 275 0.56 -29.36 -29.39
C VAL B 275 1.18 -30.76 -29.40
N LEU B 276 0.39 -31.79 -29.73
CA LEU B 276 0.84 -33.19 -29.55
C LEU B 276 1.70 -33.65 -30.73
N PHE B 277 1.52 -33.12 -31.95
CA PHE B 277 1.97 -33.82 -33.19
C PHE B 277 2.58 -32.85 -34.21
N LEU B 278 2.43 -31.54 -34.02
CA LEU B 278 2.48 -30.55 -35.15
C LEU B 278 1.51 -31.05 -36.23
N GLY B 279 0.38 -31.62 -35.81
CA GLY B 279 -0.70 -32.05 -36.70
C GLY B 279 -1.73 -30.96 -36.87
N LYS B 280 -2.87 -31.29 -37.48
CA LYS B 280 -3.98 -30.31 -37.64
C LYS B 280 -5.26 -31.06 -37.95
N GLU B 281 -6.40 -30.43 -37.68
CA GLU B 281 -7.72 -30.97 -38.11
C GLU B 281 -8.05 -30.29 -39.43
N ARG B 282 -8.24 -31.09 -40.48
CA ARG B 282 -8.44 -30.60 -41.87
C ARG B 282 -9.91 -30.66 -42.24
N SER B 283 -10.32 -29.75 -43.13
CA SER B 283 -11.61 -29.72 -43.84
C SER B 283 -11.58 -30.76 -44.96
N PHE B 284 -12.76 -31.09 -45.53
N PHE B 284 -12.74 -31.09 -45.53
CA PHE B 284 -12.92 -31.94 -46.72
CA PHE B 284 -12.83 -32.00 -46.71
C PHE B 284 -12.00 -31.43 -47.84
C PHE B 284 -11.97 -31.44 -47.85
N THR B 285 -12.05 -30.13 -48.11
CA THR B 285 -11.27 -29.41 -49.15
C THR B 285 -9.77 -29.74 -49.01
N GLU B 286 -9.24 -29.64 -47.79
CA GLU B 286 -7.79 -29.85 -47.47
C GLU B 286 -7.42 -31.33 -47.65
N PHE B 287 -8.29 -32.27 -47.27
CA PHE B 287 -8.06 -33.71 -47.47
C PHE B 287 -7.96 -33.98 -48.99
N GLU B 288 -8.87 -33.38 -49.76
CA GLU B 288 -8.95 -33.56 -51.24
C GLU B 288 -7.66 -33.05 -51.90
N TYR B 289 -7.14 -31.90 -51.44
CA TYR B 289 -5.86 -31.31 -51.94
C TYR B 289 -4.71 -32.29 -51.71
N LEU B 290 -4.56 -32.82 -50.49
CA LEU B 290 -3.44 -33.75 -50.14
C LEU B 290 -3.53 -35.02 -50.99
N ALA B 291 -4.75 -35.57 -51.17
CA ALA B 291 -5.01 -36.79 -51.96
C ALA B 291 -4.63 -36.53 -53.42
N ASN B 292 -5.03 -35.38 -53.98
CA ASN B 292 -4.72 -34.97 -55.38
C ASN B 292 -3.20 -34.91 -55.58
N GLN B 293 -2.48 -34.27 -54.65
CA GLN B 293 -1.00 -34.11 -54.70
C GLN B 293 -0.32 -35.49 -54.75
N ALA B 294 -0.89 -36.48 -54.04
CA ALA B 294 -0.38 -37.86 -53.93
C ALA B 294 -0.75 -38.68 -55.18
N GLY B 295 -1.56 -38.13 -56.09
CA GLY B 295 -2.01 -38.80 -57.34
C GLY B 295 -3.20 -39.71 -57.10
N LEU B 296 -4.07 -39.32 -56.16
CA LEU B 296 -5.32 -40.06 -55.83
C LEU B 296 -6.51 -39.16 -56.17
N VAL B 297 -7.67 -39.75 -56.47
CA VAL B 297 -8.90 -39.03 -56.88
C VAL B 297 -10.06 -39.48 -55.97
N VAL B 298 -10.93 -38.54 -55.60
CA VAL B 298 -12.11 -38.76 -54.73
C VAL B 298 -13.21 -39.43 -55.56
N GLN B 299 -13.64 -40.63 -55.18
CA GLN B 299 -14.74 -41.38 -55.87
C GLN B 299 -16.07 -41.13 -55.15
N GLU B 300 -16.02 -40.78 -53.86
CA GLU B 300 -17.21 -40.75 -52.96
C GLU B 300 -16.83 -39.98 -51.69
N THR B 301 -17.69 -39.08 -51.23
CA THR B 301 -17.58 -38.36 -49.92
C THR B 301 -18.90 -38.46 -49.15
N LYS B 302 -18.84 -38.78 -47.85
CA LYS B 302 -20.00 -38.77 -46.92
C LYS B 302 -19.55 -38.14 -45.60
N VAL B 303 -20.50 -37.53 -44.88
CA VAL B 303 -20.31 -37.04 -43.49
C VAL B 303 -21.00 -38.03 -42.56
N ILE B 304 -20.30 -38.49 -41.52
CA ILE B 304 -20.83 -39.37 -40.43
C ILE B 304 -21.01 -38.47 -39.20
N ASP B 305 -22.23 -38.41 -38.64
CA ASP B 305 -22.53 -37.65 -37.41
C ASP B 305 -22.24 -38.53 -36.19
N GLN B 306 -21.12 -38.29 -35.52
CA GLN B 306 -20.83 -38.83 -34.17
C GLN B 306 -21.26 -37.76 -33.15
N SER B 307 -21.53 -38.14 -31.92
CA SER B 307 -22.15 -37.21 -30.93
C SER B 307 -21.24 -35.97 -30.77
N TYR B 308 -19.92 -36.18 -30.76
CA TYR B 308 -18.91 -35.19 -30.35
C TYR B 308 -18.29 -34.47 -31.56
N SER B 309 -18.39 -35.04 -32.76
CA SER B 309 -17.80 -34.42 -33.97
C SER B 309 -18.43 -34.97 -35.25
N PRO B 310 -18.45 -34.16 -36.33
CA PRO B 310 -18.67 -34.72 -37.66
C PRO B 310 -17.41 -35.54 -38.00
N TYR B 311 -17.59 -36.56 -38.84
CA TYR B 311 -16.49 -37.34 -39.48
C TYR B 311 -16.60 -37.20 -41.00
N SER B 312 -15.46 -37.08 -41.65
CA SER B 312 -15.31 -37.18 -43.12
C SER B 312 -15.10 -38.66 -43.48
N PHE B 313 -15.90 -39.16 -44.42
CA PHE B 313 -15.69 -40.47 -45.10
C PHE B 313 -15.34 -40.16 -46.55
N ILE B 314 -14.10 -40.44 -46.96
CA ILE B 314 -13.57 -40.17 -48.33
C ILE B 314 -13.05 -41.49 -48.92
N LYS B 315 -13.68 -41.96 -49.99
CA LYS B 315 -13.21 -43.12 -50.80
C LYS B 315 -12.28 -42.63 -51.93
N LEU B 316 -11.01 -43.06 -51.91
CA LEU B 316 -9.97 -42.66 -52.89
C LEU B 316 -9.58 -43.85 -53.78
N GLN B 317 -9.25 -43.56 -55.03
CA GLN B 317 -8.68 -44.54 -56.01
C GLN B 317 -7.57 -43.82 -56.78
N ILE B 318 -6.65 -44.58 -57.38
CA ILE B 318 -5.49 -44.04 -58.15
C ILE B 318 -6.06 -43.33 -59.37
N LYS B 319 -5.42 -42.22 -59.78
CA LYS B 319 -5.84 -41.41 -60.96
C LYS B 319 -5.70 -42.28 -62.23
N SER C 1 28.94 27.00 63.74
CA SER C 1 29.40 25.64 64.14
C SER C 1 29.13 24.66 63.00
N MET C 2 29.48 23.39 63.20
CA MET C 2 29.13 22.33 62.23
C MET C 2 27.60 22.18 62.21
N LEU C 3 26.92 22.13 63.36
CA LEU C 3 25.45 21.85 63.37
C LEU C 3 24.69 23.01 62.71
N THR C 4 25.02 24.27 63.00
CA THR C 4 24.29 25.44 62.43
C THR C 4 24.56 25.53 60.92
N GLU C 5 25.74 25.14 60.46
CA GLU C 5 26.05 25.18 58.99
C GLU C 5 25.34 23.99 58.30
N LEU C 6 25.09 22.88 59.00
CA LEU C 6 24.31 21.75 58.44
C LEU C 6 22.83 22.15 58.35
N ILE C 7 22.29 22.82 59.38
CA ILE C 7 20.90 23.39 59.37
C ILE C 7 20.80 24.34 58.17
N ALA C 8 21.87 25.09 57.90
CA ALA C 8 21.98 26.09 56.83
C ALA C 8 22.47 25.48 55.51
N SER C 9 22.38 24.15 55.34
CA SER C 9 22.80 23.45 54.09
C SER C 9 22.11 24.09 52.87
N ASN C 10 20.83 24.45 52.97
CA ASN C 10 20.04 25.11 51.89
C ASN C 10 20.82 26.28 51.26
N ARG C 11 21.60 27.03 52.03
CA ARG C 11 22.28 28.26 51.56
C ARG C 11 23.30 27.95 50.44
N ARG C 12 23.88 26.74 50.46
CA ARG C 12 24.84 26.27 49.43
C ARG C 12 24.09 26.13 48.09
N SER C 13 22.96 25.41 48.10
CA SER C 13 22.07 25.19 46.93
C SER C 13 21.63 26.55 46.36
N ALA C 14 21.23 27.50 47.22
CA ALA C 14 20.65 28.80 46.81
C ALA C 14 21.73 29.68 46.17
N ALA C 15 22.96 29.62 46.69
CA ALA C 15 24.13 30.38 46.18
C ALA C 15 24.48 29.88 44.78
N ILE C 16 24.55 28.57 44.59
CA ILE C 16 24.80 27.95 43.27
C ILE C 16 23.67 28.39 42.31
N HIS C 17 22.41 28.32 42.75
CA HIS C 17 21.21 28.71 41.94
C HIS C 17 21.38 30.14 41.43
N ALA C 18 21.67 31.11 42.31
CA ALA C 18 21.83 32.54 41.95
C ALA C 18 22.94 32.69 40.89
N PHE C 19 24.04 31.96 41.02
CA PHE C 19 25.23 32.01 40.13
C PHE C 19 24.90 31.41 38.75
N VAL C 20 24.18 30.29 38.72
CA VAL C 20 23.91 29.52 37.46
C VAL C 20 22.63 30.06 36.78
N ASP C 21 21.52 30.15 37.51
CA ASP C 21 20.18 30.47 36.95
C ASP C 21 20.20 31.84 36.27
N THR C 22 21.06 32.76 36.72
CA THR C 22 21.20 34.13 36.16
C THR C 22 22.04 34.10 34.87
N GLY C 23 22.76 33.00 34.62
CA GLY C 23 23.72 32.88 33.52
C GLY C 23 25.07 33.52 33.82
N LEU C 24 25.30 34.04 35.04
CA LEU C 24 26.61 34.65 35.43
C LEU C 24 27.74 33.64 35.20
N SER C 25 27.49 32.36 35.53
CA SER C 25 28.45 31.24 35.44
C SER C 25 28.87 30.98 33.98
N THR C 26 28.10 31.44 32.99
CA THR C 26 28.39 31.26 31.55
C THR C 26 29.53 32.19 31.12
N HIS C 27 30.01 33.07 32.01
CA HIS C 27 31.16 33.97 31.76
C HIS C 27 32.48 33.30 32.14
N PHE C 28 32.43 32.06 32.64
CA PHE C 28 33.59 31.33 33.22
C PHE C 28 33.93 30.10 32.36
N LYS C 29 33.72 30.20 31.04
CA LYS C 29 33.96 29.08 30.08
C LYS C 29 35.46 28.81 29.95
N ASP C 30 35.85 27.55 29.81
CA ASP C 30 37.22 27.11 29.43
C ASP C 30 38.22 27.43 30.55
N GLY C 31 37.77 27.42 31.81
CA GLY C 31 38.63 27.59 33.00
C GLY C 31 39.37 28.92 33.02
N ILE C 32 38.84 29.96 32.38
CA ILE C 32 39.43 31.33 32.38
C ILE C 32 39.26 31.97 33.76
N TYR C 33 40.16 32.88 34.10
CA TYR C 33 40.09 33.76 35.30
C TYR C 33 39.26 35.01 34.94
N VAL C 34 38.25 35.31 35.75
CA VAL C 34 37.32 36.46 35.54
C VAL C 34 37.66 37.56 36.55
N ASP C 35 37.76 38.80 36.08
CA ASP C 35 37.87 40.03 36.90
C ASP C 35 36.45 40.52 37.19
N ILE C 36 36.00 40.49 38.44
CA ILE C 36 34.59 40.76 38.82
C ILE C 36 34.27 42.24 38.56
N SER C 37 35.25 43.14 38.63
CA SER C 37 35.07 44.56 38.26
C SER C 37 34.73 44.67 36.76
N GLU C 38 35.41 43.89 35.90
CA GLU C 38 35.10 43.85 34.44
C GLU C 38 33.71 43.23 34.22
N LEU C 39 33.43 42.09 34.86
CA LEU C 39 32.13 41.39 34.73
C LEU C 39 30.97 42.32 35.13
N SER C 40 31.13 43.08 36.22
CA SER C 40 30.13 44.07 36.72
C SER C 40 29.86 45.15 35.66
N ARG C 41 30.92 45.74 35.12
CA ARG C 41 30.88 46.80 34.06
C ARG C 41 30.08 46.28 32.87
N LYS C 42 30.31 45.02 32.48
CA LYS C 42 29.76 44.39 31.25
C LYS C 42 28.30 43.99 31.45
N SER C 43 27.98 43.30 32.57
CA SER C 43 26.67 42.64 32.82
C SER C 43 25.74 43.49 33.70
N GLY C 44 26.29 44.45 34.46
CA GLY C 44 25.54 45.33 35.39
C GLY C 44 25.27 44.66 36.73
N VAL C 45 25.93 43.53 37.01
CA VAL C 45 25.84 42.85 38.34
C VAL C 45 26.58 43.74 39.35
N ASN C 46 26.07 43.79 40.59
CA ASN C 46 26.68 44.60 41.68
C ASN C 46 28.06 43.99 42.03
N TYR C 47 29.12 44.79 41.93
CA TYR C 47 30.52 44.33 42.13
C TYR C 47 30.69 43.77 43.55
N ALA C 48 30.44 44.61 44.56
CA ALA C 48 30.71 44.30 45.99
C ALA C 48 29.88 43.10 46.43
N ARG C 49 28.59 43.06 46.06
CA ARG C 49 27.64 42.00 46.50
C ARG C 49 27.95 40.70 45.74
N PHE C 50 28.31 40.79 44.45
CA PHE C 50 28.67 39.58 43.67
C PHE C 50 30.02 39.06 44.17
N SER C 51 30.95 39.94 44.56
CA SER C 51 32.30 39.54 45.08
C SER C 51 32.12 38.71 46.35
N ARG C 52 31.17 39.08 47.22
CA ARG C 52 30.85 38.32 48.45
C ARG C 52 30.30 36.93 48.07
N LEU C 53 29.42 36.83 47.07
CA LEU C 53 28.87 35.51 46.63
C LEU C 53 30.02 34.63 46.11
N CYS C 54 30.98 35.23 45.38
CA CYS C 54 32.14 34.50 44.82
C CYS C 54 32.97 33.91 45.97
N ASP C 55 33.19 34.67 47.05
CA ASP C 55 33.96 34.23 48.24
C ASP C 55 33.27 32.99 48.86
N PHE C 56 31.94 32.97 48.93
CA PHE C 56 31.17 31.80 49.43
C PHE C 56 31.35 30.63 48.45
N LEU C 57 31.37 30.93 47.14
CA LEU C 57 31.53 29.88 46.10
C LEU C 57 32.95 29.29 46.18
N VAL C 58 33.95 30.12 46.52
CA VAL C 58 35.35 29.63 46.76
C VAL C 58 35.33 28.69 47.96
N GLU C 59 34.72 29.09 49.07
CA GLU C 59 34.59 28.25 50.30
C GLU C 59 34.01 26.88 49.93
N MET C 60 32.97 26.87 49.08
N MET C 60 32.99 26.86 49.06
CA MET C 60 32.24 25.65 48.64
CA MET C 60 32.24 25.64 48.65
C MET C 60 33.10 24.80 47.68
C MET C 60 33.05 24.83 47.61
N GLY C 61 34.11 25.41 47.06
CA GLY C 61 35.00 24.73 46.08
C GLY C 61 34.44 24.82 44.66
N VAL C 62 33.44 25.67 44.43
CA VAL C 62 32.84 25.90 43.08
C VAL C 62 33.78 26.80 42.28
N LEU C 63 34.32 27.84 42.91
CA LEU C 63 35.29 28.79 42.30
C LEU C 63 36.67 28.60 42.95
N VAL C 64 37.72 28.98 42.22
CA VAL C 64 39.13 29.05 42.72
C VAL C 64 39.54 30.51 42.59
N SER C 65 40.18 31.05 43.63
CA SER C 65 40.58 32.48 43.73
C SER C 65 42.11 32.60 43.67
N ASN C 66 42.62 33.44 42.76
CA ASN C 66 44.05 33.79 42.62
C ASN C 66 44.16 35.23 42.13
N ASP C 67 44.87 36.08 42.87
CA ASP C 67 45.20 37.48 42.48
C ASP C 67 43.91 38.24 42.17
N ASN C 68 42.90 38.10 43.02
CA ASN C 68 41.64 38.88 42.99
C ASN C 68 40.87 38.61 41.69
N LYS C 69 41.05 37.41 41.12
CA LYS C 69 40.25 36.90 39.97
C LYS C 69 39.74 35.51 40.34
N PHE C 70 38.67 35.06 39.69
CA PHE C 70 37.96 33.79 40.00
C PHE C 70 37.85 32.96 38.71
N ARG C 71 38.11 31.66 38.83
CA ARG C 71 37.81 30.65 37.76
C ARG C 71 36.94 29.56 38.37
N LEU C 72 36.14 28.89 37.54
CA LEU C 72 35.43 27.65 37.94
C LEU C 72 36.48 26.59 38.25
N SER C 73 36.24 25.76 39.27
CA SER C 73 37.05 24.55 39.54
C SER C 73 36.94 23.61 38.33
N ASP C 74 37.91 22.70 38.17
CA ASP C 74 37.92 21.68 37.08
C ASP C 74 36.59 20.93 37.09
N GLU C 75 36.14 20.48 38.26
CA GLU C 75 34.91 19.66 38.46
C GLU C 75 33.68 20.48 38.03
N CYS C 76 33.67 21.78 38.30
CA CYS C 76 32.50 22.68 38.11
C CYS C 76 32.51 23.38 36.75
N HIS C 77 33.35 22.96 35.80
CA HIS C 77 33.35 23.45 34.39
C HIS C 77 31.92 23.37 33.81
N VAL C 78 31.14 22.36 34.24
CA VAL C 78 29.74 22.09 33.76
C VAL C 78 28.84 23.33 33.97
N PHE C 79 29.09 24.16 35.00
CA PHE C 79 28.24 25.32 35.35
C PHE C 79 28.34 26.41 34.28
N ALA C 80 29.41 26.42 33.48
CA ALA C 80 29.63 27.40 32.39
C ALA C 80 28.84 26.98 31.14
N ASN C 81 28.23 25.79 31.14
CA ASN C 81 27.42 25.28 30.00
C ASN C 81 25.96 25.17 30.40
N PRO C 82 25.07 26.05 29.90
CA PRO C 82 23.66 26.02 30.25
C PRO C 82 22.91 24.80 29.71
N GLU C 83 23.54 24.01 28.83
CA GLU C 83 22.99 22.73 28.31
C GLU C 83 23.36 21.54 29.22
N SER C 84 24.20 21.74 30.24
CA SER C 84 24.70 20.62 31.10
C SER C 84 23.56 20.13 31.99
N PHE C 85 23.54 18.84 32.35
CA PHE C 85 22.49 18.28 33.25
C PHE C 85 22.51 19.05 34.57
N GLU C 86 23.70 19.46 35.04
CA GLU C 86 23.89 20.10 36.37
C GLU C 86 23.15 21.44 36.41
N SER C 87 23.15 22.16 35.28
CA SER C 87 22.45 23.45 35.11
C SER C 87 20.93 23.24 35.30
N PHE C 88 20.37 22.21 34.67
CA PHE C 88 18.93 21.87 34.76
C PHE C 88 18.62 21.37 36.17
N MET C 89 19.53 20.59 36.76
CA MET C 89 19.36 20.01 38.12
C MET C 89 19.14 21.13 39.15
N ILE C 90 19.98 22.17 39.15
CA ILE C 90 19.90 23.26 40.18
C ILE C 90 18.67 24.15 39.93
N LYS C 91 18.21 24.28 38.68
CA LYS C 91 17.01 25.09 38.34
C LYS C 91 15.75 24.41 38.91
N LEU C 92 15.73 23.08 38.97
CA LEU C 92 14.61 22.30 39.59
C LEU C 92 14.78 22.19 41.10
N GLU C 93 16.02 22.02 41.58
CA GLU C 93 16.33 21.52 42.95
C GLU C 93 15.66 22.40 44.00
N ILE C 94 15.74 23.73 43.84
CA ILE C 94 15.17 24.69 44.84
C ILE C 94 14.10 25.59 44.18
N CYS C 95 13.46 25.13 43.10
CA CYS C 95 12.28 25.84 42.51
C CYS C 95 11.14 25.80 43.54
N SER C 96 10.18 26.72 43.44
CA SER C 96 9.10 26.91 44.45
C SER C 96 8.32 25.59 44.65
N HIS C 97 8.08 24.83 43.58
CA HIS C 97 7.28 23.57 43.61
C HIS C 97 7.98 22.49 44.43
N TYR C 98 9.30 22.34 44.26
CA TYR C 98 10.13 21.37 45.02
C TYR C 98 10.17 21.81 46.49
N SER C 99 10.45 23.09 46.74
N SER C 99 10.43 23.08 46.76
CA SER C 99 10.46 23.72 48.10
CA SER C 99 10.48 23.65 48.14
C SER C 99 9.15 23.39 48.83
C SER C 99 9.14 23.41 48.85
N ASN C 100 8.01 23.70 48.19
CA ASN C 100 6.67 23.54 48.79
C ASN C 100 6.38 22.06 49.03
N ALA C 101 6.85 21.16 48.14
CA ALA C 101 6.78 19.69 48.37
C ALA C 101 7.57 19.33 49.63
N TRP C 102 8.80 19.81 49.76
CA TRP C 102 9.66 19.53 50.93
C TRP C 102 8.98 20.00 52.22
N LEU C 103 8.22 21.10 52.20
CA LEU C 103 7.57 21.65 53.42
C LEU C 103 6.39 20.76 53.84
N MET C 104 5.91 19.86 52.97
CA MET C 104 4.81 18.89 53.24
C MET C 104 5.37 17.51 53.60
N TYR C 105 6.69 17.32 53.53
CA TYR C 105 7.36 16.00 53.73
C TYR C 105 7.04 15.47 55.15
N GLY C 106 7.29 16.27 56.19
CA GLY C 106 7.01 15.88 57.59
C GLY C 106 5.56 15.46 57.79
N LYS C 107 4.62 16.25 57.28
CA LYS C 107 3.16 15.98 57.38
C LYS C 107 2.84 14.69 56.61
N SER C 108 3.47 14.48 55.45
CA SER C 108 3.24 13.31 54.56
C SER C 108 3.53 12.01 55.30
N LEU C 109 4.42 12.02 56.30
CA LEU C 109 4.85 10.81 57.05
C LEU C 109 3.73 10.32 57.99
N PHE C 110 2.72 11.15 58.28
CA PHE C 110 1.60 10.81 59.20
C PHE C 110 0.33 10.46 58.41
N GLU C 111 0.32 10.64 57.09
CA GLU C 111 -0.84 10.30 56.21
C GLU C 111 -0.63 8.92 55.61
N ASP C 112 -1.72 8.22 55.28
CA ASP C 112 -1.71 6.86 54.69
C ASP C 112 -2.67 6.82 53.50
N ASP C 113 -2.84 7.95 52.80
CA ASP C 113 -3.77 8.13 51.66
C ASP C 113 -3.06 7.83 50.34
N GLY C 114 -1.76 7.50 50.38
CA GLY C 114 -0.93 7.31 49.18
C GLY C 114 -0.81 8.60 48.38
N LYS C 115 -0.80 9.75 49.06
CA LYS C 115 -0.53 11.08 48.44
C LYS C 115 0.89 11.50 48.78
N SER C 116 1.73 11.73 47.76
CA SER C 116 3.10 12.27 47.92
C SER C 116 3.02 13.64 48.58
N ALA C 117 4.11 14.09 49.21
CA ALA C 117 4.26 15.47 49.72
C ALA C 117 4.04 16.47 48.57
N PHE C 118 4.49 16.15 47.35
CA PHE C 118 4.31 17.00 46.15
C PHE C 118 2.80 17.15 45.89
N GLU C 119 2.04 16.05 45.92
CA GLU C 119 0.57 16.08 45.67
C GLU C 119 -0.12 16.85 46.81
N MET C 120 0.33 16.69 48.05
CA MET C 120 -0.23 17.43 49.22
C MET C 120 -0.06 18.94 49.01
N ALA C 121 1.08 19.37 48.48
CA ALA C 121 1.39 20.80 48.21
C ALA C 121 0.59 21.34 47.01
N HIS C 122 0.40 20.54 45.95
CA HIS C 122 0.00 21.03 44.60
C HIS C 122 -1.34 20.47 44.12
N GLY C 123 -1.89 19.42 44.75
CA GLY C 123 -3.25 18.93 44.46
C GLY C 123 -3.29 17.89 43.35
N ARG C 124 -2.15 17.59 42.72
CA ARG C 124 -2.03 16.52 41.68
C ARG C 124 -0.70 15.79 41.87
N PRO C 125 -0.62 14.49 41.47
CA PRO C 125 0.65 13.78 41.45
C PRO C 125 1.59 14.43 40.43
N PHE C 126 2.91 14.21 40.59
CA PHE C 126 4.01 14.92 39.89
C PHE C 126 3.74 15.03 38.39
N PHE C 127 3.63 13.90 37.67
CA PHE C 127 3.60 13.89 36.18
C PHE C 127 2.28 14.51 35.67
N GLU C 128 1.16 14.24 36.36
CA GLU C 128 -0.14 14.89 36.07
C GLU C 128 0.01 16.41 36.21
N TYR C 129 0.70 16.87 37.26
CA TYR C 129 0.89 18.33 37.52
C TYR C 129 1.74 18.94 36.39
N LEU C 130 2.75 18.20 35.91
CA LEU C 130 3.67 18.69 34.84
C LEU C 130 2.91 18.90 33.52
N ASP C 131 1.76 18.23 33.32
CA ASP C 131 0.90 18.44 32.12
C ASP C 131 0.45 19.90 32.02
N GLY C 132 0.31 20.62 33.14
CA GLY C 132 -0.16 22.01 33.19
C GLY C 132 0.90 23.01 33.65
N ASN C 133 2.17 22.60 33.73
CA ASN C 133 3.30 23.49 34.11
C ASN C 133 4.48 23.27 33.16
N LYS C 134 4.65 24.16 32.18
CA LYS C 134 5.71 24.08 31.14
C LYS C 134 7.10 24.28 31.76
N PHE C 135 7.24 25.13 32.78
CA PHE C 135 8.53 25.36 33.49
C PHE C 135 9.05 24.01 34.02
N LEU C 136 8.23 23.29 34.79
CA LEU C 136 8.62 22.00 35.39
C LEU C 136 8.82 20.95 34.29
N LYS C 137 7.87 20.83 33.36
CA LYS C 137 7.91 19.75 32.34
C LYS C 137 9.14 19.94 31.43
N SER C 138 9.35 21.14 30.87
CA SER C 138 10.48 21.43 29.94
C SER C 138 11.82 21.17 30.65
N ASN C 139 12.01 21.65 31.87
CA ASN C 139 13.27 21.48 32.63
C ASN C 139 13.47 20.03 33.10
N PHE C 140 12.42 19.34 33.54
CA PHE C 140 12.52 17.93 33.98
C PHE C 140 12.87 17.05 32.79
N ASP C 141 12.16 17.22 31.67
CA ASP C 141 12.39 16.43 30.42
C ASP C 141 13.80 16.72 29.89
N ALA C 142 14.28 17.96 30.01
CA ALA C 142 15.64 18.38 29.58
C ALA C 142 16.71 17.71 30.45
N LEU C 143 16.52 17.68 31.78
CA LEU C 143 17.45 16.97 32.70
C LEU C 143 17.55 15.51 32.28
N MET C 144 16.42 14.85 32.05
CA MET C 144 16.37 13.40 31.72
C MET C 144 17.07 13.17 30.37
N THR C 145 16.87 14.09 29.42
CA THR C 145 17.52 14.05 28.09
C THR C 145 19.05 14.08 28.29
N ARG C 146 19.56 14.92 29.18
CA ARG C 146 21.03 15.12 29.37
C ARG C 146 21.66 13.89 30.03
N VAL C 147 21.04 13.29 31.06
CA VAL C 147 21.62 12.10 31.75
C VAL C 147 21.50 10.87 30.83
N SER C 148 20.45 10.77 30.01
CA SER C 148 20.30 9.72 28.96
C SER C 148 21.48 9.83 27.99
N ASN C 149 21.78 11.04 27.53
CA ASN C 149 22.87 11.29 26.55
C ASN C 149 24.21 10.84 27.15
N LEU C 150 24.38 10.93 28.48
CA LEU C 150 25.68 10.65 29.16
C LEU C 150 25.94 9.15 29.31
N ILE C 151 24.90 8.30 29.24
CA ILE C 151 25.01 6.85 29.53
C ILE C 151 25.04 6.02 28.24
N VAL C 152 24.70 6.62 27.09
CA VAL C 152 24.45 5.87 25.81
C VAL C 152 25.71 5.07 25.43
N GLU C 153 26.89 5.71 25.44
CA GLU C 153 28.17 5.08 24.99
C GLU C 153 28.46 3.83 25.84
N LYS C 154 28.39 3.96 27.17
CA LYS C 154 28.63 2.84 28.13
C LYS C 154 27.61 1.73 27.88
N LEU C 155 26.35 2.09 27.60
CA LEU C 155 25.23 1.12 27.37
C LEU C 155 25.49 0.31 26.09
N LEU C 156 25.87 0.96 24.99
CA LEU C 156 26.22 0.30 23.70
C LEU C 156 27.43 -0.61 23.90
N GLY C 157 28.35 -0.21 24.78
CA GLY C 157 29.60 -0.93 25.06
C GLY C 157 29.38 -2.24 25.80
N ILE C 158 28.34 -2.34 26.63
CA ILE C 158 28.14 -3.50 27.56
C ILE C 158 27.02 -4.42 27.07
N TYR C 159 26.27 -4.04 26.03
CA TYR C 159 25.15 -4.86 25.49
C TYR C 159 25.13 -4.80 23.96
N ASP C 160 24.86 -5.94 23.32
CA ASP C 160 24.83 -6.12 21.85
C ASP C 160 23.42 -5.80 21.35
N PHE C 161 23.15 -4.54 20.99
CA PHE C 161 21.85 -4.05 20.47
C PHE C 161 21.63 -4.53 19.03
N ASN C 162 22.69 -4.91 18.34
CA ASN C 162 22.66 -5.31 16.90
C ASN C 162 21.93 -6.64 16.69
N GLN C 163 21.78 -7.46 17.74
CA GLN C 163 21.09 -8.78 17.65
C GLN C 163 19.57 -8.58 17.53
N HIS C 164 19.07 -7.38 17.86
CA HIS C 164 17.62 -7.08 18.01
C HIS C 164 17.07 -6.45 16.73
N ASN C 165 15.74 -6.48 16.58
CA ASN C 165 15.02 -6.08 15.34
C ASN C 165 14.06 -4.91 15.61
N ARG C 166 13.27 -5.01 16.69
CA ARG C 166 12.21 -4.03 17.04
C ARG C 166 12.42 -3.60 18.50
N ILE C 167 12.66 -2.30 18.73
CA ILE C 167 13.08 -1.76 20.06
C ILE C 167 12.07 -0.71 20.52
N LEU C 168 11.49 -0.92 21.70
CA LEU C 168 10.57 0.03 22.37
C LEU C 168 11.20 0.51 23.68
N ASP C 169 11.38 1.83 23.80
CA ASP C 169 11.79 2.49 25.07
C ASP C 169 10.53 3.00 25.78
N VAL C 170 10.18 2.41 26.92
CA VAL C 170 8.92 2.67 27.66
C VAL C 170 9.20 3.75 28.72
N GLY C 171 8.43 4.84 28.73
CA GLY C 171 8.72 6.04 29.53
C GLY C 171 9.96 6.76 29.02
N GLY C 172 10.16 6.78 27.70
CA GLY C 172 11.40 7.27 27.07
C GLY C 172 11.49 8.78 26.95
N GLY C 173 10.48 9.51 27.44
CA GLY C 173 10.46 10.99 27.44
C GLY C 173 10.60 11.57 26.04
N GLU C 174 11.63 12.40 25.82
CA GLU C 174 11.89 13.10 24.53
C GLU C 174 12.54 12.14 23.53
N GLY C 175 12.92 10.94 23.96
CA GLY C 175 13.40 9.87 23.06
C GLY C 175 14.90 9.95 22.80
N GLU C 176 15.64 10.69 23.63
CA GLU C 176 17.11 10.91 23.46
C GLU C 176 17.87 9.57 23.46
N LEU C 177 17.53 8.63 24.33
CA LEU C 177 18.28 7.34 24.45
C LEU C 177 18.22 6.60 23.10
N LEU C 178 17.04 6.44 22.52
CA LEU C 178 16.84 5.64 21.27
C LEU C 178 17.34 6.44 20.06
N VAL C 179 17.19 7.77 20.07
CA VAL C 179 17.72 8.65 18.99
C VAL C 179 19.23 8.42 18.87
N ARG C 180 19.96 8.43 20.00
CA ARG C 180 21.44 8.28 20.02
C ARG C 180 21.81 6.84 19.67
N ILE C 181 21.10 5.84 20.21
CA ILE C 181 21.35 4.42 19.88
C ILE C 181 21.18 4.21 18.37
N SER C 182 20.13 4.78 17.76
CA SER C 182 19.72 4.55 16.35
C SER C 182 20.76 5.14 15.38
N GLU C 183 21.55 6.12 15.82
CA GLU C 183 22.65 6.71 15.00
C GLU C 183 23.83 5.73 14.95
N LYS C 184 23.96 4.82 15.93
CA LYS C 184 25.09 3.87 16.05
C LYS C 184 24.67 2.44 15.69
N VAL C 185 23.38 2.10 15.84
CA VAL C 185 22.79 0.77 15.52
C VAL C 185 21.67 1.01 14.49
N LYS C 186 22.00 0.82 13.21
CA LYS C 186 21.15 1.21 12.05
C LYS C 186 20.31 0.01 11.59
N GLY C 187 19.26 0.30 10.80
CA GLY C 187 18.46 -0.71 10.08
C GLY C 187 17.42 -1.36 10.96
N LYS C 188 17.18 -0.82 12.16
CA LYS C 188 16.22 -1.39 13.15
C LYS C 188 14.93 -0.57 13.09
N HIS C 189 13.86 -1.06 13.72
CA HIS C 189 12.64 -0.28 14.04
C HIS C 189 12.75 0.26 15.47
N TYR C 190 12.56 1.57 15.62
CA TYR C 190 12.70 2.31 16.92
C TYR C 190 11.38 2.98 17.26
N ALA C 191 10.89 2.74 18.48
CA ALA C 191 9.63 3.31 19.01
C ALA C 191 9.88 3.80 20.44
N VAL C 192 9.21 4.89 20.81
CA VAL C 192 9.27 5.53 22.16
C VAL C 192 7.85 5.76 22.67
N LEU C 193 7.52 5.17 23.83
CA LEU C 193 6.20 5.32 24.50
C LEU C 193 6.35 6.27 25.69
N ASP C 194 5.43 7.23 25.81
CA ASP C 194 5.34 8.14 26.98
C ASP C 194 3.96 8.81 26.91
N ARG C 195 3.69 9.73 27.82
CA ARG C 195 2.42 10.52 27.89
C ARG C 195 2.61 11.77 27.05
N TYR C 196 2.09 11.77 25.82
CA TYR C 196 2.24 12.88 24.84
C TYR C 196 0.86 13.50 24.53
N SER C 197 0.68 14.79 24.83
CA SER C 197 -0.50 15.57 24.39
C SER C 197 -0.34 15.88 22.89
N GLU C 198 0.91 16.07 22.45
CA GLU C 198 1.31 16.22 21.03
C GLU C 198 2.55 15.36 20.78
N LEU C 199 2.53 14.51 19.75
CA LEU C 199 3.62 13.53 19.48
C LEU C 199 4.89 14.26 19.05
N PRO C 200 6.05 13.99 19.66
CA PRO C 200 7.33 14.49 19.14
C PRO C 200 7.58 13.89 17.74
N VAL C 201 8.49 14.49 16.99
CA VAL C 201 8.89 14.04 15.62
C VAL C 201 10.41 13.88 15.56
N SER C 202 10.89 12.73 15.06
CA SER C 202 12.32 12.44 14.85
C SER C 202 12.46 11.30 13.83
N ASP C 203 13.30 11.50 12.81
CA ASP C 203 13.48 10.57 11.66
C ASP C 203 13.60 9.13 12.18
N ASN C 204 12.70 8.24 11.73
CA ASN C 204 12.76 6.78 11.99
C ASN C 204 12.52 6.46 13.47
N ILE C 205 11.88 7.36 14.24
CA ILE C 205 11.32 7.04 15.59
C ILE C 205 9.79 7.07 15.51
N ASP C 206 9.13 6.00 15.94
CA ASP C 206 7.66 5.91 16.13
C ASP C 206 7.32 6.33 17.57
N PHE C 207 6.88 7.56 17.78
CA PHE C 207 6.44 8.05 19.11
C PHE C 207 4.99 7.59 19.33
N ILE C 208 4.77 6.93 20.47
CA ILE C 208 3.45 6.36 20.87
C ILE C 208 3.01 7.05 22.16
N ASN C 209 1.80 7.63 22.17
CA ASN C 209 1.12 8.15 23.37
C ASN C 209 0.50 6.93 24.07
N GLY C 210 0.97 6.63 25.28
CA GLY C 210 0.54 5.42 25.99
C GLY C 210 0.55 5.64 27.49
N ASN C 211 0.22 4.56 28.22
CA ASN C 211 0.17 4.52 29.71
C ASN C 211 0.64 3.13 30.15
N PHE C 212 1.85 3.03 30.72
CA PHE C 212 2.50 1.74 31.06
C PHE C 212 1.83 1.11 32.29
N LEU C 213 0.93 1.82 32.97
CA LEU C 213 0.13 1.26 34.10
C LEU C 213 -1.06 0.45 33.55
N ASN C 214 -1.57 0.82 32.37
N ASN C 214 -1.57 0.82 32.37
CA ASN C 214 -2.72 0.15 31.72
CA ASN C 214 -2.73 0.16 31.73
C ASN C 214 -2.22 -1.02 30.87
C ASN C 214 -2.25 -1.01 30.86
N SER C 215 -1.23 -0.78 30.00
N SER C 215 -1.23 -0.78 30.03
CA SER C 215 -0.76 -1.77 29.00
CA SER C 215 -0.71 -1.81 29.09
C SER C 215 0.55 -1.33 28.34
C SER C 215 0.56 -1.34 28.38
N ILE C 216 1.38 -2.29 27.95
CA ILE C 216 2.60 -2.07 27.11
C ILE C 216 2.39 -2.88 25.84
N PRO C 217 2.63 -2.30 24.64
CA PRO C 217 2.36 -2.99 23.39
C PRO C 217 3.28 -4.20 23.16
N SER C 218 2.70 -5.29 22.67
CA SER C 218 3.42 -6.52 22.26
C SER C 218 4.05 -6.28 20.88
N GLY C 219 4.94 -7.18 20.45
CA GLY C 219 5.48 -7.23 19.08
C GLY C 219 6.84 -6.55 18.95
N TYR C 220 7.53 -6.33 20.07
CA TYR C 220 8.96 -5.92 20.12
C TYR C 220 9.77 -7.05 20.75
N ASP C 221 11.04 -7.19 20.34
CA ASP C 221 11.99 -8.21 20.86
C ASP C 221 12.97 -7.55 21.84
N LEU C 222 13.05 -6.21 21.88
CA LEU C 222 13.80 -5.49 22.94
C LEU C 222 12.93 -4.36 23.53
N TYR C 223 12.76 -4.40 24.85
CA TYR C 223 12.07 -3.36 25.66
C TYR C 223 13.08 -2.72 26.61
N ILE C 224 12.99 -1.41 26.78
CA ILE C 224 13.85 -0.61 27.69
C ILE C 224 12.95 0.13 28.69
N LEU C 225 13.30 0.08 29.98
CA LEU C 225 12.64 0.86 31.06
C LEU C 225 13.74 1.51 31.91
N LYS C 226 14.11 2.75 31.58
CA LYS C 226 15.21 3.47 32.25
C LYS C 226 14.62 4.52 33.20
N ASN C 227 15.02 4.47 34.48
CA ASN C 227 14.74 5.52 35.51
C ASN C 227 13.24 5.78 35.64
N VAL C 228 12.43 4.73 35.59
CA VAL C 228 10.94 4.83 35.73
C VAL C 228 10.54 4.30 37.12
N LEU C 229 11.04 3.13 37.52
CA LEU C 229 10.57 2.42 38.75
C LEU C 229 10.83 3.25 40.01
N ASN C 230 11.86 4.10 40.02
CA ASN C 230 12.19 4.98 41.18
C ASN C 230 11.06 5.97 41.45
N ASN C 231 10.15 6.18 40.49
CA ASN C 231 9.01 7.12 40.61
C ASN C 231 7.75 6.39 41.09
N TRP C 232 7.82 5.11 41.47
CA TRP C 232 6.62 4.27 41.73
C TRP C 232 6.78 3.43 43.00
N SER C 233 5.66 3.14 43.66
CA SER C 233 5.57 2.22 44.82
C SER C 233 5.98 0.81 44.35
N ASP C 234 6.23 -0.09 45.30
CA ASP C 234 6.49 -1.52 45.00
C ASP C 234 5.31 -2.11 44.22
N SER C 235 4.08 -1.79 44.64
N SER C 235 4.09 -1.79 44.64
CA SER C 235 2.83 -2.34 44.06
CA SER C 235 2.83 -2.35 44.05
C SER C 235 2.71 -1.90 42.59
C SER C 235 2.68 -1.89 42.59
N ASP C 236 2.84 -0.59 42.35
CA ASP C 236 2.77 0.00 40.98
C ASP C 236 3.96 -0.50 40.14
N SER C 237 5.13 -0.66 40.75
CA SER C 237 6.35 -1.18 40.06
C SER C 237 6.10 -2.61 39.56
N ILE C 238 5.51 -3.45 40.41
CA ILE C 238 5.12 -4.83 40.05
C ILE C 238 4.13 -4.80 38.88
N LEU C 239 3.13 -3.90 38.94
CA LEU C 239 2.08 -3.77 37.88
C LEU C 239 2.73 -3.43 36.54
N ILE C 240 3.67 -2.48 36.55
CA ILE C 240 4.43 -2.08 35.32
C ILE C 240 5.12 -3.33 34.75
N LEU C 241 5.82 -4.10 35.57
CA LEU C 241 6.63 -5.28 35.12
C LEU C 241 5.70 -6.42 34.67
N GLU C 242 4.55 -6.62 35.32
CA GLU C 242 3.51 -7.59 34.87
C GLU C 242 3.06 -7.21 33.44
N ASN C 243 2.83 -5.93 33.20
CA ASN C 243 2.40 -5.41 31.87
C ASN C 243 3.46 -5.75 30.82
N PHE C 244 4.76 -5.67 31.17
CA PHE C 244 5.87 -6.13 30.30
C PHE C 244 5.75 -7.65 30.04
N ARG C 245 5.58 -8.45 31.10
CA ARG C 245 5.48 -9.93 30.97
C ARG C 245 4.34 -10.27 29.99
N LYS C 246 3.21 -9.55 30.06
CA LYS C 246 2.02 -9.78 29.19
C LYS C 246 2.31 -9.33 27.75
N ALA C 247 3.23 -8.38 27.56
CA ALA C 247 3.61 -7.86 26.22
C ALA C 247 4.66 -8.76 25.56
N MET C 248 5.41 -9.52 26.36
CA MET C 248 6.66 -10.21 25.92
C MET C 248 6.34 -11.66 25.57
N ASP C 249 7.07 -12.21 24.59
CA ASP C 249 7.14 -13.68 24.31
C ASP C 249 8.50 -14.19 24.80
N LYS C 250 8.73 -15.51 24.71
CA LYS C 250 9.93 -16.18 25.29
C LYS C 250 11.22 -15.62 24.67
N ASN C 251 11.15 -15.05 23.47
CA ASN C 251 12.33 -14.50 22.73
C ASN C 251 12.50 -13.01 23.02
N SER C 252 11.56 -12.36 23.72
CA SER C 252 11.65 -10.92 24.10
C SER C 252 12.71 -10.73 25.18
N SER C 253 13.34 -9.55 25.23
CA SER C 253 14.23 -9.09 26.33
C SER C 253 13.77 -7.72 26.81
N LEU C 254 13.84 -7.50 28.13
CA LEU C 254 13.62 -6.19 28.81
C LEU C 254 14.93 -5.76 29.47
N LEU C 255 15.42 -4.56 29.17
CA LEU C 255 16.56 -3.94 29.90
C LEU C 255 16.00 -2.96 30.94
N LEU C 256 16.02 -3.37 32.21
CA LEU C 256 15.69 -2.53 33.38
C LEU C 256 16.96 -1.79 33.81
N ILE C 257 16.97 -0.47 33.63
CA ILE C 257 18.16 0.43 33.85
C ILE C 257 17.76 1.53 34.83
N ASN C 258 18.50 1.69 35.93
CA ASN C 258 18.13 2.55 37.07
C ASN C 258 19.37 2.97 37.84
N MET C 259 19.43 4.22 38.29
CA MET C 259 20.33 4.61 39.42
C MET C 259 20.05 3.63 40.55
N VAL C 260 21.10 3.05 41.13
CA VAL C 260 20.98 1.94 42.13
C VAL C 260 21.54 2.44 43.47
N LYS C 261 20.90 2.01 44.57
CA LYS C 261 21.27 2.37 45.96
C LYS C 261 22.39 1.42 46.40
N GLU C 262 23.58 1.98 46.67
CA GLU C 262 24.74 1.25 47.28
C GLU C 262 25.10 1.95 48.59
N PRO C 263 25.54 1.20 49.63
CA PRO C 263 25.80 1.78 50.96
C PRO C 263 26.82 2.93 50.97
N GLU C 264 27.76 2.95 50.02
CA GLU C 264 28.87 3.95 49.96
C GLU C 264 28.33 5.35 49.60
N PHE C 265 27.15 5.44 48.97
CA PHE C 265 26.62 6.69 48.37
C PHE C 265 25.45 7.24 49.19
N SER C 266 25.11 8.51 48.96
CA SER C 266 24.14 9.31 49.76
C SER C 266 22.72 8.74 49.64
N ARG C 267 21.95 8.82 50.74
CA ARG C 267 20.51 8.44 50.78
C ARG C 267 19.64 9.62 50.33
N SER C 268 20.22 10.76 49.93
CA SER C 268 19.45 12.01 49.65
C SER C 268 18.47 11.77 48.49
N PHE C 269 18.86 10.98 47.48
CA PHE C 269 18.02 10.72 46.29
C PHE C 269 16.81 9.88 46.71
N ASP C 270 17.01 8.86 47.54
CA ASP C 270 15.93 7.99 48.07
C ASP C 270 14.84 8.88 48.68
N ILE C 271 15.22 9.87 49.49
CA ILE C 271 14.30 10.80 50.19
C ILE C 271 13.60 11.68 49.14
N LEU C 272 14.31 12.20 48.13
CA LEU C 272 13.66 13.02 47.08
C LEU C 272 12.56 12.20 46.40
N MET C 273 12.80 10.91 46.12
CA MET C 273 11.82 10.04 45.44
C MET C 273 10.59 9.89 46.33
N ASP C 274 10.77 9.80 47.66
CA ASP C 274 9.64 9.75 48.64
C ASP C 274 8.84 11.04 48.50
N VAL C 275 9.50 12.20 48.55
CA VAL C 275 8.85 13.55 48.54
C VAL C 275 8.06 13.73 47.23
N LEU C 276 8.67 13.44 46.08
CA LEU C 276 8.06 13.77 44.76
C LEU C 276 7.03 12.70 44.34
N PHE C 277 7.22 11.42 44.70
CA PHE C 277 6.48 10.29 44.05
C PHE C 277 5.91 9.25 45.04
N LEU C 278 6.27 9.28 46.32
CA LEU C 278 6.22 8.08 47.21
C LEU C 278 6.90 6.92 46.49
N GLY C 279 8.01 7.21 45.80
CA GLY C 279 8.91 6.23 45.19
C GLY C 279 10.09 5.95 46.11
N LYS C 280 11.13 5.29 45.60
CA LYS C 280 12.34 4.96 46.38
C LYS C 280 13.48 4.58 45.44
N GLU C 281 14.73 4.82 45.84
CA GLU C 281 15.93 4.28 45.16
C GLU C 281 16.17 2.86 45.67
N ARG C 282 16.21 1.87 44.78
CA ARG C 282 16.25 0.44 45.16
C ARG C 282 17.65 -0.13 44.93
N SER C 283 17.98 -1.19 45.68
CA SER C 283 19.19 -2.04 45.51
C SER C 283 18.94 -3.05 44.38
N PHE C 284 20.00 -3.70 43.89
CA PHE C 284 19.91 -4.85 42.95
C PHE C 284 18.87 -5.84 43.48
N THR C 285 19.02 -6.23 44.75
CA THR C 285 18.19 -7.24 45.45
C THR C 285 16.70 -6.86 45.34
N GLU C 286 16.37 -5.61 45.67
CA GLU C 286 14.97 -5.10 45.67
C GLU C 286 14.39 -5.13 44.24
N PHE C 287 15.14 -4.69 43.24
CA PHE C 287 14.73 -4.74 41.80
C PHE C 287 14.44 -6.19 41.40
N GLU C 288 15.33 -7.12 41.73
CA GLU C 288 15.23 -8.56 41.37
C GLU C 288 13.98 -9.18 42.02
N TYR C 289 13.63 -8.75 43.24
CA TYR C 289 12.41 -9.20 43.97
C TYR C 289 11.17 -8.78 43.17
N LEU C 290 11.09 -7.51 42.80
CA LEU C 290 9.92 -6.94 42.08
C LEU C 290 9.73 -7.70 40.77
N ALA C 291 10.83 -7.94 40.04
CA ALA C 291 10.88 -8.69 38.77
C ALA C 291 10.37 -10.13 38.98
N ASN C 292 10.79 -10.79 40.07
CA ASN C 292 10.34 -12.17 40.43
C ASN C 292 8.84 -12.20 40.70
N GLN C 293 8.34 -11.25 41.48
CA GLN C 293 6.88 -11.10 41.81
C GLN C 293 6.08 -10.91 40.52
N ALA C 294 6.64 -10.24 39.50
CA ALA C 294 5.98 -9.93 38.21
C ALA C 294 6.02 -11.12 37.25
N GLY C 295 6.83 -12.15 37.56
CA GLY C 295 7.00 -13.36 36.72
C GLY C 295 8.07 -13.17 35.65
N LEU C 296 9.13 -12.42 35.96
CA LEU C 296 10.29 -12.18 35.06
C LEU C 296 11.55 -12.79 35.69
N VAL C 297 12.46 -13.30 34.85
CA VAL C 297 13.72 -13.99 35.24
C VAL C 297 14.90 -13.06 34.92
N VAL C 298 15.90 -13.00 35.82
CA VAL C 298 17.16 -12.22 35.60
C VAL C 298 18.11 -13.09 34.77
N GLN C 299 18.41 -12.65 33.54
CA GLN C 299 19.34 -13.32 32.59
C GLN C 299 20.77 -12.85 32.86
N GLU C 300 20.92 -11.57 33.20
CA GLU C 300 22.23 -10.87 33.22
C GLU C 300 22.09 -9.63 34.11
N THR C 301 23.16 -9.24 34.81
CA THR C 301 23.25 -7.99 35.61
C THR C 301 24.63 -7.37 35.39
N LYS C 302 24.71 -6.05 35.30
CA LYS C 302 25.99 -5.30 35.27
C LYS C 302 25.82 -3.98 36.04
N VAL C 303 26.93 -3.41 36.48
CA VAL C 303 27.00 -2.04 37.08
C VAL C 303 27.64 -1.12 36.04
N ILE C 304 26.96 -0.01 35.72
CA ILE C 304 27.52 1.11 34.91
C ILE C 304 27.89 2.24 35.88
N ASP C 305 29.17 2.64 35.87
CA ASP C 305 29.69 3.74 36.72
C ASP C 305 29.51 5.06 35.98
N GLN C 306 28.55 5.89 36.41
CA GLN C 306 28.42 7.30 35.96
C GLN C 306 29.10 8.20 37.01
N SER C 307 29.52 9.40 36.62
CA SER C 307 30.36 10.30 37.45
C SER C 307 29.71 10.53 38.81
N TYR C 308 28.38 10.73 38.83
CA TYR C 308 27.58 11.16 40.00
C TYR C 308 27.07 9.92 40.78
N SER C 309 26.80 8.81 40.11
CA SER C 309 26.11 7.64 40.71
C SER C 309 26.39 6.34 39.96
N PRO C 310 26.32 5.18 40.65
CA PRO C 310 26.27 3.88 39.98
C PRO C 310 24.86 3.63 39.42
N TYR C 311 24.81 2.87 38.32
CA TYR C 311 23.57 2.43 37.66
C TYR C 311 23.50 0.90 37.67
N SER C 312 22.28 0.38 37.84
CA SER C 312 21.95 -1.07 37.76
C SER C 312 21.47 -1.38 36.34
N PHE C 313 22.11 -2.33 35.68
CA PHE C 313 21.71 -2.88 34.36
C PHE C 313 21.23 -4.32 34.58
N ILE C 314 19.93 -4.57 34.39
CA ILE C 314 19.29 -5.90 34.59
C ILE C 314 18.56 -6.32 33.30
N LYS C 315 18.98 -7.43 32.70
CA LYS C 315 18.30 -8.04 31.53
C LYS C 315 17.28 -9.07 32.04
N LEU C 316 16.01 -8.93 31.64
CA LEU C 316 14.87 -9.79 32.09
C LEU C 316 14.24 -10.49 30.88
N GLN C 317 13.79 -11.73 31.05
CA GLN C 317 12.90 -12.46 30.10
C GLN C 317 11.80 -13.12 30.93
N ILE C 318 10.73 -13.61 30.29
CA ILE C 318 9.54 -14.18 30.99
C ILE C 318 9.90 -15.58 31.50
N LYS C 319 9.25 -16.01 32.58
CA LYS C 319 9.36 -17.38 33.18
C LYS C 319 8.75 -18.40 32.20
N SER D 1 -19.84 -31.75 -29.60
CA SER D 1 -20.34 -32.27 -28.29
C SER D 1 -19.95 -31.27 -27.20
N MET D 2 -20.95 -30.80 -26.45
CA MET D 2 -20.70 -29.89 -25.30
C MET D 2 -19.94 -30.68 -24.22
N LEU D 3 -20.22 -31.96 -23.99
CA LEU D 3 -19.52 -32.69 -22.89
C LEU D 3 -18.03 -32.87 -23.23
N THR D 4 -17.67 -33.27 -24.45
CA THR D 4 -16.23 -33.43 -24.82
C THR D 4 -15.52 -32.08 -24.66
N GLU D 5 -16.17 -30.97 -25.03
CA GLU D 5 -15.54 -29.63 -24.92
C GLU D 5 -15.50 -29.19 -23.44
N LEU D 6 -16.43 -29.64 -22.58
CA LEU D 6 -16.32 -29.39 -21.12
C LEU D 6 -15.09 -30.13 -20.56
N ILE D 7 -14.90 -31.38 -20.95
CA ILE D 7 -13.73 -32.22 -20.56
C ILE D 7 -12.45 -31.49 -20.98
N ALA D 8 -12.49 -30.88 -22.18
CA ALA D 8 -11.37 -30.13 -22.80
C ALA D 8 -11.35 -28.66 -22.37
N SER D 9 -11.96 -28.29 -21.24
CA SER D 9 -11.95 -26.91 -20.72
C SER D 9 -10.50 -26.42 -20.56
N ASN D 10 -9.57 -27.29 -20.11
CA ASN D 10 -8.15 -26.93 -19.88
C ASN D 10 -7.55 -26.24 -21.16
N ARG D 11 -7.99 -26.67 -22.33
CA ARG D 11 -7.44 -26.16 -23.63
C ARG D 11 -7.64 -24.64 -23.77
N ARG D 12 -8.73 -24.09 -23.21
CA ARG D 12 -9.04 -22.63 -23.19
C ARG D 12 -7.95 -21.91 -22.38
N SER D 13 -7.70 -22.38 -21.15
CA SER D 13 -6.66 -21.80 -20.25
C SER D 13 -5.27 -21.87 -20.94
N ALA D 14 -4.95 -23.01 -21.58
CA ALA D 14 -3.61 -23.30 -22.12
C ALA D 14 -3.38 -22.40 -23.36
N ALA D 15 -4.41 -22.18 -24.18
CA ALA D 15 -4.38 -21.26 -25.35
C ALA D 15 -4.12 -19.82 -24.89
N ILE D 16 -4.83 -19.36 -23.85
CA ILE D 16 -4.60 -17.99 -23.29
C ILE D 16 -3.17 -17.91 -22.74
N HIS D 17 -2.68 -18.97 -22.08
CA HIS D 17 -1.29 -19.00 -21.55
C HIS D 17 -0.27 -18.78 -22.69
N ALA D 18 -0.35 -19.57 -23.75
CA ALA D 18 0.59 -19.49 -24.90
C ALA D 18 0.60 -18.05 -25.42
N PHE D 19 -0.57 -17.41 -25.50
CA PHE D 19 -0.75 -16.05 -26.10
C PHE D 19 -0.14 -14.99 -25.17
N VAL D 20 -0.35 -15.14 -23.86
CA VAL D 20 0.04 -14.10 -22.85
C VAL D 20 1.47 -14.35 -22.38
N ASP D 21 1.83 -15.58 -21.95
CA ASP D 21 3.13 -15.89 -21.30
C ASP D 21 4.30 -15.62 -22.26
N THR D 22 4.11 -15.82 -23.56
CA THR D 22 5.12 -15.48 -24.60
C THR D 22 5.27 -13.97 -24.79
N GLY D 23 4.31 -13.15 -24.34
CA GLY D 23 4.30 -11.71 -24.62
C GLY D 23 3.69 -11.37 -25.97
N LEU D 24 3.18 -12.37 -26.73
CA LEU D 24 2.51 -12.11 -28.03
C LEU D 24 1.38 -11.10 -27.84
N SER D 25 0.62 -11.22 -26.75
CA SER D 25 -0.52 -10.31 -26.48
C SER D 25 -0.10 -8.84 -26.32
N THR D 26 1.17 -8.56 -25.99
CA THR D 26 1.66 -7.17 -25.75
C THR D 26 1.77 -6.43 -27.09
N HIS D 27 1.65 -7.15 -28.21
CA HIS D 27 1.64 -6.55 -29.58
C HIS D 27 0.25 -6.02 -29.88
N PHE D 28 -0.73 -6.24 -28.97
CA PHE D 28 -2.14 -5.91 -29.23
C PHE D 28 -2.59 -4.72 -28.39
N LYS D 29 -1.68 -3.84 -27.96
CA LYS D 29 -2.01 -2.66 -27.10
C LYS D 29 -2.98 -1.69 -27.80
N ASP D 30 -3.74 -0.93 -26.99
CA ASP D 30 -4.59 0.23 -27.39
C ASP D 30 -5.63 -0.17 -28.45
N GLY D 31 -6.15 -1.40 -28.39
CA GLY D 31 -7.24 -1.89 -29.28
C GLY D 31 -6.86 -1.97 -30.76
N ILE D 32 -5.58 -2.01 -31.11
CA ILE D 32 -5.15 -2.05 -32.54
C ILE D 32 -5.51 -3.43 -33.13
N TYR D 33 -5.91 -3.44 -34.40
CA TYR D 33 -6.05 -4.68 -35.23
C TYR D 33 -4.66 -5.07 -35.71
N VAL D 34 -4.24 -6.31 -35.45
CA VAL D 34 -2.90 -6.86 -35.82
C VAL D 34 -3.03 -7.74 -37.07
N ASP D 35 -2.17 -7.47 -38.05
CA ASP D 35 -1.92 -8.33 -39.23
C ASP D 35 -0.97 -9.45 -38.79
N ILE D 36 -1.43 -10.71 -38.78
CA ILE D 36 -0.60 -11.86 -38.32
C ILE D 36 0.57 -12.06 -39.29
N SER D 37 0.39 -11.79 -40.58
CA SER D 37 1.55 -11.91 -41.51
C SER D 37 2.66 -11.00 -40.94
N GLU D 38 2.34 -9.75 -40.60
CA GLU D 38 3.33 -8.73 -40.17
C GLU D 38 3.91 -9.14 -38.80
N LEU D 39 3.02 -9.52 -37.88
CA LEU D 39 3.48 -9.93 -36.54
C LEU D 39 4.53 -11.03 -36.71
N SER D 40 4.28 -11.99 -37.59
CA SER D 40 5.16 -13.16 -37.82
C SER D 40 6.52 -12.67 -38.33
N ARG D 41 6.53 -11.75 -39.30
CA ARG D 41 7.81 -11.19 -39.78
C ARG D 41 8.57 -10.54 -38.61
N LYS D 42 7.90 -9.70 -37.83
CA LYS D 42 8.47 -8.88 -36.72
C LYS D 42 8.96 -9.76 -35.54
N SER D 43 8.10 -10.66 -35.04
CA SER D 43 8.33 -11.43 -33.78
C SER D 43 9.00 -12.79 -34.01
N GLY D 44 8.83 -13.38 -35.21
CA GLY D 44 9.29 -14.74 -35.54
C GLY D 44 8.29 -15.82 -35.13
N VAL D 45 7.08 -15.45 -34.67
CA VAL D 45 6.02 -16.46 -34.40
C VAL D 45 5.65 -17.12 -35.74
N ASN D 46 5.42 -18.43 -35.75
CA ASN D 46 5.02 -19.18 -36.96
C ASN D 46 3.64 -18.68 -37.42
N TYR D 47 3.54 -18.16 -38.65
CA TYR D 47 2.29 -17.55 -39.18
C TYR D 47 1.09 -18.54 -39.18
N ALA D 48 1.22 -19.71 -39.76
CA ALA D 48 0.10 -20.63 -40.03
C ALA D 48 -0.44 -21.13 -38.67
N ARG D 49 0.50 -21.46 -37.79
CA ARG D 49 0.20 -22.09 -36.46
C ARG D 49 -0.36 -21.02 -35.53
N PHE D 50 0.17 -19.81 -35.51
CA PHE D 50 -0.40 -18.74 -34.64
C PHE D 50 -1.77 -18.30 -35.15
N SER D 51 -2.00 -18.32 -36.48
CA SER D 51 -3.32 -17.98 -37.10
C SER D 51 -4.40 -18.94 -36.56
N ARG D 52 -4.08 -20.22 -36.48
CA ARG D 52 -4.99 -21.27 -35.95
C ARG D 52 -5.28 -20.98 -34.46
N LEU D 53 -4.30 -20.53 -33.68
CA LEU D 53 -4.51 -20.15 -32.25
C LEU D 53 -5.41 -18.91 -32.20
N CYS D 54 -5.15 -17.91 -33.05
CA CYS D 54 -6.01 -16.70 -33.14
C CYS D 54 -7.46 -17.09 -33.42
N ASP D 55 -7.70 -18.10 -34.25
CA ASP D 55 -9.08 -18.48 -34.63
C ASP D 55 -9.73 -19.07 -33.35
N PHE D 56 -8.97 -19.80 -32.55
CA PHE D 56 -9.49 -20.38 -31.26
C PHE D 56 -9.77 -19.23 -30.29
N LEU D 57 -8.89 -18.24 -30.19
CA LEU D 57 -9.05 -17.08 -29.27
C LEU D 57 -10.27 -16.23 -29.69
N VAL D 58 -10.60 -16.15 -30.99
CA VAL D 58 -11.89 -15.53 -31.45
C VAL D 58 -13.07 -16.34 -30.90
N GLU D 59 -13.06 -17.65 -31.10
CA GLU D 59 -14.13 -18.57 -30.64
C GLU D 59 -14.42 -18.31 -29.15
N MET D 60 -13.37 -18.09 -28.34
N MET D 60 -13.38 -18.05 -28.35
CA MET D 60 -13.39 -17.84 -26.88
CA MET D 60 -13.42 -17.86 -26.87
C MET D 60 -13.94 -16.44 -26.57
C MET D 60 -13.76 -16.40 -26.51
N GLY D 61 -13.73 -15.49 -27.50
CA GLY D 61 -14.07 -14.06 -27.32
C GLY D 61 -12.89 -13.23 -26.83
N VAL D 62 -11.67 -13.76 -26.81
CA VAL D 62 -10.46 -13.01 -26.36
C VAL D 62 -10.04 -12.06 -27.51
N LEU D 63 -10.16 -12.56 -28.72
CA LEU D 63 -9.82 -11.76 -29.94
C LEU D 63 -11.10 -11.45 -30.72
N VAL D 64 -11.08 -10.39 -31.52
CA VAL D 64 -12.18 -10.02 -32.44
C VAL D 64 -11.52 -9.86 -33.81
N SER D 65 -12.09 -10.47 -34.86
CA SER D 65 -11.48 -10.43 -36.20
C SER D 65 -12.26 -9.46 -37.08
N ASN D 66 -11.52 -8.77 -37.94
CA ASN D 66 -12.07 -7.89 -38.99
C ASN D 66 -11.00 -7.78 -40.07
N ASP D 67 -11.39 -7.94 -41.34
CA ASP D 67 -10.50 -7.67 -42.50
C ASP D 67 -9.26 -8.59 -42.36
N ASN D 68 -9.47 -9.82 -41.90
CA ASN D 68 -8.43 -10.87 -41.67
C ASN D 68 -7.36 -10.38 -40.69
N LYS D 69 -7.71 -9.44 -39.80
CA LYS D 69 -6.83 -8.95 -38.71
C LYS D 69 -7.54 -9.22 -37.38
N PHE D 70 -6.83 -9.07 -36.28
CA PHE D 70 -7.28 -9.48 -34.91
C PHE D 70 -6.95 -8.35 -33.94
N ARG D 71 -7.93 -7.94 -33.13
CA ARG D 71 -7.70 -7.09 -31.94
C ARG D 71 -8.13 -7.88 -30.68
N LEU D 72 -7.65 -7.46 -29.52
CA LEU D 72 -8.18 -7.95 -28.21
C LEU D 72 -9.62 -7.44 -28.08
N SER D 73 -10.54 -8.23 -27.49
CA SER D 73 -11.87 -7.69 -27.12
C SER D 73 -11.65 -6.60 -26.06
N ASP D 74 -12.58 -5.68 -25.89
CA ASP D 74 -12.52 -4.60 -24.87
C ASP D 74 -12.23 -5.18 -23.49
N GLU D 75 -12.91 -6.25 -23.10
CA GLU D 75 -12.74 -6.94 -21.79
C GLU D 75 -11.29 -7.44 -21.65
N CYS D 76 -10.68 -7.90 -22.75
CA CYS D 76 -9.36 -8.57 -22.75
C CYS D 76 -8.19 -7.60 -23.02
N HIS D 77 -8.45 -6.28 -23.08
CA HIS D 77 -7.40 -5.23 -23.24
C HIS D 77 -6.31 -5.48 -22.19
N VAL D 78 -6.69 -6.05 -21.03
CA VAL D 78 -5.74 -6.24 -19.89
C VAL D 78 -4.56 -7.15 -20.30
N PHE D 79 -4.76 -8.07 -21.24
CA PHE D 79 -3.72 -9.03 -21.68
C PHE D 79 -2.61 -8.31 -22.47
N ALA D 80 -2.84 -7.08 -22.92
CA ALA D 80 -1.80 -6.27 -23.62
C ALA D 80 -0.79 -5.72 -22.59
N ASN D 81 -1.15 -5.78 -21.30
CA ASN D 81 -0.37 -5.16 -20.20
C ASN D 81 0.22 -6.28 -19.34
N PRO D 82 1.56 -6.51 -19.39
CA PRO D 82 2.18 -7.55 -18.58
C PRO D 82 2.06 -7.30 -17.07
N GLU D 83 1.73 -6.07 -16.66
CA GLU D 83 1.56 -5.69 -15.24
C GLU D 83 0.13 -5.94 -14.74
N SER D 84 -0.81 -6.41 -15.57
CA SER D 84 -2.25 -6.54 -15.18
C SER D 84 -2.40 -7.77 -14.28
N PHE D 85 -3.35 -7.73 -13.34
CA PHE D 85 -3.60 -8.90 -12.45
C PHE D 85 -3.89 -10.13 -13.31
N GLU D 86 -4.66 -9.98 -14.40
CA GLU D 86 -5.06 -11.06 -15.34
C GLU D 86 -3.82 -11.75 -15.96
N SER D 87 -2.79 -10.99 -16.36
CA SER D 87 -1.50 -11.54 -16.85
C SER D 87 -0.84 -12.46 -15.81
N PHE D 88 -0.70 -12.00 -14.56
CA PHE D 88 -0.15 -12.81 -13.43
C PHE D 88 -1.06 -14.01 -13.13
N MET D 89 -2.38 -13.83 -13.23
CA MET D 89 -3.36 -14.91 -12.97
C MET D 89 -3.14 -16.08 -13.94
N ILE D 90 -3.02 -15.83 -15.26
CA ILE D 90 -2.88 -16.95 -16.24
C ILE D 90 -1.49 -17.57 -16.08
N LYS D 91 -0.45 -16.84 -15.69
CA LYS D 91 0.91 -17.42 -15.49
C LYS D 91 0.90 -18.45 -14.34
N LEU D 92 0.17 -18.14 -13.29
CA LEU D 92 0.02 -19.07 -12.12
C LEU D 92 -0.95 -20.22 -12.43
N GLU D 93 -2.08 -19.92 -13.07
CA GLU D 93 -3.28 -20.79 -13.12
C GLU D 93 -2.90 -22.18 -13.65
N ILE D 94 -2.07 -22.26 -14.70
CA ILE D 94 -1.70 -23.58 -15.27
C ILE D 94 -0.19 -23.81 -15.21
N CYS D 95 0.55 -23.11 -14.34
CA CYS D 95 1.98 -23.44 -14.08
C CYS D 95 2.09 -24.90 -13.60
N SER D 96 3.27 -25.50 -13.73
CA SER D 96 3.46 -26.94 -13.40
C SER D 96 3.01 -27.21 -11.95
N HIS D 97 3.28 -26.30 -11.02
CA HIS D 97 3.00 -26.52 -9.56
C HIS D 97 1.48 -26.62 -9.34
N TYR D 98 0.70 -25.76 -9.99
CA TYR D 98 -0.76 -25.75 -9.84
C TYR D 98 -1.32 -27.01 -10.50
N SER D 99 -0.85 -27.32 -11.71
N SER D 99 -0.88 -27.30 -11.73
CA SER D 99 -1.31 -28.53 -12.45
CA SER D 99 -1.30 -28.53 -12.44
C SER D 99 -1.02 -29.80 -11.63
C SER D 99 -1.06 -29.76 -11.54
N ASN D 100 0.16 -29.90 -11.01
CA ASN D 100 0.55 -31.10 -10.20
C ASN D 100 -0.30 -31.13 -8.91
N ALA D 101 -0.66 -29.98 -8.34
CA ALA D 101 -1.55 -29.89 -7.16
C ALA D 101 -2.93 -30.42 -7.55
N TRP D 102 -3.48 -29.98 -8.68
CA TRP D 102 -4.79 -30.49 -9.19
C TRP D 102 -4.74 -32.00 -9.40
N LEU D 103 -3.61 -32.57 -9.83
CA LEU D 103 -3.53 -34.03 -10.09
C LEU D 103 -3.59 -34.83 -8.78
N MET D 104 -3.27 -34.18 -7.66
CA MET D 104 -3.37 -34.78 -6.30
C MET D 104 -4.73 -34.54 -5.67
N TYR D 105 -5.61 -33.75 -6.28
CA TYR D 105 -6.87 -33.26 -5.65
C TYR D 105 -7.73 -34.48 -5.29
N GLY D 106 -7.95 -35.38 -6.25
CA GLY D 106 -8.78 -36.58 -6.05
C GLY D 106 -8.26 -37.38 -4.88
N LYS D 107 -6.95 -37.65 -4.85
CA LYS D 107 -6.35 -38.42 -3.75
C LYS D 107 -6.47 -37.65 -2.43
N SER D 108 -6.31 -36.31 -2.46
CA SER D 108 -6.43 -35.45 -1.25
C SER D 108 -7.81 -35.63 -0.57
N LEU D 109 -8.87 -36.03 -1.29
CA LEU D 109 -10.24 -36.08 -0.75
C LEU D 109 -10.40 -37.30 0.16
N PHE D 110 -9.48 -38.27 0.11
CA PHE D 110 -9.58 -39.55 0.88
C PHE D 110 -8.63 -39.53 2.09
N GLU D 111 -7.84 -38.47 2.25
CA GLU D 111 -6.88 -38.31 3.37
C GLU D 111 -7.49 -37.37 4.42
N ASP D 112 -7.12 -37.58 5.69
CA ASP D 112 -7.57 -36.75 6.83
C ASP D 112 -6.35 -36.44 7.71
N ASP D 113 -5.21 -36.15 7.08
CA ASP D 113 -3.90 -35.85 7.74
C ASP D 113 -3.63 -34.34 7.69
N GLY D 114 -4.53 -33.56 7.10
CA GLY D 114 -4.46 -32.09 7.07
C GLY D 114 -3.49 -31.62 5.99
N LYS D 115 -3.16 -32.48 5.03
CA LYS D 115 -2.27 -32.09 3.90
C LYS D 115 -3.11 -31.69 2.69
N SER D 116 -2.89 -30.47 2.19
CA SER D 116 -3.47 -29.99 0.91
C SER D 116 -2.93 -30.85 -0.25
N ALA D 117 -3.70 -30.93 -1.32
CA ALA D 117 -3.27 -31.48 -2.63
C ALA D 117 -1.92 -30.87 -3.01
N PHE D 118 -1.76 -29.57 -2.77
CA PHE D 118 -0.49 -28.85 -3.10
C PHE D 118 0.66 -29.45 -2.28
N GLU D 119 0.46 -29.70 -0.98
CA GLU D 119 1.54 -30.24 -0.11
C GLU D 119 1.84 -31.69 -0.51
N MET D 120 0.81 -32.45 -0.86
CA MET D 120 0.92 -33.84 -1.35
C MET D 120 1.78 -33.87 -2.62
N ALA D 121 1.59 -32.90 -3.52
CA ALA D 121 2.39 -32.78 -4.76
C ALA D 121 3.83 -32.33 -4.47
N HIS D 122 4.05 -31.39 -3.53
CA HIS D 122 5.29 -30.56 -3.49
C HIS D 122 6.11 -30.73 -2.19
N GLY D 123 5.56 -31.32 -1.14
CA GLY D 123 6.35 -31.70 0.05
C GLY D 123 6.27 -30.69 1.19
N ARG D 124 5.73 -29.49 0.94
N ARG D 124 5.71 -29.50 0.94
CA ARG D 124 5.46 -28.46 1.98
CA ARG D 124 5.45 -28.45 1.96
C ARG D 124 4.14 -27.75 1.65
C ARG D 124 4.13 -27.76 1.65
N PRO D 125 3.45 -27.16 2.67
CA PRO D 125 2.28 -26.34 2.42
C PRO D 125 2.64 -25.12 1.55
N PHE D 126 1.65 -24.49 0.96
CA PHE D 126 1.79 -23.43 -0.10
C PHE D 126 2.83 -22.39 0.34
N PHE D 127 2.62 -21.65 1.44
CA PHE D 127 3.43 -20.45 1.72
C PHE D 127 4.88 -20.84 2.11
N GLU D 128 5.06 -21.93 2.85
CA GLU D 128 6.41 -22.48 3.14
C GLU D 128 7.14 -22.84 1.82
N TYR D 129 6.42 -23.43 0.86
CA TYR D 129 7.02 -23.86 -0.43
C TYR D 129 7.49 -22.60 -1.16
N LEU D 130 6.66 -21.55 -1.17
CA LEU D 130 6.96 -20.26 -1.87
C LEU D 130 8.27 -19.64 -1.31
N ASP D 131 8.63 -19.88 -0.04
CA ASP D 131 9.91 -19.39 0.56
C ASP D 131 11.12 -19.90 -0.24
N GLY D 132 10.98 -21.05 -0.93
CA GLY D 132 12.07 -21.67 -1.72
C GLY D 132 11.89 -21.57 -3.23
N ASN D 133 10.84 -20.88 -3.73
CA ASN D 133 10.53 -20.85 -5.18
C ASN D 133 10.28 -19.40 -5.65
N LYS D 134 11.29 -18.77 -6.22
CA LYS D 134 11.21 -17.37 -6.74
C LYS D 134 10.04 -17.20 -7.73
N PHE D 135 9.85 -18.14 -8.65
CA PHE D 135 8.80 -18.03 -9.70
C PHE D 135 7.43 -17.89 -9.03
N LEU D 136 7.12 -18.83 -8.14
CA LEU D 136 5.79 -18.81 -7.47
C LEU D 136 5.69 -17.59 -6.58
N LYS D 137 6.73 -17.28 -5.79
CA LYS D 137 6.63 -16.18 -4.79
C LYS D 137 6.44 -14.86 -5.52
N SER D 138 7.29 -14.55 -6.50
CA SER D 138 7.22 -13.25 -7.20
C SER D 138 5.86 -13.08 -7.89
N ASN D 139 5.37 -14.09 -8.62
CA ASN D 139 4.10 -14.00 -9.38
C ASN D 139 2.89 -13.97 -8.43
N PHE D 140 2.86 -14.80 -7.40
CA PHE D 140 1.74 -14.80 -6.43
C PHE D 140 1.66 -13.44 -5.72
N ASP D 141 2.79 -12.95 -5.18
CA ASP D 141 2.85 -11.65 -4.45
C ASP D 141 2.42 -10.52 -5.40
N ALA D 142 2.79 -10.60 -6.68
CA ALA D 142 2.43 -9.58 -7.69
C ALA D 142 0.91 -9.59 -7.95
N LEU D 143 0.33 -10.79 -8.08
CA LEU D 143 -1.15 -10.96 -8.26
C LEU D 143 -1.86 -10.24 -7.10
N MET D 144 -1.46 -10.54 -5.86
CA MET D 144 -2.09 -9.98 -4.64
C MET D 144 -1.91 -8.45 -4.63
N THR D 145 -0.73 -7.96 -4.97
CA THR D 145 -0.45 -6.51 -5.12
C THR D 145 -1.46 -5.86 -6.09
N ARG D 146 -1.68 -6.44 -7.27
CA ARG D 146 -2.55 -5.85 -8.32
C ARG D 146 -4.00 -5.82 -7.84
N VAL D 147 -4.50 -6.91 -7.24
CA VAL D 147 -5.93 -6.95 -6.82
C VAL D 147 -6.12 -6.03 -5.60
N SER D 148 -5.05 -5.79 -4.84
CA SER D 148 -5.05 -4.82 -3.71
C SER D 148 -5.20 -3.41 -4.26
N ASN D 149 -4.41 -3.06 -5.28
CA ASN D 149 -4.45 -1.73 -5.93
C ASN D 149 -5.88 -1.46 -6.40
N LEU D 150 -6.55 -2.45 -7.02
CA LEU D 150 -7.91 -2.29 -7.64
C LEU D 150 -8.99 -2.01 -6.59
N ILE D 151 -8.88 -2.47 -5.34
CA ILE D 151 -9.97 -2.32 -4.34
C ILE D 151 -9.80 -1.03 -3.53
N VAL D 152 -8.62 -0.38 -3.55
CA VAL D 152 -8.28 0.75 -2.65
C VAL D 152 -9.36 1.84 -2.75
N GLU D 153 -9.73 2.24 -3.97
CA GLU D 153 -10.66 3.38 -4.19
C GLU D 153 -11.99 3.08 -3.48
N LYS D 154 -12.55 1.88 -3.69
CA LYS D 154 -13.90 1.51 -3.16
C LYS D 154 -13.84 1.45 -1.63
N LEU D 155 -12.72 0.99 -1.07
CA LEU D 155 -12.50 0.84 0.39
C LEU D 155 -12.50 2.23 1.04
N LEU D 156 -11.75 3.18 0.48
CA LEU D 156 -11.68 4.58 0.98
C LEU D 156 -13.06 5.24 0.88
N GLY D 157 -13.85 4.86 -0.12
CA GLY D 157 -15.21 5.36 -0.36
C GLY D 157 -16.21 4.93 0.71
N ILE D 158 -16.03 3.75 1.32
CA ILE D 158 -17.07 3.15 2.21
C ILE D 158 -16.68 3.24 3.68
N TYR D 159 -15.45 3.61 4.02
CA TYR D 159 -14.98 3.67 5.43
C TYR D 159 -14.07 4.89 5.64
N ASP D 160 -14.32 5.64 6.72
CA ASP D 160 -13.54 6.82 7.16
C ASP D 160 -12.26 6.32 7.84
N PHE D 161 -11.14 6.35 7.12
CA PHE D 161 -9.79 5.97 7.62
C PHE D 161 -9.14 7.14 8.36
N ASN D 162 -9.63 8.37 8.13
CA ASN D 162 -9.06 9.62 8.70
C ASN D 162 -9.24 9.63 10.24
N GLN D 163 -10.26 8.94 10.77
CA GLN D 163 -10.58 8.91 12.23
C GLN D 163 -9.51 8.11 13.00
N HIS D 164 -8.73 7.26 12.31
CA HIS D 164 -7.80 6.29 12.94
C HIS D 164 -6.40 6.90 13.08
N ASN D 165 -5.58 6.33 13.96
CA ASN D 165 -4.25 6.88 14.37
C ASN D 165 -3.15 5.91 13.97
N ARG D 166 -3.24 4.66 14.44
CA ARG D 166 -2.23 3.58 14.24
C ARG D 166 -2.91 2.39 13.54
N ILE D 167 -2.43 2.06 12.34
CA ILE D 167 -3.07 1.07 11.42
C ILE D 167 -2.10 -0.07 11.11
N LEU D 168 -2.51 -1.32 11.37
CA LEU D 168 -1.76 -2.55 11.04
C LEU D 168 -2.52 -3.38 9.98
N ASP D 169 -1.88 -3.63 8.84
CA ASP D 169 -2.37 -4.60 7.83
C ASP D 169 -1.71 -5.95 8.10
N VAL D 170 -2.50 -6.95 8.49
CA VAL D 170 -2.00 -8.29 8.89
C VAL D 170 -2.05 -9.24 7.70
N GLY D 171 -0.92 -9.88 7.40
CA GLY D 171 -0.76 -10.68 6.19
C GLY D 171 -0.83 -9.79 4.95
N GLY D 172 -0.25 -8.59 5.03
CA GLY D 172 -0.38 -7.53 4.01
C GLY D 172 0.52 -7.72 2.80
N GLY D 173 1.37 -8.76 2.76
CA GLY D 173 2.13 -9.08 1.53
C GLY D 173 3.19 -8.02 1.23
N GLU D 174 3.25 -7.51 0.00
CA GLU D 174 4.22 -6.46 -0.38
C GLU D 174 3.80 -5.10 0.22
N GLY D 175 2.61 -5.01 0.82
CA GLY D 175 2.12 -3.83 1.55
C GLY D 175 1.44 -2.80 0.64
N GLU D 176 1.04 -3.19 -0.57
CA GLU D 176 0.37 -2.30 -1.56
C GLU D 176 -0.89 -1.66 -0.96
N LEU D 177 -1.73 -2.38 -0.21
CA LEU D 177 -3.00 -1.81 0.29
C LEU D 177 -2.68 -0.58 1.17
N LEU D 178 -1.76 -0.70 2.12
CA LEU D 178 -1.45 0.42 3.06
C LEU D 178 -0.58 1.47 2.39
N VAL D 179 0.30 1.10 1.45
CA VAL D 179 1.11 2.10 0.69
C VAL D 179 0.14 3.04 -0.04
N ARG D 180 -0.86 2.46 -0.73
CA ARG D 180 -1.87 3.24 -1.49
C ARG D 180 -2.78 4.05 -0.55
N ILE D 181 -3.25 3.47 0.56
CA ILE D 181 -4.09 4.20 1.55
C ILE D 181 -3.27 5.36 2.14
N SER D 182 -1.99 5.15 2.45
CA SER D 182 -1.11 6.16 3.08
C SER D 182 -0.92 7.37 2.16
N GLU D 183 -1.07 7.19 0.84
CA GLU D 183 -0.93 8.29 -0.15
C GLU D 183 -2.19 9.16 -0.18
N LYS D 184 -3.31 8.67 0.38
CA LYS D 184 -4.61 9.38 0.37
C LYS D 184 -5.02 9.81 1.78
N VAL D 185 -4.60 9.08 2.82
CA VAL D 185 -4.86 9.39 4.25
C VAL D 185 -3.51 9.58 4.95
N LYS D 186 -3.10 10.83 5.15
CA LYS D 186 -1.73 11.17 5.59
C LYS D 186 -1.73 11.43 7.11
N GLY D 187 -0.52 11.54 7.68
CA GLY D 187 -0.29 11.83 9.11
C GLY D 187 -0.67 10.68 10.02
N LYS D 188 -0.67 9.44 9.51
CA LYS D 188 -1.00 8.24 10.35
C LYS D 188 0.27 7.41 10.56
N HIS D 189 0.24 6.46 11.49
CA HIS D 189 1.26 5.39 11.62
C HIS D 189 0.78 4.12 10.91
N TYR D 190 1.55 3.67 9.92
CA TYR D 190 1.24 2.54 9.00
C TYR D 190 2.25 1.41 9.21
N ALA D 191 1.75 0.21 9.51
CA ALA D 191 2.56 -1.01 9.68
C ALA D 191 1.97 -2.15 8.84
N VAL D 192 2.82 -3.04 8.34
CA VAL D 192 2.41 -4.23 7.54
C VAL D 192 3.11 -5.47 8.13
N LEU D 193 2.34 -6.47 8.54
CA LEU D 193 2.87 -7.75 9.08
C LEU D 193 2.68 -8.85 8.03
N ASP D 194 3.73 -9.65 7.82
CA ASP D 194 3.72 -10.86 6.95
C ASP D 194 4.95 -11.70 7.30
N ARG D 195 5.23 -12.73 6.51
CA ARG D 195 6.43 -13.59 6.64
C ARG D 195 7.53 -13.05 5.71
N TYR D 196 8.55 -12.43 6.28
CA TYR D 196 9.63 -11.74 5.51
C TYR D 196 10.98 -12.33 5.89
N SER D 197 11.71 -12.88 4.92
CA SER D 197 13.10 -13.36 5.10
C SER D 197 14.04 -12.15 5.02
N GLU D 198 13.68 -11.16 4.20
CA GLU D 198 14.30 -9.81 4.16
C GLU D 198 13.16 -8.78 4.21
N LEU D 199 13.27 -7.75 5.05
CA LEU D 199 12.18 -6.74 5.24
C LEU D 199 12.07 -5.88 3.98
N PRO D 200 10.85 -5.69 3.43
CA PRO D 200 10.62 -4.67 2.41
C PRO D 200 10.88 -3.28 2.99
N VAL D 201 11.22 -2.30 2.15
CA VAL D 201 11.42 -0.88 2.54
C VAL D 201 10.47 0.00 1.72
N SER D 202 9.79 0.93 2.39
CA SER D 202 8.88 1.94 1.79
C SER D 202 8.69 3.08 2.80
N ASP D 203 8.83 4.32 2.35
CA ASP D 203 8.75 5.54 3.20
C ASP D 203 7.52 5.46 4.10
N ASN D 204 7.70 5.68 5.41
CA ASN D 204 6.63 5.73 6.46
C ASN D 204 5.73 4.48 6.40
N ILE D 205 6.29 3.29 6.09
CA ILE D 205 5.65 1.98 6.38
C ILE D 205 6.59 1.18 7.31
N ASP D 206 6.06 0.71 8.44
CA ASP D 206 6.77 -0.20 9.36
C ASP D 206 6.46 -1.65 8.95
N PHE D 207 7.42 -2.34 8.34
CA PHE D 207 7.29 -3.77 7.93
C PHE D 207 7.73 -4.66 9.09
N ILE D 208 6.84 -5.57 9.48
CA ILE D 208 7.03 -6.50 10.63
C ILE D 208 7.06 -7.94 10.09
N ASN D 209 8.15 -8.66 10.38
CA ASN D 209 8.24 -10.13 10.22
C ASN D 209 7.51 -10.75 11.40
N GLY D 210 6.42 -11.47 11.14
CA GLY D 210 5.52 -11.97 12.21
C GLY D 210 4.82 -13.25 11.79
N ASN D 211 3.96 -13.75 12.66
CA ASN D 211 3.21 -15.00 12.45
C ASN D 211 1.86 -14.85 13.13
N PHE D 212 0.80 -14.57 12.35
CA PHE D 212 -0.55 -14.29 12.88
C PHE D 212 -1.13 -15.54 13.55
N LEU D 213 -0.53 -16.72 13.38
CA LEU D 213 -0.95 -17.96 14.09
C LEU D 213 -0.54 -17.92 15.57
N ASN D 214 0.52 -17.15 15.90
CA ASN D 214 1.08 -17.08 17.27
C ASN D 214 0.58 -15.81 17.96
N SER D 215 0.60 -14.67 17.29
CA SER D 215 0.45 -13.36 17.98
C SER D 215 0.17 -12.25 16.97
N ILE D 216 -0.77 -11.36 17.29
CA ILE D 216 -0.98 -10.04 16.60
C ILE D 216 -0.45 -8.96 17.55
N PRO D 217 0.41 -8.03 17.10
CA PRO D 217 0.88 -6.95 17.96
C PRO D 217 -0.27 -6.00 18.37
N SER D 218 -0.32 -5.66 19.66
CA SER D 218 -1.32 -4.73 20.25
C SER D 218 -0.88 -3.29 20.02
N GLY D 219 -1.73 -2.32 20.36
CA GLY D 219 -1.39 -0.90 20.35
C GLY D 219 -1.88 -0.18 19.10
N TYR D 220 -2.53 -0.87 18.17
CA TYR D 220 -3.15 -0.27 16.96
C TYR D 220 -4.65 -0.11 17.20
N ASP D 221 -5.24 0.96 16.66
CA ASP D 221 -6.69 1.23 16.78
C ASP D 221 -7.40 0.73 15.52
N LEU D 222 -6.68 0.49 14.42
CA LEU D 222 -7.24 -0.19 13.22
C LEU D 222 -6.37 -1.37 12.82
N TYR D 223 -7.02 -2.53 12.68
CA TYR D 223 -6.46 -3.77 12.11
C TYR D 223 -7.14 -4.05 10.78
N ILE D 224 -6.38 -4.55 9.81
CA ILE D 224 -6.90 -5.02 8.49
C ILE D 224 -6.45 -6.47 8.29
N LEU D 225 -7.35 -7.33 7.86
CA LEU D 225 -7.09 -8.73 7.44
C LEU D 225 -7.81 -8.97 6.11
N LYS D 226 -7.14 -8.73 4.99
CA LYS D 226 -7.72 -8.91 3.63
C LYS D 226 -7.24 -10.24 3.03
N ASN D 227 -8.19 -11.06 2.57
CA ASN D 227 -7.92 -12.29 1.76
C ASN D 227 -6.91 -13.18 2.47
N VAL D 228 -7.06 -13.41 3.77
CA VAL D 228 -6.20 -14.33 4.55
C VAL D 228 -7.03 -15.56 4.92
N LEU D 229 -8.25 -15.38 5.41
CA LEU D 229 -9.05 -16.51 5.99
C LEU D 229 -9.39 -17.53 4.90
N ASN D 230 -9.42 -17.14 3.62
CA ASN D 230 -9.71 -18.13 2.57
C ASN D 230 -8.59 -19.17 2.52
N ASN D 231 -7.43 -18.88 3.06
CA ASN D 231 -6.30 -19.83 2.98
C ASN D 231 -6.22 -20.74 4.21
N TRP D 232 -7.23 -20.69 5.08
CA TRP D 232 -7.13 -21.42 6.38
C TRP D 232 -8.39 -22.20 6.69
N SER D 233 -8.26 -23.22 7.54
CA SER D 233 -9.42 -24.01 8.08
C SER D 233 -10.24 -23.19 9.06
N ASP D 234 -11.44 -23.68 9.39
CA ASP D 234 -12.32 -23.00 10.39
C ASP D 234 -11.54 -22.86 11.70
N SER D 235 -10.91 -23.95 12.16
CA SER D 235 -10.06 -24.04 13.37
C SER D 235 -8.95 -22.97 13.37
N ASP D 236 -8.12 -22.91 12.33
CA ASP D 236 -7.00 -21.94 12.21
C ASP D 236 -7.56 -20.51 12.03
N SER D 237 -8.70 -20.34 11.36
CA SER D 237 -9.39 -19.03 11.21
C SER D 237 -9.81 -18.50 12.59
N ILE D 238 -10.41 -19.35 13.42
CA ILE D 238 -10.81 -18.94 14.79
C ILE D 238 -9.55 -18.53 15.58
N LEU D 239 -8.45 -19.29 15.49
CA LEU D 239 -7.16 -19.00 16.18
C LEU D 239 -6.69 -17.59 15.81
N ILE D 240 -6.71 -17.25 14.51
CA ILE D 240 -6.25 -15.93 14.00
C ILE D 240 -7.12 -14.84 14.63
N LEU D 241 -8.44 -14.98 14.53
CA LEU D 241 -9.41 -13.99 15.07
C LEU D 241 -9.29 -13.90 16.61
N GLU D 242 -9.01 -15.01 17.30
CA GLU D 242 -8.73 -15.01 18.76
C GLU D 242 -7.45 -14.19 19.02
N ASN D 243 -6.44 -14.32 18.17
CA ASN D 243 -5.17 -13.55 18.35
C ASN D 243 -5.44 -12.05 18.15
N PHE D 244 -6.39 -11.68 17.27
CA PHE D 244 -6.87 -10.28 17.12
C PHE D 244 -7.53 -9.79 18.41
N ARG D 245 -8.49 -10.55 18.95
CA ARG D 245 -9.25 -10.17 20.18
C ARG D 245 -8.26 -9.89 21.34
N LYS D 246 -7.21 -10.71 21.47
CA LYS D 246 -6.18 -10.57 22.53
C LYS D 246 -5.34 -9.31 22.30
N ALA D 247 -5.18 -8.86 21.06
CA ALA D 247 -4.38 -7.67 20.70
C ALA D 247 -5.21 -6.39 20.84
N MET D 248 -6.53 -6.48 20.69
CA MET D 248 -7.47 -5.32 20.59
C MET D 248 -7.94 -4.90 21.99
N ASP D 249 -8.28 -3.62 22.17
CA ASP D 249 -9.04 -3.12 23.35
C ASP D 249 -10.42 -2.65 22.86
N LYS D 250 -11.24 -2.11 23.75
CA LYS D 250 -12.67 -1.77 23.49
C LYS D 250 -12.75 -0.71 22.38
N ASN D 251 -11.68 0.06 22.16
CA ASN D 251 -11.64 1.17 21.17
C ASN D 251 -11.14 0.68 19.80
N SER D 252 -10.57 -0.52 19.72
CA SER D 252 -9.96 -1.09 18.48
C SER D 252 -11.06 -1.51 17.50
N SER D 253 -10.76 -1.47 16.21
CA SER D 253 -11.60 -1.99 15.10
C SER D 253 -10.77 -2.92 14.20
N LEU D 254 -11.38 -4.02 13.75
CA LEU D 254 -10.81 -4.97 12.75
C LEU D 254 -11.67 -4.96 11.49
N LEU D 255 -11.09 -4.59 10.35
CA LEU D 255 -11.76 -4.70 9.01
C LEU D 255 -11.41 -6.08 8.41
N LEU D 256 -12.39 -6.98 8.40
CA LEU D 256 -12.28 -8.32 7.76
C LEU D 256 -12.80 -8.16 6.33
N ILE D 257 -11.90 -8.28 5.36
CA ILE D 257 -12.16 -7.97 3.92
C ILE D 257 -11.77 -9.20 3.09
N ASN D 258 -12.73 -9.79 2.37
CA ASN D 258 -12.56 -11.11 1.72
C ASN D 258 -13.45 -11.18 0.49
N MET D 259 -12.95 -11.79 -0.59
CA MET D 259 -13.82 -12.38 -1.62
C MET D 259 -14.90 -13.19 -0.89
N VAL D 260 -16.17 -12.99 -1.24
CA VAL D 260 -17.31 -13.62 -0.51
C VAL D 260 -18.08 -14.53 -1.46
N LYS D 261 -18.58 -15.64 -0.92
CA LYS D 261 -19.33 -16.67 -1.68
C LYS D 261 -20.80 -16.24 -1.73
N GLU D 262 -21.30 -15.93 -2.94
CA GLU D 262 -22.73 -15.67 -3.22
C GLU D 262 -23.23 -16.71 -4.23
N PRO D 263 -24.51 -17.15 -4.14
CA PRO D 263 -25.06 -18.18 -5.03
C PRO D 263 -24.92 -17.93 -6.54
N GLU D 264 -25.00 -16.67 -6.97
CA GLU D 264 -25.05 -16.28 -8.41
C GLU D 264 -23.68 -16.42 -9.07
N PHE D 265 -22.61 -16.63 -8.29
CA PHE D 265 -21.20 -16.61 -8.76
C PHE D 265 -20.62 -18.02 -8.70
N SER D 266 -19.53 -18.22 -9.43
CA SER D 266 -18.88 -19.55 -9.61
C SER D 266 -18.29 -20.09 -8.29
N ARG D 267 -18.31 -21.42 -8.13
CA ARG D 267 -17.66 -22.13 -7.00
C ARG D 267 -16.20 -22.50 -7.35
N SER D 268 -15.71 -22.13 -8.56
CA SER D 268 -14.38 -22.60 -8.97
C SER D 268 -13.31 -22.15 -7.95
N PHE D 269 -13.40 -20.94 -7.42
CA PHE D 269 -12.40 -20.39 -6.45
C PHE D 269 -12.43 -21.18 -5.13
N ASP D 270 -13.62 -21.54 -4.69
CA ASP D 270 -13.81 -22.36 -3.46
C ASP D 270 -13.00 -23.64 -3.59
N ILE D 271 -13.04 -24.29 -4.76
CA ILE D 271 -12.31 -25.56 -5.05
C ILE D 271 -10.81 -25.28 -5.14
N LEU D 272 -10.36 -24.20 -5.80
CA LEU D 272 -8.91 -23.85 -5.80
C LEU D 272 -8.37 -23.68 -4.36
N MET D 273 -9.15 -23.01 -3.49
CA MET D 273 -8.77 -22.79 -2.06
C MET D 273 -8.61 -24.15 -1.35
N ASP D 274 -9.41 -25.16 -1.70
CA ASP D 274 -9.27 -26.54 -1.14
C ASP D 274 -7.95 -27.14 -1.62
N VAL D 275 -7.71 -27.10 -2.93
CA VAL D 275 -6.51 -27.71 -3.57
C VAL D 275 -5.23 -27.10 -2.97
N LEU D 276 -5.20 -25.77 -2.86
CA LEU D 276 -3.95 -25.03 -2.53
C LEU D 276 -3.70 -24.98 -1.02
N PHE D 277 -4.75 -25.01 -0.18
CA PHE D 277 -4.64 -24.56 1.24
C PHE D 277 -5.42 -25.44 2.22
N LEU D 278 -6.28 -26.35 1.75
CA LEU D 278 -7.44 -26.88 2.53
C LEU D 278 -8.21 -25.69 3.10
N GLY D 279 -8.30 -24.60 2.31
CA GLY D 279 -9.10 -23.42 2.64
C GLY D 279 -10.48 -23.52 2.03
N LYS D 280 -11.24 -22.43 2.10
CA LYS D 280 -12.60 -22.35 1.49
C LYS D 280 -12.96 -20.88 1.29
N GLU D 281 -13.90 -20.63 0.39
CA GLU D 281 -14.52 -19.28 0.27
C GLU D 281 -15.78 -19.31 1.13
N ARG D 282 -15.92 -18.34 2.04
CA ARG D 282 -17.04 -18.30 3.01
C ARG D 282 -18.06 -17.25 2.59
N SER D 283 -19.29 -17.45 3.03
CA SER D 283 -20.42 -16.48 2.99
C SER D 283 -20.24 -15.51 4.16
N PHE D 284 -21.00 -14.41 4.18
N PHE D 284 -20.99 -14.41 4.19
CA PHE D 284 -21.10 -13.45 5.30
CA PHE D 284 -21.03 -13.47 5.34
C PHE D 284 -21.43 -14.21 6.59
C PHE D 284 -21.41 -14.23 6.62
N THR D 285 -22.40 -15.11 6.52
CA THR D 285 -22.93 -15.90 7.67
C THR D 285 -21.80 -16.75 8.29
N GLU D 286 -20.96 -17.37 7.45
CA GLU D 286 -19.84 -18.23 7.90
C GLU D 286 -18.75 -17.37 8.54
N PHE D 287 -18.46 -16.18 8.00
CA PHE D 287 -17.46 -15.23 8.57
C PHE D 287 -17.95 -14.78 9.95
N GLU D 288 -19.23 -14.39 10.07
CA GLU D 288 -19.81 -13.90 11.35
C GLU D 288 -19.78 -15.01 12.41
N TYR D 289 -19.99 -16.28 12.01
CA TYR D 289 -19.91 -17.41 12.95
C TYR D 289 -18.48 -17.54 13.50
N LEU D 290 -17.46 -17.41 12.64
CA LEU D 290 -16.03 -17.56 13.06
C LEU D 290 -15.65 -16.41 14.01
N ALA D 291 -16.08 -15.19 13.70
CA ALA D 291 -15.82 -13.98 14.49
C ALA D 291 -16.46 -14.14 15.88
N ASN D 292 -17.70 -14.62 15.93
CA ASN D 292 -18.47 -14.86 17.19
C ASN D 292 -17.72 -15.86 18.08
N GLN D 293 -17.24 -16.97 17.51
CA GLN D 293 -16.53 -18.08 18.23
C GLN D 293 -15.22 -17.55 18.84
N ALA D 294 -14.59 -16.58 18.18
CA ALA D 294 -13.33 -15.91 18.61
C ALA D 294 -13.61 -14.80 19.62
N GLY D 295 -14.89 -14.47 19.85
CA GLY D 295 -15.33 -13.46 20.84
C GLY D 295 -15.26 -12.05 20.27
N LEU D 296 -15.55 -11.91 18.97
CA LEU D 296 -15.68 -10.60 18.26
C LEU D 296 -17.13 -10.43 17.80
N VAL D 297 -17.57 -9.17 17.65
CA VAL D 297 -18.97 -8.80 17.33
C VAL D 297 -18.97 -8.00 16.02
N VAL D 298 -19.87 -8.34 15.09
CA VAL D 298 -20.09 -7.62 13.80
C VAL D 298 -20.75 -6.28 14.14
N GLN D 299 -20.06 -5.17 13.88
CA GLN D 299 -20.56 -3.79 14.10
C GLN D 299 -21.10 -3.21 12.80
N GLU D 300 -20.57 -3.64 11.65
CA GLU D 300 -20.96 -3.09 10.32
C GLU D 300 -20.62 -4.11 9.21
N THR D 301 -21.52 -4.26 8.24
CA THR D 301 -21.33 -5.12 7.03
C THR D 301 -21.62 -4.31 5.76
N LYS D 302 -20.73 -4.35 4.78
CA LYS D 302 -20.96 -3.79 3.43
C LYS D 302 -20.51 -4.82 2.39
N VAL D 303 -21.06 -4.73 1.17
CA VAL D 303 -20.56 -5.48 0.00
C VAL D 303 -19.86 -4.49 -0.93
N ILE D 304 -18.65 -4.82 -1.38
CA ILE D 304 -17.91 -4.11 -2.45
C ILE D 304 -18.02 -4.96 -3.72
N ASP D 305 -18.44 -4.36 -4.84
CA ASP D 305 -18.55 -5.07 -6.14
C ASP D 305 -17.28 -4.79 -6.94
N GLN D 306 -16.39 -5.78 -6.99
CA GLN D 306 -15.19 -5.79 -7.89
C GLN D 306 -15.61 -6.48 -9.20
N SER D 307 -14.85 -6.26 -10.27
CA SER D 307 -15.28 -6.69 -11.62
C SER D 307 -15.54 -8.21 -11.61
N TYR D 308 -14.73 -8.97 -10.87
CA TYR D 308 -14.60 -10.44 -11.00
C TYR D 308 -15.27 -11.16 -9.84
N SER D 309 -15.57 -10.49 -8.72
CA SER D 309 -16.22 -11.11 -7.53
C SER D 309 -16.82 -10.03 -6.63
N PRO D 310 -17.90 -10.35 -5.90
CA PRO D 310 -18.29 -9.53 -4.74
C PRO D 310 -17.20 -9.69 -3.68
N TYR D 311 -17.07 -8.67 -2.84
CA TYR D 311 -16.22 -8.65 -1.62
C TYR D 311 -17.09 -8.33 -0.42
N SER D 312 -16.83 -9.01 0.70
N SER D 312 -16.80 -8.98 0.71
CA SER D 312 -17.44 -8.70 2.03
CA SER D 312 -17.41 -8.71 2.03
C SER D 312 -16.52 -7.73 2.78
C SER D 312 -16.51 -7.73 2.79
N PHE D 313 -17.08 -6.63 3.29
CA PHE D 313 -16.45 -5.68 4.23
C PHE D 313 -17.14 -5.86 5.59
N ILE D 314 -16.44 -6.41 6.58
CA ILE D 314 -16.99 -6.70 7.93
C ILE D 314 -16.13 -5.98 8.97
N LYS D 315 -16.72 -5.03 9.71
CA LYS D 315 -16.05 -4.32 10.83
C LYS D 315 -16.35 -5.04 12.15
N LEU D 316 -15.30 -5.53 12.82
CA LEU D 316 -15.39 -6.34 14.06
C LEU D 316 -14.81 -5.55 15.25
N GLN D 317 -15.38 -5.75 16.43
CA GLN D 317 -14.89 -5.18 17.71
C GLN D 317 -15.05 -6.27 18.77
N ILE D 318 -14.35 -6.15 19.90
CA ILE D 318 -14.36 -7.16 21.00
C ILE D 318 -15.73 -7.13 21.69
N LYS D 319 -16.18 -8.30 22.17
CA LYS D 319 -17.50 -8.52 22.82
C LYS D 319 -17.58 -7.67 24.09
#